data_9KCE
#
_entry.id   9KCE
#
_cell.length_a   74.740
_cell.length_b   142.850
_cell.length_c   139.420
_cell.angle_alpha   90.000
_cell.angle_beta   105.390
_cell.angle_gamma   90.000
#
_symmetry.space_group_name_H-M   'P 1 21 1'
#
loop_
_entity.id
_entity.type
_entity.pdbx_description
1 polymer 'Endonuclease MutS2'
2 non-polymer 'PHOSPHOAMINOPHOSPHONIC ACID-ADENYLATE ESTER'
3 non-polymer 'MAGNESIUM ION'
4 non-polymer 'SULFATE ION'
5 non-polymer GLYCEROL
6 water water
#
_entity_poly.entity_id   1
_entity_poly.type   'polypeptide(L)'
_entity_poly.pdbx_seq_one_letter_code
;MDYLESLDFPKVVEIVKKYALSDLGRKHLDTLKPTVNPWDELELVEELLNYFNRWGEPPIKGLNDISQEVEKVKSGSPLE
PWELLRVSVFLEGCDILKKEFEKREYSRLKETFSRLSSFREFVEEVNRCIEQDGEISDRASPRLREIRTEKKRLSSEIKR
KADDFVRTHSQILQEQMYVYRDGRYLFPVKASMKNAVRGIVHHLSSSGATVFLEPDEFVELNNRVRLLEEEERLEISRIL
RQLTNILLSRLNDLERNVELIARFDSLYARVKFAREFNGTVVKPSSRIRLVNARHPLIPKERVVPINLELPPNKRGFIIT
GPNMGGKTVTVKTVGLFTALMMSGFPLPCDEGTELKVFPKIMADIGEEQSIEQSLSTFSSHMKKIVEIVKNADSDSLVIL
DELGSGTDPVEGAALAIAIIEDLLEKGATIFVTTHLTPVKVFAMNHPLLLNASMEFDPETLSPTYRVLVGVPGGSHAFQI
AEKLGLDKRIIENARSR
;
_entity_poly.pdbx_strand_id   B,C,A,D
#
loop_
_chem_comp.id
_chem_comp.type
_chem_comp.name
_chem_comp.formula
ANP non-polymer 'PHOSPHOAMINOPHOSPHONIC ACID-ADENYLATE ESTER' 'C10 H17 N6 O12 P3'
GOL non-polymer GLYCEROL 'C3 H8 O3'
MG non-polymer 'MAGNESIUM ION' 'Mg 2'
SO4 non-polymer 'SULFATE ION' 'O4 S -2'
#
# COMPACT_ATOMS: atom_id res chain seq x y z
N MET A 1 18.06 18.84 36.42
CA MET A 1 19.22 18.36 35.68
C MET A 1 19.82 17.13 36.35
N ASP A 2 20.33 16.19 35.56
CA ASP A 2 21.01 15.03 36.11
C ASP A 2 22.47 15.38 36.35
N TYR A 3 23.25 14.38 36.78
CA TYR A 3 24.62 14.63 37.19
C TYR A 3 25.49 15.03 36.00
N LEU A 4 25.35 14.34 34.88
CA LEU A 4 26.16 14.67 33.70
C LEU A 4 25.79 16.04 33.14
N GLU A 5 24.50 16.42 33.22
CA GLU A 5 24.10 17.73 32.72
C GLU A 5 24.64 18.86 33.58
N SER A 6 24.70 18.64 34.90
CA SER A 6 25.26 19.67 35.79
C SER A 6 26.74 19.90 35.56
N LEU A 7 27.44 18.95 34.94
CA LEU A 7 28.87 19.07 34.66
C LEU A 7 29.14 19.47 33.22
N ASP A 8 28.12 19.90 32.48
CA ASP A 8 28.24 20.32 31.09
C ASP A 8 28.78 19.23 30.18
N PHE A 9 28.64 17.97 30.61
CA PHE A 9 29.14 16.83 29.84
C PHE A 9 28.59 16.81 28.42
N PRO A 10 27.26 16.85 28.19
CA PRO A 10 26.79 16.80 26.79
C PRO A 10 27.22 18.00 25.97
N LYS A 11 27.40 19.16 26.59
CA LYS A 11 27.89 20.32 25.87
C LYS A 11 29.31 20.07 25.35
N VAL A 12 30.13 19.38 26.14
CA VAL A 12 31.49 19.06 25.69
C VAL A 12 31.47 18.00 24.61
N VAL A 13 30.62 16.98 24.77
CA VAL A 13 30.49 15.96 23.74
C VAL A 13 30.03 16.58 22.43
N GLU A 14 29.24 17.65 22.50
CA GLU A 14 28.86 18.37 21.28
C GLU A 14 30.07 18.97 20.58
N ILE A 15 31.11 19.36 21.33
CA ILE A 15 32.31 19.91 20.71
C ILE A 15 33.01 18.85 19.88
N VAL A 16 33.14 17.64 20.41
CA VAL A 16 33.85 16.58 19.69
C VAL A 16 33.04 16.13 18.48
N LYS A 17 31.71 16.16 18.57
CA LYS A 17 30.88 15.72 17.45
C LYS A 17 31.11 16.53 16.19
N LYS A 18 31.60 17.77 16.32
CA LYS A 18 31.88 18.59 15.15
C LYS A 18 33.01 18.03 14.31
N TYR A 19 33.80 17.10 14.85
CA TYR A 19 34.94 16.54 14.14
C TYR A 19 34.62 15.20 13.48
N ALA A 20 33.38 14.72 13.56
CA ALA A 20 33.04 13.41 13.02
C ALA A 20 32.96 13.44 11.49
N LEU A 21 33.30 12.32 10.87
CA LEU A 21 33.22 12.23 9.42
C LEU A 21 31.78 12.22 8.92
N SER A 22 30.84 11.80 9.76
CA SER A 22 29.44 11.68 9.35
C SER A 22 28.59 11.46 10.60
N ASP A 23 27.29 11.24 10.39
CA ASP A 23 26.40 10.93 11.50
C ASP A 23 26.64 9.53 12.06
N LEU A 24 27.44 8.71 11.38
CA LEU A 24 27.86 7.44 11.96
C LEU A 24 28.62 7.65 13.26
N GLY A 25 29.57 8.59 13.25
CA GLY A 25 30.33 8.88 14.46
C GLY A 25 29.62 9.79 15.43
N ARG A 26 28.82 10.73 14.92
CA ARG A 26 28.04 11.58 15.81
C ARG A 26 27.09 10.77 16.67
N LYS A 27 26.43 9.77 16.07
CA LYS A 27 25.51 8.93 16.84
C LYS A 27 26.26 8.05 17.83
N HIS A 28 27.45 7.59 17.47
CA HIS A 28 28.21 6.74 18.39
C HIS A 28 28.79 7.54 19.54
N LEU A 29 29.21 8.79 19.29
CA LEU A 29 29.71 9.63 20.36
C LEU A 29 28.65 9.93 21.41
N ASP A 30 27.38 9.82 21.04
CA ASP A 30 26.30 10.04 22.00
C ASP A 30 26.10 8.87 22.94
N THR A 31 26.70 7.72 22.66
CA THR A 31 26.57 6.55 23.52
C THR A 31 27.69 6.41 24.55
N LEU A 32 28.76 7.18 24.41
CA LEU A 32 29.89 7.07 25.34
C LEU A 32 29.53 7.71 26.68
N LYS A 33 29.47 6.89 27.72
CA LYS A 33 29.09 7.30 29.06
C LYS A 33 30.06 6.73 30.08
N PRO A 34 30.17 7.35 31.26
CA PRO A 34 31.11 6.85 32.27
C PRO A 34 30.97 5.37 32.60
N THR A 35 32.01 4.60 32.31
CA THR A 35 32.05 3.18 32.63
C THR A 35 33.21 2.91 33.58
N VAL A 36 33.10 1.79 34.30
CA VAL A 36 34.09 1.48 35.32
C VAL A 36 35.39 0.93 34.70
N ASN A 37 35.29 0.31 33.52
CA ASN A 37 36.47 -0.20 32.81
C ASN A 37 36.58 0.52 31.47
N PRO A 38 37.19 1.71 31.44
CA PRO A 38 37.34 2.43 30.18
C PRO A 38 38.69 2.23 29.51
N TRP A 39 39.44 1.22 29.97
CA TRP A 39 40.83 1.07 29.54
C TRP A 39 40.94 0.89 28.04
N ASP A 40 40.17 -0.03 27.47
CA ASP A 40 40.28 -0.31 26.04
C ASP A 40 39.88 0.90 25.20
N GLU A 41 38.81 1.59 25.59
CA GLU A 41 38.40 2.80 24.89
C GLU A 41 39.52 3.84 24.88
N LEU A 42 40.20 4.01 26.02
CA LEU A 42 41.26 5.01 26.10
C LEU A 42 42.52 4.58 25.37
N GLU A 43 42.84 3.28 25.36
CA GLU A 43 44.02 2.82 24.63
C GLU A 43 43.84 2.98 23.13
N LEU A 44 42.63 2.79 22.63
CA LEU A 44 42.37 2.96 21.21
C LEU A 44 42.53 4.43 20.79
N VAL A 45 42.05 5.36 21.62
CA VAL A 45 42.27 6.77 21.35
C VAL A 45 43.76 7.09 21.34
N GLU A 46 44.50 6.55 22.31
CA GLU A 46 45.93 6.81 22.38
C GLU A 46 46.66 6.27 21.15
N GLU A 47 46.32 5.05 20.73
CA GLU A 47 46.97 4.46 19.57
C GLU A 47 46.68 5.28 18.31
N LEU A 48 45.41 5.69 18.13
CA LEU A 48 45.08 6.53 16.98
C LEU A 48 45.73 7.90 17.08
N LEU A 49 45.87 8.43 18.30
CA LEU A 49 46.64 9.66 18.47
C LEU A 49 48.09 9.47 18.05
N ASN A 50 48.66 8.30 18.36
CA ASN A 50 50.02 8.00 17.90
C ASN A 50 50.06 7.92 16.39
N TYR A 51 49.06 7.28 15.76
CA TYR A 51 49.04 7.16 14.31
C TYR A 51 49.00 8.53 13.64
N PHE A 52 48.23 9.47 14.21
CA PHE A 52 48.10 10.79 13.60
C PHE A 52 49.45 11.50 13.54
N ASN A 53 50.16 11.56 14.67
CA ASN A 53 51.45 12.23 14.69
C ASN A 53 52.49 11.46 13.87
N ARG A 54 52.31 10.15 13.73
CA ARG A 54 53.28 9.34 12.99
C ARG A 54 53.02 9.43 11.48
N TRP A 55 51.84 9.03 11.04
CA TRP A 55 51.54 8.87 9.62
C TRP A 55 50.52 9.87 9.09
N GLY A 56 50.04 10.79 9.92
CA GLY A 56 49.04 11.75 9.47
C GLY A 56 47.62 11.20 9.58
N GLU A 57 46.74 11.75 8.77
CA GLU A 57 45.34 11.34 8.80
C GLU A 57 45.19 9.96 8.18
N PRO A 58 44.35 9.11 8.76
CA PRO A 58 44.15 7.75 8.22
C PRO A 58 43.39 7.79 6.91
N PRO A 59 43.25 6.71 6.09
CA PRO A 59 42.42 6.77 4.87
C PRO A 59 40.93 6.94 5.19
N ILE A 60 40.27 7.98 4.67
CA ILE A 60 38.85 8.24 5.12
C ILE A 60 37.84 8.34 3.97
N LYS A 61 38.25 8.33 2.71
CA LYS A 61 37.29 8.52 1.59
C LYS A 61 36.23 7.42 1.51
N GLY A 62 34.95 7.80 1.53
CA GLY A 62 33.87 6.81 1.35
C GLY A 62 33.16 6.47 2.64
N LEU A 63 33.68 6.92 3.76
CA LEU A 63 33.09 6.50 5.07
C LEU A 63 31.95 7.45 5.43
N ASN A 64 30.89 7.45 4.63
CA ASN A 64 29.71 8.27 4.88
C ASN A 64 28.65 7.45 5.59
N ASP A 65 27.59 8.12 6.02
CA ASP A 65 26.47 7.46 6.71
C ASP A 65 25.63 6.73 5.67
N ILE A 66 25.85 5.41 5.54
CA ILE A 66 25.09 4.59 4.62
C ILE A 66 24.08 3.76 5.40
N SER A 67 23.66 4.26 6.57
CA SER A 67 22.74 3.51 7.42
C SER A 67 21.41 3.26 6.71
N GLN A 68 20.90 4.26 5.97
CA GLN A 68 19.63 4.11 5.30
C GLN A 68 19.68 3.05 4.21
N GLU A 69 20.81 2.96 3.51
CA GLU A 69 20.96 1.91 2.51
C GLU A 69 20.99 0.53 3.16
N VAL A 70 21.60 0.43 4.34
CA VAL A 70 21.64 -0.85 5.04
C VAL A 70 20.24 -1.26 5.50
N GLU A 71 19.43 -0.28 5.92
CA GLU A 71 18.07 -0.61 6.36
C GLU A 71 17.21 -1.05 5.18
N LYS A 72 17.40 -0.43 4.01
CA LYS A 72 16.59 -0.80 2.85
C LYS A 72 16.83 -2.26 2.49
N VAL A 73 18.08 -2.72 2.61
CA VAL A 73 18.37 -4.14 2.48
C VAL A 73 17.63 -4.94 3.54
N LYS A 74 17.57 -4.42 4.77
CA LYS A 74 16.89 -5.13 5.85
C LYS A 74 15.43 -5.39 5.50
N SER A 75 14.77 -4.40 4.89
CA SER A 75 13.37 -4.53 4.49
C SER A 75 13.20 -5.36 3.22
N GLY A 76 14.23 -6.06 2.76
CA GLY A 76 14.17 -6.84 1.54
C GLY A 76 14.09 -6.05 0.26
N SER A 77 13.94 -4.73 0.32
CA SER A 77 13.79 -3.94 -0.88
C SER A 77 15.11 -3.88 -1.65
N PRO A 78 15.05 -3.82 -2.98
CA PRO A 78 16.27 -3.63 -3.77
C PRO A 78 16.67 -2.16 -3.81
N LEU A 79 17.96 -1.93 -3.99
CA LEU A 79 18.52 -0.59 -3.94
C LEU A 79 18.74 -0.02 -5.34
N GLU A 80 18.58 1.29 -5.45
CA GLU A 80 18.76 2.00 -6.71
C GLU A 80 20.25 2.02 -7.09
N PRO A 81 20.57 2.36 -8.35
CA PRO A 81 21.99 2.41 -8.74
C PRO A 81 22.83 3.36 -7.91
N TRP A 82 22.32 4.53 -7.55
CA TRP A 82 23.11 5.46 -6.75
C TRP A 82 23.32 4.92 -5.33
N GLU A 83 22.32 4.23 -4.78
CA GLU A 83 22.50 3.56 -3.51
C GLU A 83 23.53 2.44 -3.61
N LEU A 84 23.57 1.75 -4.76
CA LEU A 84 24.59 0.74 -4.98
C LEU A 84 25.99 1.36 -4.97
N LEU A 85 26.12 2.55 -5.55
CA LEU A 85 27.42 3.21 -5.62
C LEU A 85 27.84 3.78 -4.28
N ARG A 86 26.88 4.27 -3.49
CA ARG A 86 27.20 4.76 -2.14
C ARG A 86 27.71 3.63 -1.26
N VAL A 87 27.02 2.49 -1.28
CA VAL A 87 27.46 1.35 -0.49
C VAL A 87 28.77 0.80 -1.01
N SER A 88 28.93 0.75 -2.34
CA SER A 88 30.17 0.25 -2.92
C SER A 88 31.36 1.13 -2.55
N VAL A 89 31.14 2.42 -2.35
CA VAL A 89 32.26 3.29 -1.98
C VAL A 89 32.51 3.24 -0.48
N PHE A 90 31.48 2.92 0.33
CA PHE A 90 31.68 2.71 1.76
C PHE A 90 32.49 1.44 2.01
N LEU A 91 32.08 0.34 1.38
CA LEU A 91 32.79 -0.92 1.58
C LEU A 91 34.22 -0.85 1.07
N GLU A 92 34.46 -0.10 -0.01
CA GLU A 92 35.83 0.10 -0.45
C GLU A 92 36.63 0.95 0.52
N GLY A 93 35.98 1.93 1.16
CA GLY A 93 36.62 2.67 2.23
C GLY A 93 36.93 1.82 3.44
N CYS A 94 36.20 0.73 3.64
CA CYS A 94 36.50 -0.20 4.73
C CYS A 94 37.73 -1.05 4.41
N ASP A 95 37.86 -1.49 3.15
CA ASP A 95 38.99 -2.33 2.76
C ASP A 95 40.29 -1.54 2.76
N ILE A 96 40.25 -0.25 2.45
CA ILE A 96 41.46 0.55 2.50
C ILE A 96 41.82 0.92 3.93
N LEU A 97 40.83 1.00 4.82
CA LEU A 97 41.11 1.29 6.22
C LEU A 97 41.68 0.08 6.92
N LYS A 98 41.16 -1.12 6.62
CA LYS A 98 41.71 -2.34 7.19
C LYS A 98 43.15 -2.54 6.78
N LYS A 99 43.43 -2.51 5.47
CA LYS A 99 44.76 -2.80 4.98
C LYS A 99 45.80 -1.80 5.50
N GLU A 100 45.36 -0.58 5.85
CA GLU A 100 46.31 0.41 6.36
C GLU A 100 46.71 0.11 7.80
N PHE A 101 45.77 -0.39 8.61
CA PHE A 101 46.08 -0.69 10.00
C PHE A 101 46.86 -1.99 10.14
N GLU A 102 46.66 -2.95 9.24
CA GLU A 102 47.35 -4.22 9.33
C GLU A 102 48.85 -4.10 9.04
N LYS A 103 49.27 -3.06 8.33
CA LYS A 103 50.68 -2.82 8.07
C LYS A 103 51.32 -1.89 9.09
N ARG A 104 50.64 -1.63 10.21
CA ARG A 104 51.15 -0.77 11.27
C ARG A 104 51.41 -1.61 12.52
N GLU A 105 51.79 -0.92 13.60
CA GLU A 105 52.24 -1.56 14.83
C GLU A 105 51.28 -1.30 15.99
N TYR A 106 50.06 -0.89 15.63
CA TYR A 106 49.03 -0.56 16.64
C TYR A 106 48.15 -1.77 16.78
N SER A 107 48.37 -2.51 17.86
CA SER A 107 47.62 -3.77 18.06
C SER A 107 46.12 -3.52 18.10
N ARG A 108 45.65 -2.81 19.12
CA ARG A 108 44.19 -2.65 19.32
C ARG A 108 43.52 -2.04 18.08
N LEU A 109 44.23 -1.23 17.31
CA LEU A 109 43.64 -0.72 16.05
C LEU A 109 43.46 -1.88 15.07
N LYS A 110 44.55 -2.49 14.59
CA LYS A 110 44.47 -3.65 13.68
C LYS A 110 43.47 -4.68 14.18
N GLU A 111 43.68 -5.18 15.39
CA GLU A 111 42.79 -6.24 15.90
C GLU A 111 41.33 -5.81 15.78
N THR A 112 41.01 -4.59 16.21
CA THR A 112 39.59 -4.17 16.24
C THR A 112 39.07 -4.01 14.82
N PHE A 113 39.87 -3.39 13.95
CA PHE A 113 39.41 -3.12 12.57
C PHE A 113 39.82 -4.30 11.67
N SER A 114 40.17 -5.44 12.27
CA SER A 114 40.43 -6.65 11.47
C SER A 114 39.07 -7.29 11.23
N ARG A 115 38.22 -7.29 12.25
CA ARG A 115 36.86 -7.77 12.02
C ARG A 115 36.18 -7.06 10.86
N LEU A 116 36.82 -6.07 10.25
CA LEU A 116 36.32 -5.47 9.02
C LEU A 116 36.35 -6.50 7.91
N SER A 117 35.19 -6.86 7.38
CA SER A 117 35.09 -7.77 6.26
C SER A 117 34.91 -6.96 4.98
N SER A 118 35.76 -7.21 3.98
CA SER A 118 35.76 -6.47 2.74
C SER A 118 34.92 -7.19 1.69
N PHE A 119 34.14 -6.42 0.93
CA PHE A 119 33.26 -6.97 -0.10
C PHE A 119 33.87 -6.75 -1.49
N ARG A 120 35.03 -7.35 -1.70
CA ARG A 120 35.76 -7.13 -2.95
C ARG A 120 34.94 -7.55 -4.16
N GLU A 121 34.12 -8.60 -4.03
CA GLU A 121 33.30 -9.03 -5.16
C GLU A 121 32.17 -8.05 -5.44
N PHE A 122 31.53 -7.55 -4.39
CA PHE A 122 30.45 -6.58 -4.58
C PHE A 122 30.97 -5.30 -5.24
N VAL A 123 32.14 -4.84 -4.82
CA VAL A 123 32.73 -3.63 -5.42
C VAL A 123 32.99 -3.86 -6.90
N GLU A 124 33.51 -5.03 -7.26
CA GLU A 124 33.80 -5.31 -8.66
C GLU A 124 32.52 -5.54 -9.46
N GLU A 125 31.49 -6.12 -8.85
CA GLU A 125 30.24 -6.36 -9.56
C GLU A 125 29.43 -5.08 -9.73
N VAL A 126 29.58 -4.12 -8.82
CA VAL A 126 28.91 -2.84 -8.98
C VAL A 126 29.65 -1.97 -9.99
N ASN A 127 30.98 -1.99 -9.94
CA ASN A 127 31.77 -1.21 -10.89
C ASN A 127 31.68 -1.74 -12.31
N ARG A 128 31.23 -2.99 -12.47
CA ARG A 128 31.09 -3.57 -13.80
C ARG A 128 29.69 -3.38 -14.36
N CYS A 129 28.67 -3.50 -13.51
CA CYS A 129 27.28 -3.39 -13.96
C CYS A 129 26.76 -1.96 -13.95
N ILE A 130 27.07 -1.20 -12.89
CA ILE A 130 26.62 0.18 -12.76
C ILE A 130 27.72 1.11 -13.23
N GLU A 131 27.34 2.13 -13.99
CA GLU A 131 28.28 3.14 -14.43
C GLU A 131 28.31 4.31 -13.45
N GLN A 132 29.37 5.12 -13.54
CA GLN A 132 29.58 6.19 -12.57
C GLN A 132 28.40 7.14 -12.51
N ASP A 133 27.81 7.47 -13.66
CA ASP A 133 26.70 8.40 -13.71
C ASP A 133 25.39 7.80 -13.18
N GLY A 134 25.36 6.52 -12.89
CA GLY A 134 24.15 5.86 -12.44
C GLY A 134 23.44 5.02 -13.48
N GLU A 135 24.02 4.87 -14.67
CA GLU A 135 23.41 4.05 -15.72
C GLU A 135 23.87 2.61 -15.61
N ILE A 136 23.18 1.73 -16.31
CA ILE A 136 23.47 0.30 -16.33
C ILE A 136 24.32 0.00 -17.55
N SER A 137 25.55 -0.47 -17.33
CA SER A 137 26.41 -0.85 -18.43
C SER A 137 25.86 -2.08 -19.15
N ASP A 138 26.44 -2.37 -20.31
CA ASP A 138 26.02 -3.50 -21.11
C ASP A 138 26.69 -4.80 -20.69
N ARG A 139 27.84 -4.73 -20.03
CA ARG A 139 28.48 -5.90 -19.45
C ARG A 139 27.71 -6.43 -18.25
N ALA A 140 26.68 -5.72 -17.79
CA ALA A 140 25.92 -6.15 -16.62
C ALA A 140 25.39 -7.57 -16.79
N SER A 141 24.86 -7.89 -17.97
CA SER A 141 24.41 -9.24 -18.28
C SER A 141 24.42 -9.41 -19.79
N PRO A 142 24.57 -10.63 -20.29
CA PRO A 142 24.55 -10.82 -21.76
C PRO A 142 23.18 -10.53 -22.36
N ARG A 143 22.10 -10.76 -21.62
CA ARG A 143 20.77 -10.45 -22.12
C ARG A 143 20.53 -8.94 -22.22
N LEU A 144 21.13 -8.17 -21.32
CA LEU A 144 20.86 -6.73 -21.27
C LEU A 144 21.21 -6.06 -22.60
N ARG A 145 22.42 -6.30 -23.11
CA ARG A 145 22.83 -5.63 -24.34
C ARG A 145 22.33 -6.34 -25.59
N GLU A 146 21.89 -7.60 -25.48
CA GLU A 146 21.18 -8.21 -26.60
C GLU A 146 19.84 -7.53 -26.81
N ILE A 147 19.19 -7.11 -25.71
CA ILE A 147 17.97 -6.32 -25.81
C ILE A 147 18.28 -4.94 -26.38
N ARG A 148 19.34 -4.31 -25.88
CA ARG A 148 19.68 -2.97 -26.34
C ARG A 148 20.20 -2.98 -27.78
N THR A 149 20.83 -4.08 -28.19
CA THR A 149 21.24 -4.19 -29.59
C THR A 149 20.03 -4.36 -30.50
N GLU A 150 19.02 -5.11 -30.04
CA GLU A 150 17.81 -5.29 -30.82
C GLU A 150 16.90 -4.08 -30.75
N LYS A 151 16.86 -3.39 -29.61
CA LYS A 151 16.09 -2.16 -29.52
C LYS A 151 16.69 -1.08 -30.40
N LYS A 152 18.02 -0.93 -30.38
CA LYS A 152 18.67 0.07 -31.23
C LYS A 152 18.52 -0.28 -32.70
N ARG A 153 18.62 -1.56 -33.05
CA ARG A 153 18.48 -1.96 -34.44
C ARG A 153 17.04 -1.81 -34.92
N LEU A 154 16.07 -2.05 -34.04
CA LEU A 154 14.67 -1.86 -34.44
C LEU A 154 14.32 -0.39 -34.56
N SER A 155 14.77 0.43 -33.60
CA SER A 155 14.43 1.85 -33.62
C SER A 155 14.86 2.52 -34.92
N SER A 156 16.06 2.19 -35.40
CA SER A 156 16.52 2.72 -36.69
C SER A 156 15.69 2.18 -37.84
N GLU A 157 15.02 1.05 -37.67
CA GLU A 157 14.28 0.40 -38.75
C GLU A 157 12.86 0.96 -38.92
N ILE A 158 12.15 1.19 -37.82
CA ILE A 158 10.81 1.76 -37.92
C ILE A 158 10.88 3.19 -38.49
N LYS A 159 11.90 3.95 -38.08
CA LYS A 159 12.04 5.30 -38.60
C LYS A 159 12.30 5.30 -40.10
N ARG A 160 13.18 4.40 -40.56
CA ARG A 160 13.40 4.27 -41.99
C ARG A 160 12.12 3.87 -42.71
N LYS A 161 11.33 2.97 -42.11
CA LYS A 161 10.08 2.55 -42.73
C LYS A 161 9.02 3.63 -42.65
N ALA A 162 9.06 4.48 -41.62
CA ALA A 162 8.13 5.60 -41.54
C ALA A 162 8.38 6.59 -42.66
N ASP A 163 9.65 6.93 -42.91
CA ASP A 163 9.97 7.82 -44.02
C ASP A 163 9.55 7.22 -45.35
N ASP A 164 9.72 5.90 -45.51
CA ASP A 164 9.32 5.25 -46.76
C ASP A 164 7.81 5.28 -46.93
N PHE A 165 7.06 5.13 -45.82
CA PHE A 165 5.60 5.14 -45.92
C PHE A 165 5.10 6.52 -46.32
N VAL A 166 5.72 7.58 -45.81
CA VAL A 166 5.30 8.94 -46.16
C VAL A 166 5.54 9.20 -47.64
N ARG A 167 6.69 8.80 -48.16
CA ARG A 167 7.04 9.09 -49.55
C ARG A 167 6.32 8.18 -50.54
N THR A 168 5.84 7.01 -50.10
CA THR A 168 5.21 6.06 -51.00
C THR A 168 3.69 6.01 -50.86
N HIS A 169 3.10 6.86 -50.03
CA HIS A 169 1.66 6.88 -49.83
C HIS A 169 1.14 8.31 -49.79
N SER A 170 1.74 9.19 -50.60
CA SER A 170 1.36 10.59 -50.57
C SER A 170 -0.09 10.80 -51.02
N GLN A 171 -0.59 9.93 -51.89
CA GLN A 171 -1.93 10.13 -52.46
C GLN A 171 -3.01 10.03 -51.39
N ILE A 172 -2.81 9.21 -50.36
CA ILE A 172 -3.80 9.05 -49.31
C ILE A 172 -3.48 9.86 -48.06
N LEU A 173 -2.36 10.58 -48.07
CA LEU A 173 -1.94 11.34 -46.87
C LEU A 173 -2.40 12.79 -46.99
N GLN A 174 -3.10 13.31 -45.98
CA GLN A 174 -3.51 14.73 -45.97
C GLN A 174 -2.26 15.59 -46.15
N GLU A 175 -1.30 15.47 -45.23
CA GLU A 175 -0.02 16.21 -45.41
C GLU A 175 1.12 15.18 -45.34
N GLN A 176 2.27 15.53 -45.91
CA GLN A 176 3.41 14.58 -45.97
C GLN A 176 4.18 14.58 -44.64
N MET A 177 3.66 13.88 -43.63
CA MET A 177 4.34 13.93 -42.32
C MET A 177 3.99 12.71 -41.50
N TYR A 178 4.72 12.50 -40.40
CA TYR A 178 4.37 11.39 -39.48
C TYR A 178 4.29 11.98 -38.08
N VAL A 179 3.50 11.34 -37.22
CA VAL A 179 3.32 11.80 -35.86
C VAL A 179 3.78 10.70 -34.91
N TYR A 180 4.54 11.07 -33.90
CA TYR A 180 4.99 10.16 -32.85
C TYR A 180 4.28 10.55 -31.55
N ARG A 181 3.51 9.61 -31.00
CA ARG A 181 2.79 9.86 -29.74
C ARG A 181 2.68 8.56 -28.97
N ASP A 182 3.09 8.60 -27.70
CA ASP A 182 3.00 7.45 -26.80
C ASP A 182 3.75 6.24 -27.36
N GLY A 183 4.87 6.51 -28.02
CA GLY A 183 5.68 5.43 -28.58
C GLY A 183 5.11 4.78 -29.82
N ARG A 184 4.23 5.46 -30.55
CA ARG A 184 3.62 4.92 -31.75
C ARG A 184 3.75 5.90 -32.91
N TYR A 185 4.11 5.38 -34.08
CA TYR A 185 4.13 6.19 -35.29
C TYR A 185 2.73 6.31 -35.86
N LEU A 186 2.30 7.54 -36.10
CA LEU A 186 0.95 7.83 -36.58
C LEU A 186 1.02 8.61 -37.88
N PHE A 187 0.03 8.41 -38.74
CA PHE A 187 0.04 9.00 -40.07
C PHE A 187 -1.28 9.72 -40.37
N PRO A 188 -1.21 10.90 -41.00
CA PRO A 188 -2.44 11.64 -41.32
C PRO A 188 -3.09 11.18 -42.61
N VAL A 189 -3.93 10.16 -42.50
CA VAL A 189 -4.58 9.60 -43.71
C VAL A 189 -5.91 10.33 -43.94
N LYS A 190 -6.23 10.62 -45.21
CA LYS A 190 -7.49 11.31 -45.55
C LYS A 190 -8.67 10.33 -45.50
N ALA A 191 -9.88 10.80 -45.84
CA ALA A 191 -11.08 9.94 -45.88
C ALA A 191 -10.80 8.64 -46.64
N SER A 192 -9.83 8.63 -47.55
CA SER A 192 -9.44 7.41 -48.29
C SER A 192 -8.80 6.40 -47.34
N MET A 193 -9.47 6.09 -46.23
CA MET A 193 -8.96 5.13 -45.22
C MET A 193 -8.95 3.73 -45.83
N VAL A 197 -5.76 1.45 -46.76
CA VAL A 197 -4.70 1.16 -45.76
C VAL A 197 -5.35 0.64 -44.48
N ARG A 198 -5.01 -0.58 -44.08
CA ARG A 198 -5.67 -1.21 -42.90
C ARG A 198 -4.79 -1.04 -41.66
N GLY A 199 -5.40 -0.82 -40.50
CA GLY A 199 -4.65 -0.65 -39.25
C GLY A 199 -5.50 -0.10 -38.13
N ILE A 200 -4.90 0.69 -37.25
CA ILE A 200 -5.65 1.22 -36.07
C ILE A 200 -5.70 2.74 -36.17
N VAL A 201 -6.89 3.32 -35.98
CA VAL A 201 -7.04 4.80 -36.02
C VAL A 201 -7.01 5.30 -34.57
N HIS A 202 -6.06 6.19 -34.27
CA HIS A 202 -5.92 6.72 -32.89
C HIS A 202 -6.57 8.09 -32.87
N HIS A 203 -7.90 8.14 -32.96
CA HIS A 203 -8.65 9.42 -32.99
C HIS A 203 -8.46 10.13 -34.33
N THR A 210 -8.83 14.28 -42.00
CA THR A 210 -7.60 13.55 -41.70
C THR A 210 -7.79 12.66 -40.47
N VAL A 211 -7.46 11.37 -40.64
CA VAL A 211 -7.58 10.38 -39.58
C VAL A 211 -6.17 9.93 -39.21
N PHE A 212 -5.80 10.09 -37.94
CA PHE A 212 -4.50 9.64 -37.46
C PHE A 212 -4.48 8.12 -37.40
N LEU A 213 -3.79 7.49 -38.34
CA LEU A 213 -3.85 6.05 -38.55
C LEU A 213 -2.50 5.40 -38.29
N GLU A 214 -2.54 4.19 -37.74
CA GLU A 214 -1.36 3.36 -37.56
C GLU A 214 -1.48 2.13 -38.45
N PRO A 215 -0.73 2.04 -39.55
CA PRO A 215 -0.87 0.90 -40.45
C PRO A 215 -0.52 -0.42 -39.76
N ASP A 216 -1.09 -1.51 -40.27
CA ASP A 216 -0.90 -2.81 -39.64
C ASP A 216 0.58 -3.21 -39.59
N GLU A 217 1.36 -2.82 -40.59
CA GLU A 217 2.79 -3.09 -40.55
C GLU A 217 3.44 -2.42 -39.34
N PHE A 218 3.02 -1.20 -39.02
CA PHE A 218 3.61 -0.46 -37.91
C PHE A 218 3.02 -0.86 -36.57
N VAL A 219 1.84 -1.47 -36.55
CA VAL A 219 1.27 -1.93 -35.29
C VAL A 219 2.13 -3.02 -34.68
N GLU A 220 2.44 -4.06 -35.48
CA GLU A 220 3.29 -5.14 -34.97
C GLU A 220 4.72 -4.66 -34.73
N LEU A 221 5.18 -3.66 -35.48
CA LEU A 221 6.53 -3.13 -35.28
C LEU A 221 6.58 -2.24 -34.05
N ASN A 222 5.64 -1.31 -33.91
CA ASN A 222 5.59 -0.48 -32.71
C ASN A 222 5.33 -1.31 -31.47
N ASN A 223 4.56 -2.40 -31.60
CA ASN A 223 4.40 -3.32 -30.48
C ASN A 223 5.76 -3.85 -30.03
N ARG A 224 6.48 -4.50 -30.96
CA ARG A 224 7.81 -5.02 -30.65
C ARG A 224 8.69 -4.00 -29.94
N VAL A 225 8.53 -2.72 -30.25
CA VAL A 225 9.27 -1.67 -29.55
C VAL A 225 8.85 -1.65 -28.08
N ARG A 226 7.54 -1.71 -27.82
CA ARG A 226 7.06 -1.68 -26.44
C ARG A 226 7.46 -2.94 -25.69
N LEU A 227 7.46 -4.09 -26.36
CA LEU A 227 7.87 -5.33 -25.69
C LEU A 227 9.33 -5.28 -25.28
N LEU A 228 10.20 -4.80 -26.17
CA LEU A 228 11.62 -4.77 -25.86
C LEU A 228 11.94 -3.74 -24.77
N GLU A 229 11.18 -2.65 -24.70
CA GLU A 229 11.44 -1.65 -23.66
C GLU A 229 11.00 -2.15 -22.29
N GLU A 230 9.86 -2.85 -22.23
CA GLU A 230 9.44 -3.44 -20.97
C GLU A 230 10.30 -4.64 -20.59
N GLU A 231 10.92 -5.30 -21.56
CA GLU A 231 11.84 -6.39 -21.25
C GLU A 231 13.15 -5.86 -20.67
N GLU A 232 13.58 -4.67 -21.11
CA GLU A 232 14.77 -4.05 -20.53
C GLU A 232 14.53 -3.68 -19.07
N ARG A 233 13.38 -3.08 -18.78
CA ARG A 233 13.04 -2.75 -17.39
C ARG A 233 12.98 -4.01 -16.53
N LEU A 234 12.54 -5.13 -17.09
CA LEU A 234 12.49 -6.37 -16.33
C LEU A 234 13.88 -6.89 -16.02
N GLU A 235 14.83 -6.69 -16.93
CA GLU A 235 16.17 -7.23 -16.72
C GLU A 235 17.01 -6.37 -15.79
N ILE A 236 16.83 -5.05 -15.82
CA ILE A 236 17.59 -4.20 -14.91
C ILE A 236 17.19 -4.48 -13.46
N SER A 237 15.90 -4.74 -13.22
CA SER A 237 15.47 -5.09 -11.86
C SER A 237 15.99 -6.46 -11.46
N ARG A 238 16.10 -7.38 -12.41
CA ARG A 238 16.73 -8.66 -12.12
C ARG A 238 18.18 -8.46 -11.69
N ILE A 239 18.86 -7.47 -12.26
CA ILE A 239 20.24 -7.21 -11.89
C ILE A 239 20.32 -6.43 -10.58
N LEU A 240 19.46 -5.41 -10.42
CA LEU A 240 19.45 -4.64 -9.17
C LEU A 240 19.15 -5.52 -7.98
N ARG A 241 18.33 -6.57 -8.16
CA ARG A 241 18.08 -7.52 -7.09
C ARG A 241 19.27 -8.45 -6.88
N GLN A 242 19.86 -8.95 -7.97
CA GLN A 242 21.06 -9.79 -7.84
C GLN A 242 22.21 -9.01 -7.23
N LEU A 243 22.23 -7.69 -7.42
CA LEU A 243 23.27 -6.86 -6.82
C LEU A 243 23.02 -6.67 -5.33
N THR A 244 21.78 -6.36 -4.95
CA THR A 244 21.46 -6.20 -3.53
C THR A 244 21.71 -7.49 -2.78
N ASN A 245 21.34 -8.63 -3.36
CA ASN A 245 21.49 -9.90 -2.67
C ASN A 245 22.93 -10.27 -2.37
N ILE A 246 23.90 -9.68 -3.09
CA ILE A 246 25.30 -9.91 -2.77
C ILE A 246 25.61 -9.47 -1.34
N LEU A 247 25.04 -8.34 -0.93
CA LEU A 247 25.22 -7.88 0.45
C LEU A 247 24.40 -8.69 1.45
N LEU A 248 23.19 -9.14 1.04
CA LEU A 248 22.33 -9.86 1.97
C LEU A 248 22.94 -11.18 2.39
N SER A 249 23.69 -11.84 1.50
CA SER A 249 24.39 -13.05 1.88
C SER A 249 25.47 -12.80 2.94
N ARG A 250 25.89 -11.54 3.11
CA ARG A 250 26.83 -11.14 4.14
C ARG A 250 26.28 -9.96 4.93
N LEU A 251 24.97 -9.97 5.19
CA LEU A 251 24.35 -8.84 5.87
C LEU A 251 24.91 -8.65 7.28
N ASN A 252 25.14 -9.74 8.00
CA ASN A 252 25.80 -9.64 9.30
C ASN A 252 27.18 -9.02 9.14
N ASP A 253 27.90 -9.39 8.09
CA ASP A 253 29.17 -8.73 7.79
C ASP A 253 28.97 -7.27 7.45
N LEU A 254 27.83 -6.92 6.86
CA LEU A 254 27.57 -5.53 6.47
C LEU A 254 27.24 -4.67 7.67
N GLU A 255 26.31 -5.13 8.52
CA GLU A 255 25.95 -4.36 9.71
C GLU A 255 27.12 -4.24 10.67
N ARG A 256 27.95 -5.27 10.76
CA ARG A 256 29.17 -5.16 11.55
C ARG A 256 30.13 -4.14 10.95
N ASN A 257 30.14 -4.02 9.63
CA ASN A 257 31.01 -3.04 8.97
C ASN A 257 30.53 -1.62 9.23
N VAL A 258 29.22 -1.41 9.38
CA VAL A 258 28.75 -0.05 9.62
C VAL A 258 29.04 0.35 11.06
N GLU A 259 28.99 -0.59 12.01
CA GLU A 259 29.31 -0.25 13.38
C GLU A 259 30.81 -0.01 13.55
N LEU A 260 31.63 -0.86 12.93
CA LEU A 260 33.08 -0.71 13.05
C LEU A 260 33.53 0.65 12.51
N ILE A 261 32.88 1.14 11.46
CA ILE A 261 33.22 2.47 10.95
C ILE A 261 32.68 3.56 11.87
N ALA A 262 31.52 3.32 12.50
CA ALA A 262 31.02 4.27 13.49
C ALA A 262 31.95 4.36 14.69
N ARG A 263 32.48 3.21 15.13
CA ARG A 263 33.45 3.23 16.22
C ARG A 263 34.73 3.93 15.79
N PHE A 264 35.17 3.72 14.55
CA PHE A 264 36.34 4.43 14.05
C PHE A 264 36.07 5.93 13.99
N ASP A 265 34.88 6.32 13.53
CA ASP A 265 34.56 7.74 13.39
C ASP A 265 34.55 8.44 14.73
N SER A 266 34.07 7.76 15.79
CA SER A 266 34.13 8.35 17.12
C SER A 266 35.57 8.49 17.61
N LEU A 267 36.42 7.52 17.28
CA LEU A 267 37.84 7.65 17.58
C LEU A 267 38.45 8.79 16.79
N TYR A 268 38.17 8.85 15.48
CA TYR A 268 38.68 9.92 14.64
C TYR A 268 38.30 11.29 15.19
N ALA A 269 37.07 11.43 15.67
CA ALA A 269 36.62 12.72 16.20
C ALA A 269 37.35 13.07 17.49
N ARG A 270 37.54 12.10 18.38
CA ARG A 270 38.21 12.36 19.64
C ARG A 270 39.68 12.72 19.42
N VAL A 271 40.33 12.08 18.45
CA VAL A 271 41.73 12.40 18.16
C VAL A 271 41.84 13.80 17.57
N LYS A 272 40.93 14.16 16.66
CA LYS A 272 40.94 15.51 16.10
C LYS A 272 40.64 16.56 17.17
N PHE A 273 39.87 16.18 18.18
CA PHE A 273 39.56 17.11 19.27
C PHE A 273 40.75 17.30 20.18
N ALA A 274 41.41 16.20 20.56
CA ALA A 274 42.62 16.30 21.37
C ALA A 274 43.73 17.01 20.60
N ARG A 275 43.87 16.70 19.31
CA ARG A 275 44.88 17.35 18.48
C ARG A 275 44.65 18.85 18.40
N GLU A 276 43.41 19.29 18.53
CA GLU A 276 43.08 20.71 18.41
C GLU A 276 43.08 21.44 19.74
N PHE A 277 42.89 20.72 20.85
CA PHE A 277 42.87 21.32 22.18
C PHE A 277 44.11 20.97 22.99
N ASN A 278 45.13 20.40 22.35
CA ASN A 278 46.30 19.87 23.04
C ASN A 278 45.88 18.89 24.14
N GLY A 279 45.29 17.78 23.68
CA GLY A 279 44.71 16.81 24.58
C GLY A 279 45.67 15.71 25.01
N THR A 280 45.35 15.11 26.15
CA THR A 280 46.15 14.05 26.75
C THR A 280 45.22 12.91 27.15
N VAL A 281 45.60 11.68 26.81
CA VAL A 281 44.82 10.51 27.17
C VAL A 281 45.17 10.16 28.61
N VAL A 282 44.32 10.55 29.55
CA VAL A 282 44.51 10.23 30.95
C VAL A 282 43.84 8.89 31.24
N LYS A 283 44.56 8.01 31.91
CA LYS A 283 44.06 6.69 32.26
C LYS A 283 43.79 6.59 33.75
N PRO A 284 42.95 5.66 34.19
CA PRO A 284 42.60 5.58 35.61
C PRO A 284 43.83 5.40 36.50
N SER A 285 43.82 6.10 37.63
CA SER A 285 44.91 6.03 38.60
C SER A 285 44.29 5.94 39.99
N SER A 286 45.12 6.13 41.02
CA SER A 286 44.66 6.09 42.40
C SER A 286 44.45 7.47 43.00
N ARG A 287 44.84 8.53 42.30
CA ARG A 287 44.81 9.88 42.84
C ARG A 287 44.05 10.81 41.90
N ILE A 288 43.74 12.01 42.41
CA ILE A 288 43.17 13.08 41.61
C ILE A 288 44.17 14.22 41.59
N ARG A 289 44.68 14.54 40.39
CA ARG A 289 45.60 15.64 40.23
C ARG A 289 45.41 16.25 38.85
N LEU A 290 45.00 17.51 38.81
CA LEU A 290 44.87 18.25 37.55
C LEU A 290 46.13 19.06 37.35
N VAL A 291 46.81 18.81 36.23
CA VAL A 291 48.03 19.52 35.87
C VAL A 291 47.69 20.36 34.64
N ASN A 292 47.43 21.64 34.87
CA ASN A 292 47.10 22.59 33.81
C ASN A 292 45.87 22.14 33.02
N ALA A 293 44.78 21.92 33.75
CA ALA A 293 43.51 21.57 33.13
C ALA A 293 42.84 22.82 32.57
N ARG A 294 42.37 22.73 31.33
CA ARG A 294 41.69 23.84 30.65
C ARG A 294 40.28 23.39 30.31
N HIS A 295 39.29 24.01 30.95
CA HIS A 295 37.90 23.67 30.68
C HIS A 295 37.57 23.95 29.22
N PRO A 296 37.11 22.96 28.45
CA PRO A 296 36.94 23.17 27.01
C PRO A 296 35.86 24.16 26.63
N LEU A 297 34.94 24.50 27.55
CA LEU A 297 33.90 25.47 27.25
C LEU A 297 34.36 26.91 27.40
N ILE A 298 35.60 27.15 27.83
CA ILE A 298 36.14 28.49 27.99
C ILE A 298 36.97 28.82 26.76
N PRO A 299 36.77 29.99 26.13
CA PRO A 299 37.54 30.32 24.93
C PRO A 299 39.04 30.22 25.15
N LYS A 300 39.75 29.81 24.08
CA LYS A 300 41.16 29.47 24.22
C LYS A 300 42.02 30.66 24.62
N GLU A 301 41.69 31.86 24.15
CA GLU A 301 42.44 33.05 24.47
C GLU A 301 41.96 33.72 25.76
N ARG A 302 41.27 32.96 26.61
CA ARG A 302 40.73 33.47 27.86
C ARG A 302 40.88 32.50 29.02
N VAL A 303 41.04 31.21 28.77
CA VAL A 303 41.17 30.24 29.85
C VAL A 303 42.53 30.37 30.50
N VAL A 304 42.58 30.15 31.82
CA VAL A 304 43.81 30.00 32.58
C VAL A 304 43.88 28.56 33.06
N PRO A 305 44.98 27.84 32.82
CA PRO A 305 45.04 26.44 33.25
C PRO A 305 44.96 26.28 34.76
N ILE A 306 44.34 25.20 35.19
CA ILE A 306 44.05 24.93 36.61
C ILE A 306 44.98 23.82 37.10
N ASN A 307 45.55 24.02 38.29
CA ASN A 307 46.34 23.00 38.96
C ASN A 307 45.71 22.69 40.31
N LEU A 308 45.53 21.40 40.60
CA LEU A 308 44.82 20.97 41.80
C LEU A 308 45.17 19.52 42.06
N GLU A 309 45.28 19.16 43.33
CA GLU A 309 45.61 17.79 43.71
C GLU A 309 45.00 17.47 45.07
N LEU A 310 44.29 16.35 45.15
CA LEU A 310 43.74 15.88 46.41
C LEU A 310 44.75 14.96 47.08
N PRO A 311 45.27 15.31 48.26
CA PRO A 311 46.26 14.44 48.91
C PRO A 311 45.64 13.11 49.27
N PRO A 312 46.46 12.06 49.36
CA PRO A 312 45.90 10.71 49.56
C PRO A 312 45.22 10.51 50.92
N ASN A 313 45.59 11.27 51.93
CA ASN A 313 44.92 11.18 53.23
C ASN A 313 43.72 12.12 53.34
N LYS A 314 43.35 12.78 52.24
CA LYS A 314 42.26 13.73 52.23
C LYS A 314 41.16 13.23 51.29
N ARG A 315 39.91 13.44 51.70
CA ARG A 315 38.76 13.02 50.92
C ARG A 315 37.75 14.15 50.69
N GLY A 316 38.10 15.38 51.06
CA GLY A 316 37.19 16.49 50.88
C GLY A 316 37.90 17.79 50.53
N PHE A 317 37.51 18.39 49.42
CA PHE A 317 38.10 19.63 48.92
C PHE A 317 37.08 20.75 49.08
N ILE A 318 37.39 21.71 49.94
CA ILE A 318 36.49 22.81 50.25
C ILE A 318 37.06 24.06 49.60
N ILE A 319 36.43 24.54 48.54
CA ILE A 319 36.92 25.66 47.76
C ILE A 319 36.13 26.91 48.13
N THR A 320 36.84 27.96 48.52
CA THR A 320 36.27 29.26 48.80
C THR A 320 36.96 30.31 47.93
N GLY A 321 36.55 31.57 48.09
CA GLY A 321 37.16 32.65 47.35
C GLY A 321 36.16 33.59 46.73
N PRO A 322 36.65 34.46 45.85
CA PRO A 322 35.84 35.60 45.39
C PRO A 322 34.68 35.17 44.52
N ASN A 323 33.62 35.97 44.57
CA ASN A 323 32.56 35.85 43.58
C ASN A 323 33.15 36.01 42.19
N MET A 324 32.71 35.17 41.26
CA MET A 324 33.26 35.11 39.90
C MET A 324 34.72 34.65 39.89
N GLY A 325 35.18 34.04 40.97
CA GLY A 325 36.55 33.60 41.08
C GLY A 325 36.87 32.22 40.56
N GLY A 326 35.87 31.45 40.14
CA GLY A 326 36.10 30.12 39.63
C GLY A 326 35.93 28.98 40.61
N LYS A 327 35.23 29.20 41.72
CA LYS A 327 34.97 28.10 42.65
C LYS A 327 34.16 27.00 41.97
N THR A 328 33.09 27.38 41.26
CA THR A 328 32.21 26.40 40.64
C THR A 328 32.89 25.70 39.46
N VAL A 329 33.47 26.49 38.55
CA VAL A 329 34.06 25.93 37.34
C VAL A 329 35.20 24.98 37.70
N THR A 330 35.98 25.32 38.73
CA THR A 330 37.06 24.45 39.17
C THR A 330 36.51 23.12 39.67
N VAL A 331 35.61 23.17 40.65
CA VAL A 331 35.02 21.94 41.17
C VAL A 331 34.25 21.20 40.08
N LYS A 332 33.66 21.95 39.14
CA LYS A 332 33.05 21.32 37.97
C LYS A 332 34.09 20.58 37.13
N THR A 333 35.28 21.16 36.99
CA THR A 333 36.31 20.56 36.14
C THR A 333 36.71 19.18 36.66
N VAL A 334 36.79 19.02 37.98
CA VAL A 334 37.14 17.72 38.56
C VAL A 334 36.07 16.69 38.19
N GLY A 335 34.80 17.06 38.27
CA GLY A 335 33.74 16.12 37.95
C GLY A 335 33.64 15.86 36.46
N LEU A 336 33.77 16.89 35.63
CA LEU A 336 33.65 16.72 34.19
C LEU A 336 34.82 15.91 33.63
N PHE A 337 36.04 16.23 34.04
CA PHE A 337 37.21 15.52 33.53
C PHE A 337 37.22 14.06 33.98
N THR A 338 36.60 13.77 35.13
CA THR A 338 36.45 12.38 35.56
C THR A 338 35.46 11.65 34.67
N ALA A 339 34.30 12.27 34.43
CA ALA A 339 33.28 11.65 33.59
C ALA A 339 33.77 11.46 32.17
N LEU A 340 34.46 12.46 31.61
CA LEU A 340 34.98 12.33 30.26
C LEU A 340 36.00 11.20 30.16
N MET A 341 36.87 11.08 31.17
CA MET A 341 37.87 10.02 31.16
C MET A 341 37.21 8.64 31.18
N MET A 342 36.19 8.47 32.02
CA MET A 342 35.50 7.18 32.08
C MET A 342 34.67 6.89 30.85
N SER A 343 34.49 7.87 29.96
CA SER A 343 33.74 7.66 28.73
C SER A 343 34.63 7.38 27.53
N GLY A 344 35.94 7.44 27.69
CA GLY A 344 36.86 7.21 26.59
C GLY A 344 37.36 8.44 25.88
N PHE A 345 37.25 9.61 26.48
CA PHE A 345 37.67 10.85 25.86
C PHE A 345 39.04 11.28 26.37
N PRO A 346 39.84 11.92 25.53
CA PRO A 346 41.05 12.60 26.00
C PRO A 346 40.67 13.90 26.70
N LEU A 347 41.67 14.57 27.28
CA LEU A 347 41.38 15.74 28.11
C LEU A 347 42.31 16.90 27.82
N PRO A 348 41.78 18.12 27.79
CA PRO A 348 42.66 19.31 27.68
C PRO A 348 43.40 19.57 28.98
N CYS A 349 44.52 18.89 29.15
CA CYS A 349 45.35 19.02 30.34
C CYS A 349 46.76 18.59 29.97
N ASP A 350 47.65 18.61 30.95
CA ASP A 350 49.05 18.28 30.72
C ASP A 350 49.36 16.85 31.12
N GLU A 351 50.36 16.27 30.46
CA GLU A 351 50.93 14.99 30.83
C GLU A 351 51.39 15.01 32.28
N GLY A 352 50.72 14.23 33.12
CA GLY A 352 50.96 14.25 34.55
C GLY A 352 49.64 14.28 35.30
N THR A 353 48.58 14.67 34.60
CA THR A 353 47.25 14.67 35.19
C THR A 353 46.82 13.25 35.55
N GLU A 354 46.24 13.09 36.74
CA GLU A 354 45.80 11.80 37.24
C GLU A 354 44.33 11.90 37.64
N LEU A 355 43.53 10.93 37.20
CA LEU A 355 42.14 10.85 37.59
C LEU A 355 41.82 9.44 38.07
N LYS A 356 40.76 9.34 38.86
CA LYS A 356 40.37 8.12 39.54
C LYS A 356 38.96 7.72 39.12
N VAL A 357 38.75 6.43 38.93
CA VAL A 357 37.44 5.92 38.51
C VAL A 357 36.49 5.94 39.71
N PHE A 358 35.31 6.50 39.51
CA PHE A 358 34.25 6.52 40.52
C PHE A 358 32.99 5.95 39.91
N PRO A 359 32.56 4.75 40.31
CA PRO A 359 31.31 4.19 39.74
C PRO A 359 30.10 5.07 39.96
N LYS A 360 30.12 5.96 40.96
CA LYS A 360 29.01 6.86 41.23
C LYS A 360 29.52 8.30 41.22
N ILE A 361 29.00 9.10 40.31
CA ILE A 361 29.35 10.51 40.18
C ILE A 361 28.09 11.32 40.42
N MET A 362 28.09 12.11 41.50
CA MET A 362 26.95 12.93 41.87
C MET A 362 27.36 14.40 41.92
N ALA A 363 26.45 15.28 41.50
CA ALA A 363 26.70 16.72 41.47
C ALA A 363 25.44 17.45 41.93
N ASP A 364 25.64 18.71 42.35
CA ASP A 364 24.56 19.53 42.87
C ASP A 364 24.40 20.87 42.16
N ILE A 365 25.38 21.29 41.37
CA ILE A 365 25.39 22.59 40.69
C ILE A 365 24.02 23.01 40.15
N GLU A 368 20.43 25.57 40.75
CA GLU A 368 19.16 25.83 41.40
C GLU A 368 18.02 25.99 40.37
N GLN A 369 16.95 25.23 40.58
CA GLN A 369 15.76 25.31 39.74
C GLN A 369 14.63 26.00 40.51
N SER A 370 13.81 26.74 39.77
CA SER A 370 12.68 27.48 40.34
C SER A 370 11.44 27.17 39.50
N ILE A 371 10.61 26.26 40.00
CA ILE A 371 9.36 25.89 39.32
C ILE A 371 8.24 25.84 40.35
N GLU A 372 7.04 26.23 39.91
CA GLU A 372 5.89 26.39 40.79
C GLU A 372 5.30 25.07 41.26
N GLN A 373 5.89 23.94 40.90
CA GLN A 373 5.51 22.65 41.46
C GLN A 373 6.46 22.24 42.57
N SER A 374 6.60 23.15 43.54
CA SER A 374 7.26 22.95 44.83
C SER A 374 8.78 22.97 44.74
N LEU A 375 9.34 23.67 43.77
CA LEU A 375 10.79 23.82 43.65
C LEU A 375 11.16 25.27 43.96
N SER A 376 11.79 25.49 45.11
CA SER A 376 12.32 26.78 45.49
C SER A 376 13.85 26.74 45.41
N THR A 377 14.49 27.85 45.80
CA THR A 377 15.94 27.88 45.86
C THR A 377 16.46 26.80 46.81
N PHE A 378 15.92 26.77 48.02
CA PHE A 378 16.33 25.77 49.01
C PHE A 378 15.89 24.37 48.59
N SER A 379 14.70 24.26 48.00
CA SER A 379 14.15 22.94 47.68
C SER A 379 14.95 22.26 46.58
N SER A 380 15.24 22.97 45.48
CA SER A 380 15.94 22.35 44.37
C SER A 380 17.29 21.78 44.81
N HIS A 381 18.01 22.51 45.66
CA HIS A 381 19.26 22.00 46.21
C HIS A 381 19.00 20.82 47.14
N MET A 382 18.17 21.01 48.16
CA MET A 382 18.01 20.00 49.20
C MET A 382 17.34 18.74 48.66
N LYS A 383 16.46 18.87 47.66
CA LYS A 383 15.89 17.67 47.03
C LYS A 383 16.98 16.82 46.41
N LYS A 384 18.00 17.45 45.83
CA LYS A 384 19.13 16.72 45.27
C LYS A 384 20.01 16.14 46.37
N ILE A 385 20.20 16.89 47.45
CA ILE A 385 21.09 16.43 48.53
C ILE A 385 20.55 15.14 49.14
N VAL A 386 19.24 15.10 49.41
CA VAL A 386 18.64 13.89 49.98
C VAL A 386 18.85 12.70 49.05
N GLU A 387 18.83 12.94 47.74
CA GLU A 387 19.12 11.86 46.80
C GLU A 387 20.57 11.43 46.89
N ILE A 388 21.49 12.39 47.03
CA ILE A 388 22.91 12.06 47.08
C ILE A 388 23.26 11.35 48.38
N VAL A 389 22.73 11.84 49.49
CA VAL A 389 22.99 11.20 50.78
C VAL A 389 22.44 9.78 50.80
N LYS A 390 21.30 9.58 50.14
CA LYS A 390 20.68 8.27 50.11
C LYS A 390 21.56 7.24 49.41
N ASN A 391 22.33 7.64 48.40
CA ASN A 391 23.06 6.71 47.56
C ASN A 391 24.58 6.88 47.61
N ALA A 392 25.11 7.78 48.43
CA ALA A 392 26.55 7.93 48.53
C ALA A 392 27.16 6.76 49.29
N ASP A 393 28.29 6.26 48.79
CA ASP A 393 29.01 5.17 49.45
C ASP A 393 30.51 5.40 49.25
N SER A 394 31.29 4.32 49.34
CA SER A 394 32.74 4.43 49.41
C SER A 394 33.38 4.76 48.08
N ASP A 395 32.70 4.51 46.96
CA ASP A 395 33.26 4.89 45.67
C ASP A 395 32.38 5.93 44.97
N SER A 396 32.01 6.97 45.71
CA SER A 396 31.18 8.05 45.19
C SER A 396 32.01 9.34 45.13
N LEU A 397 32.04 9.97 43.96
CA LEU A 397 32.61 11.29 43.79
C LEU A 397 31.46 12.30 43.77
N VAL A 398 31.46 13.20 44.73
CA VAL A 398 30.30 14.05 45.02
C VAL A 398 30.72 15.51 44.91
N ILE A 399 30.03 16.28 44.09
CA ILE A 399 30.35 17.68 43.82
C ILE A 399 29.18 18.53 44.32
N LEU A 400 29.46 19.42 45.26
CA LEU A 400 28.42 20.20 45.94
C LEU A 400 28.70 21.70 45.76
N ASP A 401 27.95 22.35 44.88
CA ASP A 401 28.13 23.77 44.64
C ASP A 401 27.30 24.59 45.62
N GLU A 402 27.92 25.63 46.19
CA GLU A 402 27.22 26.61 47.03
C GLU A 402 26.47 25.94 48.17
N LEU A 403 27.13 25.00 48.83
CA LEU A 403 26.50 24.25 49.90
C LEU A 403 26.13 25.17 51.06
N GLY A 404 24.88 25.08 51.50
CA GLY A 404 24.40 25.88 52.61
C GLY A 404 23.69 27.15 52.23
N SER A 405 23.60 27.47 50.94
CA SER A 405 22.89 28.66 50.50
C SER A 405 21.39 28.42 50.49
N GLY A 406 20.63 29.51 50.40
CA GLY A 406 19.19 29.44 50.31
C GLY A 406 18.45 29.47 51.63
N THR A 407 19.15 29.59 52.75
CA THR A 407 18.55 29.68 54.07
C THR A 407 19.24 30.79 54.84
N ASP A 408 18.88 30.91 56.12
CA ASP A 408 19.65 31.79 56.97
C ASP A 408 21.08 31.25 57.09
N PRO A 409 22.07 32.12 57.22
CA PRO A 409 23.45 31.66 57.33
C PRO A 409 23.68 30.66 58.46
N VAL A 410 22.99 30.82 59.59
CA VAL A 410 23.30 30.01 60.76
C VAL A 410 22.87 28.56 60.54
N GLU A 411 21.59 28.34 60.24
CA GLU A 411 21.11 26.96 60.08
C GLU A 411 21.69 26.32 58.82
N GLY A 412 21.91 27.10 57.77
CA GLY A 412 22.52 26.54 56.57
C GLY A 412 23.94 26.04 56.81
N ALA A 413 24.68 26.74 57.67
CA ALA A 413 26.01 26.28 58.02
C ALA A 413 25.97 24.98 58.81
N ALA A 414 25.05 24.88 59.76
CA ALA A 414 24.92 23.65 60.54
C ALA A 414 24.42 22.50 59.67
N LEU A 415 23.62 22.81 58.64
CA LEU A 415 23.18 21.76 57.72
C LEU A 415 24.28 21.35 56.77
N ALA A 416 25.13 22.30 56.34
CA ALA A 416 26.22 21.96 55.44
C ALA A 416 27.26 21.10 56.13
N ILE A 417 27.57 21.40 57.40
CA ILE A 417 28.56 20.62 58.14
C ILE A 417 28.06 19.21 58.37
N ALA A 418 26.78 19.07 58.74
CA ALA A 418 26.24 17.74 59.01
C ALA A 418 26.19 16.88 57.76
N ILE A 419 25.99 17.50 56.59
CA ILE A 419 25.93 16.73 55.35
C ILE A 419 27.32 16.29 54.93
N ILE A 420 28.29 17.19 54.99
CA ILE A 420 29.66 16.85 54.60
C ILE A 420 30.18 15.69 55.44
N GLU A 421 29.96 15.76 56.76
CA GLU A 421 30.47 14.73 57.64
C GLU A 421 29.63 13.45 57.56
N ASP A 422 28.35 13.56 57.21
CA ASP A 422 27.58 12.35 56.93
C ASP A 422 28.08 11.68 55.65
N LEU A 423 28.49 12.47 54.66
CA LEU A 423 29.00 11.90 53.42
C LEU A 423 30.45 11.45 53.55
N LEU A 424 31.27 12.20 54.30
CA LEU A 424 32.63 11.74 54.58
C LEU A 424 32.60 10.40 55.30
N GLU A 425 31.66 10.23 56.22
CA GLU A 425 31.55 8.97 56.95
C GLU A 425 31.19 7.81 56.02
N LYS A 426 30.42 8.08 54.97
CA LYS A 426 30.09 7.03 54.00
C LYS A 426 31.27 6.65 53.12
N GLY A 427 32.36 7.42 53.13
CA GLY A 427 33.51 7.13 52.30
C GLY A 427 33.54 7.86 50.98
N ALA A 428 32.77 8.92 50.82
CA ALA A 428 32.69 9.63 49.54
C ALA A 428 33.82 10.65 49.42
N THR A 429 34.31 10.81 48.19
CA THR A 429 35.22 11.90 47.85
C THR A 429 34.38 13.10 47.43
N ILE A 430 34.67 14.26 48.00
CA ILE A 430 33.75 15.39 47.96
C ILE A 430 34.49 16.66 47.58
N PHE A 431 33.94 17.40 46.62
CA PHE A 431 34.43 18.72 46.22
C PHE A 431 33.28 19.71 46.38
N VAL A 432 33.47 20.73 47.22
CA VAL A 432 32.41 21.69 47.48
C VAL A 432 32.91 23.12 47.29
N THR A 433 31.94 24.00 47.06
CA THR A 433 32.13 25.45 47.11
C THR A 433 31.22 26.01 48.18
N THR A 434 31.71 27.00 48.92
CA THR A 434 30.94 27.57 50.01
C THR A 434 31.47 28.97 50.30
N HIS A 435 30.62 29.75 50.98
CA HIS A 435 31.01 31.08 51.43
C HIS A 435 30.48 31.35 52.83
N LEU A 436 30.32 30.29 53.63
CA LEU A 436 29.88 30.40 55.02
C LEU A 436 31.07 30.09 55.92
N THR A 437 31.36 31.02 56.83
CA THR A 437 32.53 30.90 57.70
C THR A 437 32.56 29.59 58.49
N PRO A 438 31.48 29.15 59.14
CA PRO A 438 31.59 27.90 59.93
C PRO A 438 31.99 26.69 59.10
N VAL A 439 31.60 26.64 57.82
CA VAL A 439 32.05 25.54 56.96
C VAL A 439 33.55 25.66 56.71
N LYS A 440 34.05 26.89 56.57
CA LYS A 440 35.48 27.11 56.36
C LYS A 440 36.28 26.59 57.55
N VAL A 441 35.86 26.95 58.76
CA VAL A 441 36.58 26.55 59.96
C VAL A 441 36.54 25.04 60.13
N PHE A 442 35.40 24.42 59.82
CA PHE A 442 35.27 22.97 59.90
C PHE A 442 36.28 22.27 58.99
N ALA A 443 36.63 22.90 57.86
CA ALA A 443 37.52 22.25 56.90
C ALA A 443 38.97 22.23 57.36
N MET A 444 39.39 23.22 58.16
CA MET A 444 40.77 23.26 58.63
C MET A 444 40.99 22.45 59.89
N ASN A 445 39.93 22.14 60.65
CA ASN A 445 40.04 21.35 61.86
C ASN A 445 39.77 19.86 61.64
N HIS A 446 39.22 19.48 60.49
CA HIS A 446 38.92 18.07 60.29
C HIS A 446 40.02 17.40 59.49
N PRO A 447 40.45 16.20 59.91
CA PRO A 447 41.61 15.57 59.28
C PRO A 447 41.36 15.14 57.84
N LEU A 448 40.11 14.87 57.46
CA LEU A 448 39.82 14.43 56.10
C LEU A 448 39.57 15.59 55.14
N LEU A 449 39.48 16.82 55.63
CA LEU A 449 39.14 17.97 54.81
C LEU A 449 40.38 18.78 54.47
N LEU A 450 40.37 19.37 53.29
CA LEU A 450 41.39 20.31 52.83
C LEU A 450 40.71 21.58 52.36
N ASN A 451 41.27 22.72 52.75
CA ASN A 451 40.74 24.03 52.39
C ASN A 451 41.53 24.57 51.20
N ALA A 452 40.82 25.04 50.18
CA ALA A 452 41.44 25.67 49.02
C ALA A 452 40.70 26.97 48.71
N SER A 453 41.31 27.78 47.86
CA SER A 453 40.74 29.07 47.53
C SER A 453 41.29 29.53 46.18
N MET A 454 40.50 30.33 45.47
CA MET A 454 40.94 30.94 44.23
C MET A 454 41.57 32.29 44.52
N GLU A 455 42.66 32.59 43.79
CA GLU A 455 43.45 33.77 44.08
C GLU A 455 42.73 35.03 43.59
N PHE A 456 42.97 36.13 44.31
CA PHE A 456 42.43 37.43 43.96
C PHE A 456 43.56 38.45 43.91
N ASP A 457 43.55 39.27 42.87
CA ASP A 457 44.53 40.35 42.73
C ASP A 457 43.97 41.59 43.43
N PRO A 458 44.58 42.07 44.51
CA PRO A 458 44.06 43.29 45.16
C PRO A 458 44.22 44.53 44.31
N GLU A 459 45.36 44.67 43.62
CA GLU A 459 45.61 45.87 42.83
C GLU A 459 44.60 45.99 41.68
N THR A 460 44.54 44.96 40.82
CA THR A 460 43.61 45.00 39.70
C THR A 460 42.17 44.78 40.13
N LEU A 461 41.93 44.37 41.38
CA LEU A 461 40.59 44.10 41.89
C LEU A 461 39.85 43.11 40.98
N SER A 462 40.55 42.04 40.61
CA SER A 462 40.02 41.02 39.71
C SER A 462 40.53 39.64 40.12
N PRO A 463 39.70 38.61 39.98
CA PRO A 463 40.17 37.25 40.25
C PRO A 463 41.19 36.80 39.22
N THR A 464 42.01 35.82 39.62
CA THR A 464 43.05 35.28 38.77
C THR A 464 42.85 33.83 38.38
N TYR A 465 41.91 33.12 39.00
CA TYR A 465 41.58 31.73 38.64
C TYR A 465 42.74 30.78 38.88
N ARG A 466 43.55 31.05 39.90
CA ARG A 466 44.62 30.16 40.32
C ARG A 466 44.25 29.57 41.68
N VAL A 467 44.36 28.25 41.80
CA VAL A 467 43.94 27.55 43.01
C VAL A 467 45.07 27.61 44.03
N LEU A 468 44.79 28.22 45.18
CA LEU A 468 45.72 28.27 46.29
C LEU A 468 45.28 27.23 47.32
N VAL A 469 46.10 26.20 47.51
CA VAL A 469 45.75 25.06 48.33
C VAL A 469 46.30 25.25 49.74
N GLY A 470 45.47 24.92 50.74
CA GLY A 470 45.84 24.99 52.13
C GLY A 470 45.20 26.13 52.90
N VAL A 471 44.78 27.18 52.22
CA VAL A 471 44.25 28.37 52.90
C VAL A 471 42.81 28.62 52.48
N PRO A 472 41.95 29.05 53.38
CA PRO A 472 40.59 29.47 53.00
C PRO A 472 40.61 30.84 52.35
N GLY A 473 39.48 31.24 51.77
CA GLY A 473 39.43 32.53 51.05
C GLY A 473 38.18 33.35 51.32
N GLY A 474 38.00 34.45 50.58
CA GLY A 474 36.88 35.36 50.83
C GLY A 474 36.14 35.80 49.58
N SER A 475 34.88 36.22 49.71
CA SER A 475 34.04 36.55 48.53
C SER A 475 34.40 37.87 47.85
N HIS A 476 34.83 38.89 48.59
CA HIS A 476 35.22 40.22 48.01
C HIS A 476 34.04 40.83 47.25
N ALA A 477 32.83 40.67 47.79
CA ALA A 477 31.61 41.14 47.11
C ALA A 477 31.72 42.61 46.73
N PHE A 478 32.18 43.44 47.66
CA PHE A 478 32.23 44.88 47.40
C PHE A 478 33.07 45.19 46.18
N GLN A 479 34.25 44.56 46.07
CA GLN A 479 35.12 44.83 44.94
C GLN A 479 34.56 44.25 43.64
N ILE A 480 33.99 43.05 43.71
CA ILE A 480 33.46 42.43 42.49
C ILE A 480 32.20 43.12 42.04
N ALA A 481 31.36 43.57 42.98
CA ALA A 481 30.20 44.38 42.59
C ALA A 481 30.62 45.68 41.95
N GLU A 482 31.75 46.24 42.38
CA GLU A 482 32.28 47.44 41.74
C GLU A 482 32.74 47.13 40.31
N LYS A 483 33.44 46.01 40.12
CA LYS A 483 33.90 45.64 38.79
C LYS A 483 32.75 45.37 37.83
N LEU A 484 31.58 44.99 38.35
CA LEU A 484 30.41 44.76 37.52
C LEU A 484 29.56 46.01 37.34
N GLY A 485 29.97 47.16 37.87
CA GLY A 485 29.25 48.41 37.58
C GLY A 485 28.44 49.02 38.70
N LEU A 486 28.24 48.34 39.82
CA LEU A 486 27.36 48.93 40.86
C LEU A 486 27.98 50.27 41.29
N ASP A 487 27.18 51.34 41.36
CA ASP A 487 27.70 52.69 41.64
C ASP A 487 28.55 52.72 42.91
N LYS A 488 29.57 53.58 42.91
CA LYS A 488 30.49 53.67 44.07
C LYS A 488 29.74 54.13 45.31
N ARG A 489 28.70 54.94 45.14
CA ARG A 489 27.98 55.50 46.30
C ARG A 489 27.19 54.42 47.01
N ILE A 490 26.81 53.38 46.29
CA ILE A 490 26.08 52.24 46.91
C ILE A 490 27.15 51.42 47.63
N ILE A 491 28.28 51.19 46.98
CA ILE A 491 29.40 50.45 47.61
C ILE A 491 29.85 51.22 48.84
N GLU A 492 29.94 52.55 48.74
CA GLU A 492 30.33 53.38 49.90
C GLU A 492 29.29 53.27 51.01
N ASN A 493 28.01 53.26 50.65
CA ASN A 493 27.00 53.10 51.68
C ASN A 493 27.05 51.71 52.29
N ALA A 494 27.57 50.73 51.56
CA ALA A 494 27.66 49.36 52.06
C ALA A 494 28.85 49.18 53.00
N ARG A 495 29.96 49.86 52.72
CA ARG A 495 31.17 49.71 53.51
C ARG A 495 31.27 50.79 54.58
N ASP B 2 15.40 40.19 30.21
CA ASP B 2 13.96 40.04 30.08
C ASP B 2 13.31 39.78 31.44
N TYR B 3 12.51 40.73 31.90
CA TYR B 3 11.89 40.65 33.21
C TYR B 3 10.59 39.85 33.20
N LEU B 4 9.89 39.81 32.07
CA LEU B 4 8.64 39.05 31.99
C LEU B 4 8.89 37.56 32.17
N GLU B 5 9.97 37.03 31.60
CA GLU B 5 10.31 35.63 31.80
C GLU B 5 10.57 35.33 33.27
N SER B 6 11.20 36.26 33.98
CA SER B 6 11.46 36.06 35.41
C SER B 6 10.17 36.04 36.20
N LEU B 7 9.13 36.71 35.72
CA LEU B 7 7.83 36.72 36.38
C LEU B 7 6.89 35.66 35.84
N ASP B 8 7.39 34.72 35.04
CA ASP B 8 6.59 33.62 34.45
C ASP B 8 5.49 34.16 33.54
N PHE B 9 5.72 35.31 32.91
CA PHE B 9 4.70 35.90 32.06
C PHE B 9 4.31 35.02 30.88
N PRO B 10 5.23 34.48 30.08
CA PRO B 10 4.79 33.63 28.95
C PRO B 10 4.19 32.31 29.40
N LYS B 11 4.56 31.80 30.57
CA LYS B 11 3.94 30.59 31.08
C LYS B 11 2.45 30.81 31.36
N VAL B 12 2.08 32.00 31.80
CA VAL B 12 0.67 32.30 32.05
C VAL B 12 -0.06 32.57 30.74
N VAL B 13 0.61 33.22 29.79
CA VAL B 13 0.02 33.43 28.48
C VAL B 13 -0.24 32.09 27.79
N GLU B 14 0.69 31.14 27.95
CA GLU B 14 0.50 29.82 27.39
C GLU B 14 -0.74 29.13 27.99
N ILE B 15 -0.99 29.35 29.28
CA ILE B 15 -2.23 28.87 29.89
C ILE B 15 -3.44 29.46 29.17
N VAL B 16 -3.38 30.76 28.85
CA VAL B 16 -4.48 31.40 28.14
C VAL B 16 -4.59 30.86 26.72
N LYS B 17 -3.44 30.57 26.09
CA LYS B 17 -3.44 30.11 24.71
C LYS B 17 -4.11 28.75 24.54
N LYS B 18 -4.21 27.96 25.61
CA LYS B 18 -4.87 26.67 25.52
C LYS B 18 -6.35 26.79 25.19
N TYR B 19 -6.93 27.98 25.39
CA TYR B 19 -8.35 28.21 25.13
C TYR B 19 -8.61 28.83 23.75
N ALA B 20 -7.56 29.25 23.04
CA ALA B 20 -7.76 29.82 21.72
C ALA B 20 -8.34 28.79 20.76
N LEU B 21 -9.26 29.23 19.92
CA LEU B 21 -9.92 28.32 18.98
C LEU B 21 -9.11 28.08 17.71
N SER B 22 -8.00 28.80 17.52
CA SER B 22 -7.13 28.59 16.38
C SER B 22 -5.75 29.13 16.70
N ASP B 23 -4.79 28.84 15.82
CA ASP B 23 -3.46 29.41 15.98
C ASP B 23 -3.40 30.88 15.60
N LEU B 24 -4.53 31.46 15.17
CA LEU B 24 -4.58 32.90 14.93
C LEU B 24 -4.57 33.68 16.25
N GLY B 25 -5.49 33.35 17.15
CA GLY B 25 -5.48 33.97 18.46
C GLY B 25 -4.25 33.63 19.27
N ARG B 26 -3.69 32.44 19.04
CA ARG B 26 -2.44 32.08 19.70
C ARG B 26 -1.33 33.07 19.36
N LYS B 27 -1.17 33.37 18.07
CA LYS B 27 -0.15 34.31 17.65
C LYS B 27 -0.43 35.72 18.15
N HIS B 28 -1.70 36.10 18.20
CA HIS B 28 -2.04 37.46 18.64
C HIS B 28 -1.89 37.62 20.14
N LEU B 29 -2.21 36.58 20.91
CA LEU B 29 -1.96 36.64 22.36
C LEU B 29 -0.48 36.89 22.64
N ASP B 30 0.40 36.30 21.83
CA ASP B 30 1.83 36.53 21.96
C ASP B 30 2.22 37.98 21.69
N THR B 31 1.35 38.78 21.12
CA THR B 31 1.64 40.18 20.85
C THR B 31 1.27 41.10 22.01
N LEU B 32 0.58 40.59 23.02
CA LEU B 32 0.07 41.41 24.12
C LEU B 32 1.16 41.53 25.18
N LYS B 33 1.71 42.73 25.31
CA LYS B 33 2.78 43.04 26.25
C LYS B 33 2.39 44.26 27.06
N PRO B 34 2.99 44.44 28.25
CA PRO B 34 2.61 45.56 29.13
C PRO B 34 2.63 46.92 28.45
N THR B 35 1.50 47.60 28.43
CA THR B 35 1.38 48.94 27.88
C THR B 35 0.87 49.90 28.96
N VAL B 36 1.15 51.18 28.75
CA VAL B 36 0.77 52.19 29.74
C VAL B 36 -0.74 52.46 29.71
N ASN B 37 -1.38 52.28 28.54
CA ASN B 37 -2.80 52.55 28.35
C ASN B 37 -3.51 51.27 27.93
N PRO B 38 -3.86 50.40 28.87
CA PRO B 38 -4.54 49.14 28.52
C PRO B 38 -6.06 49.17 28.63
N TRP B 39 -6.66 50.33 28.90
CA TRP B 39 -8.08 50.40 29.23
C TRP B 39 -8.96 49.81 28.12
N ASP B 40 -8.62 50.09 26.86
CA ASP B 40 -9.44 49.60 25.76
C ASP B 40 -9.44 48.08 25.70
N GLU B 41 -8.25 47.47 25.86
CA GLU B 41 -8.17 46.01 25.84
C GLU B 41 -8.95 45.39 26.99
N LEU B 42 -8.89 46.01 28.18
CA LEU B 42 -9.57 45.43 29.32
C LEU B 42 -11.08 45.56 29.20
N GLU B 43 -11.57 46.70 28.69
CA GLU B 43 -13.01 46.86 28.51
C GLU B 43 -13.56 45.88 27.49
N LEU B 44 -12.76 45.53 26.47
CA LEU B 44 -13.18 44.52 25.52
C LEU B 44 -13.28 43.15 26.16
N VAL B 45 -12.33 42.83 27.05
CA VAL B 45 -12.43 41.58 27.81
C VAL B 45 -13.64 41.63 28.73
N GLU B 46 -13.89 42.79 29.35
CA GLU B 46 -15.02 42.92 30.26
C GLU B 46 -16.35 42.80 29.52
N GLU B 47 -16.39 43.26 28.26
CA GLU B 47 -17.63 43.19 27.50
C GLU B 47 -17.96 41.75 27.12
N LEU B 48 -16.98 41.02 26.59
CA LEU B 48 -17.22 39.62 26.22
C LEU B 48 -17.42 38.75 27.45
N LEU B 49 -16.88 39.16 28.59
CA LEU B 49 -17.10 38.40 29.82
C LEU B 49 -18.57 38.46 30.23
N ASN B 50 -19.18 39.64 30.19
CA ASN B 50 -20.60 39.76 30.48
C ASN B 50 -21.44 39.07 29.41
N TYR B 51 -20.94 39.01 28.17
CA TYR B 51 -21.63 38.28 27.12
C TYR B 51 -21.78 36.80 27.49
N PHE B 52 -20.67 36.16 27.87
CA PHE B 52 -20.71 34.76 28.26
C PHE B 52 -21.71 34.54 29.39
N ASN B 53 -21.64 35.38 30.43
CA ASN B 53 -22.57 35.22 31.55
C ASN B 53 -24.01 35.40 31.10
N ARG B 54 -24.26 36.25 30.09
CA ARG B 54 -25.62 36.51 29.63
C ARG B 54 -26.10 35.45 28.66
N TRP B 55 -25.51 35.40 27.46
CA TRP B 55 -26.00 34.52 26.40
C TRP B 55 -25.08 33.33 26.14
N GLY B 56 -24.12 33.06 27.02
CA GLY B 56 -23.28 31.89 26.85
C GLY B 56 -22.19 32.09 25.81
N GLU B 57 -21.66 30.97 25.33
CA GLU B 57 -20.59 31.00 24.34
C GLU B 57 -21.10 31.63 23.05
N PRO B 58 -20.31 32.49 22.41
CA PRO B 58 -20.73 33.10 21.15
C PRO B 58 -20.52 32.14 19.99
N PRO B 59 -21.09 32.42 18.82
CA PRO B 59 -20.90 31.53 17.67
C PRO B 59 -19.44 31.45 17.26
N ILE B 60 -18.92 30.23 17.14
CA ILE B 60 -17.49 30.03 16.91
C ILE B 60 -17.23 28.97 15.84
N LYS B 61 -18.29 28.42 15.24
CA LYS B 61 -18.10 27.36 14.26
C LYS B 61 -17.43 27.90 13.01
N GLY B 62 -16.34 27.25 12.58
CA GLY B 62 -15.66 27.61 11.36
C GLY B 62 -14.52 28.58 11.50
N LEU B 63 -14.25 29.08 12.72
CA LEU B 63 -13.23 30.10 12.94
C LEU B 63 -11.85 29.45 13.07
N ASN B 64 -11.40 28.86 11.98
CA ASN B 64 -10.11 28.16 11.95
C ASN B 64 -9.04 29.04 11.32
N ASP B 65 -7.80 28.54 11.39
CA ASP B 65 -6.64 29.26 10.88
C ASP B 65 -6.53 29.04 9.37
N ILE B 66 -6.84 30.08 8.59
CA ILE B 66 -6.78 29.97 7.13
C ILE B 66 -5.67 30.87 6.60
N SER B 67 -4.64 31.10 7.42
CA SER B 67 -3.55 31.98 7.01
C SER B 67 -2.83 31.44 5.77
N GLN B 68 -2.66 30.11 5.70
CA GLN B 68 -2.00 29.52 4.54
C GLN B 68 -2.83 29.71 3.28
N GLU B 69 -4.14 29.52 3.37
CA GLU B 69 -5.00 29.69 2.21
C GLU B 69 -5.00 31.14 1.73
N VAL B 70 -4.92 32.09 2.66
CA VAL B 70 -4.95 33.50 2.28
C VAL B 70 -3.69 33.88 1.49
N GLU B 71 -2.53 33.36 1.91
CA GLU B 71 -1.30 33.64 1.18
C GLU B 71 -1.33 33.05 -0.22
N LYS B 72 -1.89 31.85 -0.36
CA LYS B 72 -1.98 31.22 -1.67
C LYS B 72 -2.80 32.06 -2.64
N VAL B 73 -3.91 32.64 -2.17
CA VAL B 73 -4.67 33.57 -3.00
C VAL B 73 -3.84 34.80 -3.31
N LYS B 74 -3.20 35.37 -2.29
CA LYS B 74 -2.33 36.53 -2.50
C LYS B 74 -1.21 36.22 -3.49
N SER B 75 -0.70 34.98 -3.46
CA SER B 75 0.33 34.55 -4.39
C SER B 75 -0.19 34.40 -5.82
N GLY B 76 -1.51 34.44 -6.02
CA GLY B 76 -2.10 34.32 -7.34
C GLY B 76 -2.55 32.93 -7.71
N SER B 77 -2.10 31.90 -6.99
CA SER B 77 -2.46 30.54 -7.31
C SER B 77 -3.94 30.29 -7.05
N PRO B 78 -4.55 29.34 -7.75
CA PRO B 78 -5.93 28.94 -7.43
C PRO B 78 -5.96 27.95 -6.27
N LEU B 79 -7.06 28.00 -5.52
CA LEU B 79 -7.20 27.15 -4.34
C LEU B 79 -7.75 25.79 -4.72
N GLU B 80 -7.31 24.76 -3.99
CA GLU B 80 -7.88 23.44 -4.13
C GLU B 80 -9.28 23.42 -3.54
N PRO B 81 -10.13 22.46 -3.95
CA PRO B 81 -11.49 22.43 -3.43
C PRO B 81 -11.57 22.34 -1.90
N TRP B 82 -10.66 21.62 -1.26
CA TRP B 82 -10.69 21.54 0.20
C TRP B 82 -10.25 22.84 0.86
N GLU B 83 -9.49 23.68 0.15
CA GLU B 83 -9.13 24.98 0.70
C GLU B 83 -10.28 25.96 0.59
N LEU B 84 -10.99 25.96 -0.55
CA LEU B 84 -12.14 26.83 -0.72
C LEU B 84 -13.24 26.50 0.29
N LEU B 85 -13.37 25.23 0.68
CA LEU B 85 -14.32 24.87 1.72
C LEU B 85 -13.91 25.46 3.06
N ARG B 86 -12.62 25.41 3.38
CA ARG B 86 -12.14 25.98 4.63
C ARG B 86 -12.36 27.48 4.68
N VAL B 87 -11.99 28.19 3.61
CA VAL B 87 -12.14 29.64 3.59
C VAL B 87 -13.60 30.04 3.68
N SER B 88 -14.48 29.26 3.05
CA SER B 88 -15.90 29.60 3.05
C SER B 88 -16.50 29.44 4.44
N VAL B 89 -16.24 28.30 5.09
CA VAL B 89 -16.77 28.08 6.43
C VAL B 89 -16.19 29.08 7.41
N PHE B 90 -14.99 29.60 7.13
CA PHE B 90 -14.41 30.63 7.97
C PHE B 90 -15.04 31.99 7.69
N LEU B 91 -15.37 32.26 6.42
CA LEU B 91 -16.03 33.52 6.09
C LEU B 91 -17.48 33.53 6.54
N GLU B 92 -18.16 32.39 6.48
CA GLU B 92 -19.51 32.32 7.02
C GLU B 92 -19.49 32.48 8.54
N GLY B 93 -18.46 31.94 9.20
CA GLY B 93 -18.31 32.20 10.62
C GLY B 93 -18.12 33.67 10.92
N CYS B 94 -17.41 34.38 10.05
CA CYS B 94 -17.25 35.82 10.22
C CYS B 94 -18.58 36.54 10.11
N ASP B 95 -19.47 36.07 9.23
CA ASP B 95 -20.76 36.71 9.05
C ASP B 95 -21.64 36.54 10.29
N ILE B 96 -21.68 35.33 10.86
CA ILE B 96 -22.51 35.10 12.03
C ILE B 96 -21.98 35.90 13.22
N LEU B 97 -20.65 35.98 13.37
CA LEU B 97 -20.08 36.72 14.49
C LEU B 97 -20.43 38.20 14.41
N LYS B 98 -20.32 38.80 13.22
CA LYS B 98 -20.66 40.20 13.08
C LYS B 98 -22.15 40.43 13.37
N LYS B 99 -23.01 39.57 12.84
CA LYS B 99 -24.44 39.72 13.05
C LYS B 99 -24.80 39.61 14.52
N GLU B 100 -24.21 38.62 15.21
CA GLU B 100 -24.59 38.33 16.59
C GLU B 100 -24.20 39.48 17.53
N PHE B 101 -23.19 40.26 17.19
CA PHE B 101 -22.75 41.36 18.04
C PHE B 101 -23.57 42.64 17.86
N GLU B 102 -24.52 42.65 16.93
CA GLU B 102 -25.33 43.85 16.70
C GLU B 102 -26.67 43.80 17.42
N LYS B 103 -27.18 42.62 17.74
CA LYS B 103 -28.42 42.51 18.51
C LYS B 103 -28.21 42.68 20.01
N ARG B 104 -26.97 42.83 20.46
CA ARG B 104 -26.64 42.86 21.87
C ARG B 104 -26.23 44.25 22.33
N GLU B 105 -26.07 44.39 23.65
CA GLU B 105 -25.86 45.67 24.31
C GLU B 105 -24.40 46.09 24.37
N TYR B 106 -23.47 45.25 23.94
CA TYR B 106 -22.05 45.46 24.20
C TYR B 106 -21.45 46.38 23.13
N SER B 107 -21.00 47.56 23.57
CA SER B 107 -20.66 48.63 22.63
C SER B 107 -19.34 48.38 21.92
N ARG B 108 -18.24 48.25 22.68
CA ARG B 108 -16.92 48.14 22.07
C ARG B 108 -16.81 46.88 21.22
N LEU B 109 -17.43 45.78 21.66
CA LEU B 109 -17.49 44.58 20.82
C LEU B 109 -18.20 44.89 19.50
N LYS B 110 -19.23 45.73 19.54
CA LYS B 110 -20.04 46.00 18.35
C LYS B 110 -19.25 46.80 17.32
N GLU B 111 -18.62 47.90 17.73
CA GLU B 111 -17.92 48.75 16.78
C GLU B 111 -16.63 48.11 16.28
N THR B 112 -16.05 47.17 17.02
CA THR B 112 -14.79 46.57 16.61
C THR B 112 -14.99 45.54 15.50
N PHE B 113 -15.93 44.61 15.71
CA PHE B 113 -16.13 43.50 14.78
C PHE B 113 -17.22 43.77 13.75
N SER B 114 -17.81 44.97 13.75
CA SER B 114 -18.59 45.41 12.61
C SER B 114 -17.71 45.68 11.40
N ARG B 115 -16.39 45.75 11.59
CA ARG B 115 -15.43 45.91 10.51
C ARG B 115 -15.19 44.63 9.73
N LEU B 116 -15.77 43.51 10.14
CA LEU B 116 -15.71 42.29 9.35
C LEU B 116 -16.42 42.51 8.01
N SER B 117 -15.93 41.85 6.97
CA SER B 117 -16.48 42.00 5.63
C SER B 117 -17.31 40.79 5.27
N SER B 118 -18.56 41.03 4.85
CA SER B 118 -19.45 39.94 4.49
C SER B 118 -19.03 39.34 3.16
N PHE B 119 -18.93 38.01 3.10
CA PHE B 119 -18.60 37.28 1.89
C PHE B 119 -19.72 36.31 1.53
N ARG B 120 -20.98 36.73 1.77
CA ARG B 120 -22.12 35.86 1.55
C ARG B 120 -22.19 35.35 0.11
N GLU B 121 -21.75 36.16 -0.85
CA GLU B 121 -21.72 35.72 -2.24
C GLU B 121 -20.76 34.54 -2.42
N PHE B 122 -19.54 34.68 -1.91
CA PHE B 122 -18.54 33.63 -2.07
C PHE B 122 -18.99 32.34 -1.40
N VAL B 123 -19.60 32.44 -0.22
CA VAL B 123 -20.03 31.24 0.50
C VAL B 123 -21.10 30.49 -0.28
N GLU B 124 -21.93 31.20 -1.04
CA GLU B 124 -22.98 30.54 -1.80
C GLU B 124 -22.41 29.81 -3.01
N GLU B 125 -21.53 30.46 -3.76
CA GLU B 125 -20.92 29.83 -4.93
C GLU B 125 -20.16 28.57 -4.54
N VAL B 126 -19.40 28.63 -3.43
CA VAL B 126 -18.62 27.48 -3.00
C VAL B 126 -19.54 26.34 -2.59
N ASN B 127 -20.58 26.65 -1.81
CA ASN B 127 -21.52 25.60 -1.38
C ASN B 127 -22.34 25.05 -2.54
N ARG B 128 -22.44 25.79 -3.65
CA ARG B 128 -23.14 25.31 -4.82
C ARG B 128 -22.25 24.46 -5.72
N CYS B 129 -21.00 24.87 -5.91
CA CYS B 129 -20.08 24.17 -6.81
C CYS B 129 -19.39 23.00 -6.13
N ILE B 130 -19.04 23.15 -4.86
CA ILE B 130 -18.23 22.17 -4.13
C ILE B 130 -19.08 21.56 -3.03
N GLU B 131 -19.02 20.23 -2.91
CA GLU B 131 -19.72 19.50 -1.87
C GLU B 131 -18.79 19.24 -0.70
N GLN B 132 -19.31 18.53 0.31
CA GLN B 132 -18.60 18.40 1.58
C GLN B 132 -17.34 17.56 1.45
N ASP B 133 -17.39 16.50 0.62
CA ASP B 133 -16.23 15.64 0.45
C ASP B 133 -15.15 16.24 -0.44
N GLY B 134 -15.42 17.36 -1.10
CA GLY B 134 -14.43 18.05 -1.89
C GLY B 134 -14.64 17.96 -3.39
N GLU B 135 -15.53 17.11 -3.88
CA GLU B 135 -15.76 17.01 -5.31
C GLU B 135 -16.49 18.24 -5.83
N ILE B 136 -16.36 18.46 -7.13
CA ILE B 136 -17.11 19.52 -7.81
C ILE B 136 -18.49 18.98 -8.13
N SER B 137 -19.53 19.72 -7.74
CA SER B 137 -20.89 19.27 -7.95
C SER B 137 -21.30 19.44 -9.41
N ASP B 138 -22.30 18.65 -9.82
CA ASP B 138 -22.89 18.84 -11.14
C ASP B 138 -23.53 20.22 -11.27
N ARG B 139 -23.97 20.79 -10.16
CA ARG B 139 -24.60 22.11 -10.15
C ARG B 139 -23.60 23.24 -10.34
N ALA B 140 -22.31 22.95 -10.48
CA ALA B 140 -21.30 24.00 -10.63
C ALA B 140 -21.53 24.77 -11.93
N SER B 141 -21.39 24.09 -13.07
CA SER B 141 -21.61 24.69 -14.37
C SER B 141 -22.32 23.68 -15.26
N PRO B 142 -23.14 24.14 -16.21
CA PRO B 142 -23.79 23.19 -17.13
C PRO B 142 -22.79 22.47 -18.01
N ARG B 143 -21.66 23.12 -18.34
CA ARG B 143 -20.64 22.47 -19.16
C ARG B 143 -20.09 21.22 -18.47
N LEU B 144 -19.73 21.35 -17.19
CA LEU B 144 -19.27 20.18 -16.44
C LEU B 144 -20.38 19.14 -16.33
N ARG B 145 -21.62 19.59 -16.15
CA ARG B 145 -22.75 18.66 -16.09
C ARG B 145 -22.88 17.87 -17.39
N GLU B 146 -22.61 18.52 -18.53
CA GLU B 146 -22.74 17.83 -19.82
C GLU B 146 -21.59 16.85 -20.02
N ILE B 147 -20.36 17.26 -19.72
CA ILE B 147 -19.21 16.39 -19.91
C ILE B 147 -19.37 15.11 -19.08
N ARG B 148 -19.82 15.26 -17.82
CA ARG B 148 -20.01 14.08 -16.97
C ARG B 148 -21.06 13.14 -17.54
N THR B 149 -22.15 13.69 -18.09
CA THR B 149 -23.17 12.86 -18.70
C THR B 149 -22.62 12.13 -19.92
N GLU B 150 -21.87 12.84 -20.78
CA GLU B 150 -21.29 12.21 -21.95
C GLU B 150 -20.18 11.24 -21.56
N LYS B 151 -19.40 11.55 -20.53
CA LYS B 151 -18.36 10.63 -20.09
C LYS B 151 -18.97 9.35 -19.52
N LYS B 152 -20.07 9.46 -18.78
CA LYS B 152 -20.72 8.28 -18.24
C LYS B 152 -21.36 7.46 -19.35
N ARG B 153 -22.03 8.11 -20.28
CA ARG B 153 -22.65 7.40 -21.40
C ARG B 153 -21.60 6.67 -22.23
N LEU B 154 -20.44 7.30 -22.45
CA LEU B 154 -19.38 6.64 -23.20
C LEU B 154 -18.76 5.52 -22.38
N SER B 155 -18.61 5.71 -21.07
CA SER B 155 -18.00 4.68 -20.24
C SER B 155 -18.92 3.47 -20.08
N SER B 156 -20.24 3.67 -20.14
CA SER B 156 -21.16 2.55 -20.09
C SER B 156 -21.09 1.71 -21.35
N GLU B 157 -20.71 2.31 -22.48
CA GLU B 157 -20.59 1.56 -23.73
C GLU B 157 -19.35 0.67 -23.70
N ILE B 158 -18.20 1.22 -23.28
CA ILE B 158 -16.97 0.44 -23.28
C ILE B 158 -17.09 -0.75 -22.34
N LYS B 159 -17.64 -0.53 -21.15
CA LYS B 159 -17.83 -1.62 -20.20
C LYS B 159 -18.74 -2.70 -20.76
N ARG B 160 -19.75 -2.31 -21.54
CA ARG B 160 -20.59 -3.30 -22.22
C ARG B 160 -19.79 -4.01 -23.30
N LYS B 161 -19.05 -3.26 -24.12
CA LYS B 161 -18.20 -3.87 -25.13
C LYS B 161 -17.10 -4.72 -24.50
N ALA B 162 -16.61 -4.31 -23.32
CA ALA B 162 -15.55 -5.06 -22.66
C ALA B 162 -16.06 -6.41 -22.16
N ASP B 163 -17.24 -6.43 -21.52
CA ASP B 163 -17.81 -7.69 -21.08
C ASP B 163 -18.14 -8.59 -22.26
N ASP B 164 -18.41 -8.01 -23.42
CA ASP B 164 -18.60 -8.82 -24.63
C ASP B 164 -17.27 -9.41 -25.10
N PHE B 165 -16.19 -8.63 -25.03
CA PHE B 165 -14.88 -9.15 -25.40
C PHE B 165 -14.45 -10.26 -24.46
N VAL B 166 -14.79 -10.14 -23.17
CA VAL B 166 -14.40 -11.15 -22.19
C VAL B 166 -15.14 -12.46 -22.45
N ARG B 167 -16.46 -12.39 -22.65
CA ARG B 167 -17.24 -13.60 -22.84
C ARG B 167 -16.92 -14.29 -24.16
N THR B 168 -16.42 -13.53 -25.13
CA THR B 168 -16.16 -14.08 -26.48
C THR B 168 -14.69 -14.50 -26.67
N HIS B 169 -13.78 -13.98 -25.86
CA HIS B 169 -12.34 -14.29 -26.02
C HIS B 169 -11.84 -14.98 -24.74
N SER B 170 -12.64 -15.89 -24.19
CA SER B 170 -12.31 -16.57 -22.91
C SER B 170 -11.05 -17.44 -22.99
N GLN B 171 -10.44 -17.58 -24.17
CA GLN B 171 -9.29 -18.50 -24.30
C GLN B 171 -7.97 -17.72 -24.28
N ILE B 172 -8.01 -16.44 -24.64
CA ILE B 172 -6.75 -15.66 -24.75
C ILE B 172 -6.53 -14.85 -23.47
N LEU B 173 -7.55 -14.79 -22.61
CA LEU B 173 -7.45 -13.95 -21.40
C LEU B 173 -6.94 -14.77 -20.22
N GLN B 174 -5.97 -14.22 -19.48
CA GLN B 174 -5.50 -14.90 -18.25
C GLN B 174 -6.63 -14.81 -17.24
N GLU B 175 -6.82 -13.64 -16.66
CA GLU B 175 -7.97 -13.46 -15.79
C GLU B 175 -9.14 -12.94 -16.63
N GLN B 176 -10.28 -13.61 -16.53
CA GLN B 176 -11.47 -13.28 -17.31
C GLN B 176 -12.07 -11.97 -16.79
N MET B 177 -11.48 -10.87 -17.21
CA MET B 177 -11.88 -9.55 -16.75
C MET B 177 -11.31 -8.49 -17.68
N TYR B 178 -11.49 -7.23 -17.29
CA TYR B 178 -10.85 -6.09 -17.93
C TYR B 178 -10.15 -5.28 -16.85
N VAL B 179 -9.15 -4.50 -17.26
CA VAL B 179 -8.21 -3.89 -16.32
C VAL B 179 -8.13 -2.40 -16.58
N TYR B 180 -8.12 -1.62 -15.49
CA TYR B 180 -7.89 -0.18 -15.52
C TYR B 180 -8.89 0.56 -16.40
N TYR B 185 -8.82 1.42 -20.42
CA TYR B 185 -9.60 0.15 -20.46
C TYR B 185 -8.86 -0.84 -21.37
N LEU B 186 -8.19 -1.82 -20.78
CA LEU B 186 -7.38 -2.79 -21.58
C LEU B 186 -7.69 -4.21 -21.10
N PHE B 187 -7.06 -5.22 -21.72
CA PHE B 187 -7.42 -6.61 -21.39
C PHE B 187 -6.21 -7.46 -21.05
N PRO B 188 -6.28 -8.25 -19.96
CA PRO B 188 -5.20 -9.16 -19.57
C PRO B 188 -4.96 -10.36 -20.50
N VAL B 189 -4.40 -10.14 -21.70
CA VAL B 189 -4.27 -11.29 -22.62
C VAL B 189 -2.96 -12.01 -22.32
N LYS B 190 -2.93 -13.31 -22.59
CA LYS B 190 -1.71 -14.11 -22.32
C LYS B 190 -0.71 -13.90 -23.45
N ALA B 191 0.58 -14.00 -23.16
CA ALA B 191 1.61 -13.93 -24.21
C ALA B 191 1.53 -15.23 -25.01
N SER B 192 2.33 -15.38 -26.08
CA SER B 192 2.18 -16.54 -27.00
C SER B 192 0.86 -16.33 -27.73
N MET B 193 -0.23 -16.18 -26.98
CA MET B 193 -1.52 -15.81 -27.60
C MET B 193 -1.57 -14.29 -27.67
N LYS B 194 -0.45 -13.66 -27.99
CA LYS B 194 -0.39 -12.18 -28.01
C LYS B 194 -0.81 -11.68 -29.40
N ASN B 195 -0.25 -12.28 -30.45
CA ASN B 195 -0.52 -11.79 -31.83
C ASN B 195 -1.89 -12.29 -32.32
N ALA B 196 -2.74 -12.78 -31.42
CA ALA B 196 -4.02 -13.32 -31.87
C ALA B 196 -5.04 -12.23 -32.13
N VAL B 197 -5.06 -11.19 -31.30
CA VAL B 197 -6.00 -10.08 -31.45
C VAL B 197 -5.19 -8.85 -31.86
N ARG B 198 -5.62 -8.19 -32.94
CA ARG B 198 -4.97 -6.98 -33.41
C ARG B 198 -5.17 -5.87 -32.38
N GLY B 199 -4.09 -5.44 -31.74
CA GLY B 199 -4.21 -4.44 -30.70
C GLY B 199 -2.89 -3.79 -30.38
N ILE B 200 -2.95 -2.81 -29.47
CA ILE B 200 -1.79 -2.04 -29.05
C ILE B 200 -1.30 -2.58 -27.72
N VAL B 201 0.00 -2.84 -27.61
CA VAL B 201 0.61 -3.35 -26.39
C VAL B 201 0.99 -2.18 -25.50
N HIS B 202 0.67 -2.28 -24.21
CA HIS B 202 0.94 -1.22 -23.25
C HIS B 202 1.85 -1.65 -22.11
N HIS B 203 1.50 -2.72 -21.40
CA HIS B 203 2.23 -3.12 -20.21
C HIS B 203 2.47 -4.61 -20.22
N LEU B 204 3.51 -5.03 -19.51
CA LEU B 204 3.92 -6.43 -19.41
C LEU B 204 3.94 -6.87 -17.95
N SER B 205 3.61 -8.14 -17.73
CA SER B 205 3.62 -8.70 -16.38
C SER B 205 5.06 -8.91 -15.90
N SER B 206 5.23 -8.88 -14.57
CA SER B 206 6.55 -9.04 -13.97
C SER B 206 7.16 -10.42 -14.23
N SER B 207 6.36 -11.40 -14.66
CA SER B 207 6.87 -12.70 -15.06
C SER B 207 6.79 -12.92 -16.56
N GLY B 208 6.38 -11.91 -17.33
CA GLY B 208 6.22 -12.09 -18.76
C GLY B 208 5.07 -12.98 -19.15
N ALA B 209 4.00 -12.96 -18.36
CA ALA B 209 2.85 -13.85 -18.61
C ALA B 209 1.70 -13.06 -19.25
N THR B 210 1.49 -11.82 -18.79
CA THR B 210 0.35 -11.02 -19.29
C THR B 210 0.86 -9.92 -20.23
N VAL B 211 0.08 -9.60 -21.28
CA VAL B 211 0.55 -8.60 -22.28
C VAL B 211 -0.39 -7.40 -22.29
N PHE B 212 -1.18 -7.19 -21.23
CA PHE B 212 -2.07 -6.01 -21.12
C PHE B 212 -2.20 -5.29 -22.46
N LEU B 213 -3.17 -5.71 -23.28
CA LEU B 213 -3.29 -5.17 -24.65
C LEU B 213 -4.58 -4.36 -24.85
N GLU B 214 -4.51 -3.32 -25.67
CA GLU B 214 -5.72 -2.54 -26.01
C GLU B 214 -6.19 -3.01 -27.38
N PRO B 215 -7.32 -3.73 -27.47
CA PRO B 215 -7.80 -4.25 -28.75
C PRO B 215 -8.12 -3.15 -29.75
N ASP B 216 -8.20 -3.55 -31.02
CA ASP B 216 -8.41 -2.62 -32.13
C ASP B 216 -9.64 -1.74 -31.89
N GLU B 217 -10.79 -2.36 -31.68
CA GLU B 217 -12.04 -1.63 -31.49
C GLU B 217 -12.12 -0.88 -30.17
N PHE B 218 -11.06 -0.79 -29.36
CA PHE B 218 -11.09 -0.07 -28.10
C PHE B 218 -10.18 1.15 -28.09
N VAL B 219 -9.42 1.38 -29.16
CA VAL B 219 -8.43 2.45 -29.15
C VAL B 219 -9.10 3.81 -29.27
N GLU B 220 -9.91 4.00 -30.32
CA GLU B 220 -10.56 5.29 -30.51
C GLU B 220 -11.59 5.56 -29.42
N LEU B 221 -12.19 4.51 -28.86
CA LEU B 221 -13.15 4.70 -27.78
C LEU B 221 -12.46 5.14 -26.50
N ASN B 222 -11.34 4.50 -26.15
CA ASN B 222 -10.55 4.94 -25.01
C ASN B 222 -10.06 6.37 -25.20
N ASN B 223 -9.71 6.73 -26.45
CA ASN B 223 -9.23 8.08 -26.72
C ASN B 223 -10.34 9.11 -26.56
N ARG B 224 -11.55 8.76 -27.00
CA ARG B 224 -12.69 9.67 -26.84
C ARG B 224 -13.02 9.87 -25.37
N VAL B 225 -12.96 8.81 -24.57
CA VAL B 225 -13.21 8.95 -23.14
C VAL B 225 -12.10 9.75 -22.48
N ARG B 226 -10.87 9.59 -22.95
CA ARG B 226 -9.75 10.32 -22.34
C ARG B 226 -9.79 11.80 -22.71
N LEU B 227 -10.34 12.14 -23.88
CA LEU B 227 -10.52 13.55 -24.20
C LEU B 227 -11.60 14.17 -23.32
N LEU B 228 -12.69 13.42 -23.09
CA LEU B 228 -13.75 13.91 -22.21
C LEU B 228 -13.25 14.15 -20.80
N GLU B 229 -12.28 13.35 -20.35
CA GLU B 229 -11.72 13.55 -19.02
C GLU B 229 -10.86 14.81 -18.96
N GLU B 230 -10.09 15.07 -20.02
CA GLU B 230 -9.33 16.32 -20.09
C GLU B 230 -10.26 17.52 -20.17
N GLU B 231 -11.42 17.37 -20.83
CA GLU B 231 -12.41 18.44 -20.84
C GLU B 231 -12.96 18.69 -19.43
N GLU B 232 -13.23 17.60 -18.68
CA GLU B 232 -13.65 17.75 -17.30
C GLU B 232 -12.58 18.43 -16.46
N ARG B 233 -11.33 18.01 -16.62
CA ARG B 233 -10.23 18.61 -15.86
C ARG B 233 -10.06 20.08 -16.20
N LEU B 234 -10.15 20.43 -17.49
CA LEU B 234 -9.98 21.82 -17.89
C LEU B 234 -11.11 22.69 -17.36
N GLU B 235 -12.34 22.16 -17.33
CA GLU B 235 -13.47 22.94 -16.85
C GLU B 235 -13.40 23.16 -15.34
N ILE B 236 -12.92 22.17 -14.60
CA ILE B 236 -12.81 22.31 -13.15
C ILE B 236 -11.78 23.39 -12.79
N SER B 237 -10.67 23.43 -13.52
CA SER B 237 -9.68 24.47 -13.28
C SER B 237 -10.22 25.86 -13.53
N ARG B 238 -11.17 26.00 -14.46
CA ARG B 238 -11.83 27.28 -14.68
C ARG B 238 -12.79 27.60 -13.55
N ILE B 239 -13.45 26.58 -13.00
CA ILE B 239 -14.36 26.79 -11.89
C ILE B 239 -13.59 27.21 -10.64
N LEU B 240 -12.45 26.59 -10.38
CA LEU B 240 -11.65 26.95 -9.21
C LEU B 240 -11.04 28.33 -9.35
N ARG B 241 -10.60 28.70 -10.56
CA ARG B 241 -10.03 30.02 -10.77
C ARG B 241 -11.07 31.11 -10.56
N GLN B 242 -12.30 30.89 -11.05
CA GLN B 242 -13.35 31.88 -10.88
C GLN B 242 -13.73 32.05 -9.42
N LEU B 243 -13.66 30.97 -8.63
CA LEU B 243 -13.95 31.08 -7.20
C LEU B 243 -12.83 31.79 -6.46
N THR B 244 -11.58 31.44 -6.75
CA THR B 244 -10.45 32.08 -6.07
C THR B 244 -10.36 33.56 -6.44
N ASN B 245 -10.83 33.94 -7.62
CA ASN B 245 -10.81 35.35 -8.03
C ASN B 245 -11.75 36.18 -7.19
N ILE B 246 -12.86 35.59 -6.71
CA ILE B 246 -13.73 36.29 -5.76
C ILE B 246 -12.94 36.72 -4.53
N LEU B 247 -12.00 35.87 -4.10
CA LEU B 247 -11.14 36.22 -2.97
C LEU B 247 -10.00 37.13 -3.38
N LEU B 248 -9.49 36.96 -4.60
CA LEU B 248 -8.40 37.81 -5.07
C LEU B 248 -8.84 39.26 -5.23
N SER B 249 -10.08 39.46 -5.68
CA SER B 249 -10.58 40.82 -5.88
C SER B 249 -10.90 41.52 -4.57
N ARG B 250 -11.10 40.78 -3.49
CA ARG B 250 -11.34 41.36 -2.18
C ARG B 250 -10.27 40.92 -1.19
N LEU B 251 -9.01 40.99 -1.61
CA LEU B 251 -7.91 40.49 -0.78
C LEU B 251 -7.81 41.25 0.54
N ASN B 252 -7.91 42.58 0.48
CA ASN B 252 -7.81 43.38 1.70
C ASN B 252 -8.96 43.07 2.66
N ASP B 253 -10.17 42.88 2.12
CA ASP B 253 -11.31 42.52 2.97
C ASP B 253 -11.08 41.18 3.64
N LEU B 254 -10.43 40.24 2.94
CA LEU B 254 -10.19 38.92 3.51
C LEU B 254 -9.08 38.97 4.55
N GLU B 255 -8.04 39.76 4.30
CA GLU B 255 -6.96 39.88 5.27
C GLU B 255 -7.39 40.64 6.52
N ARG B 256 -8.33 41.57 6.39
CA ARG B 256 -8.87 42.23 7.57
C ARG B 256 -9.75 41.28 8.37
N ASN B 257 -10.46 40.38 7.71
CA ASN B 257 -11.25 39.39 8.41
C ASN B 257 -10.37 38.44 9.22
N VAL B 258 -9.18 38.11 8.71
CA VAL B 258 -8.33 37.17 9.42
C VAL B 258 -7.69 37.81 10.64
N GLU B 259 -7.37 39.11 10.58
CA GLU B 259 -6.81 39.77 11.76
C GLU B 259 -7.87 39.97 12.84
N LEU B 260 -9.09 40.33 12.42
CA LEU B 260 -10.16 40.55 13.39
C LEU B 260 -10.54 39.27 14.12
N ILE B 261 -10.49 38.13 13.43
CA ILE B 261 -10.73 36.86 14.10
C ILE B 261 -9.59 36.54 15.06
N ALA B 262 -8.35 36.86 14.67
CA ALA B 262 -7.23 36.71 15.58
C ALA B 262 -7.45 37.53 16.85
N ARG B 263 -7.88 38.78 16.69
CA ARG B 263 -8.14 39.63 17.85
C ARG B 263 -9.30 39.08 18.68
N PHE B 264 -10.39 38.67 18.02
CA PHE B 264 -11.52 38.12 18.74
C PHE B 264 -11.15 36.80 19.42
N ASP B 265 -10.29 36.00 18.77
CA ASP B 265 -9.85 34.74 19.37
C ASP B 265 -9.01 35.01 20.61
N SER B 266 -8.15 36.04 20.56
CA SER B 266 -7.38 36.41 21.75
C SER B 266 -8.30 36.89 22.87
N LEU B 267 -9.40 37.55 22.52
CA LEU B 267 -10.38 37.93 23.53
C LEU B 267 -11.17 36.74 24.02
N TYR B 268 -11.51 35.82 23.11
CA TYR B 268 -12.26 34.63 23.49
C TYR B 268 -11.48 33.75 24.44
N ALA B 269 -10.16 33.64 24.23
CA ALA B 269 -9.35 32.82 25.11
C ALA B 269 -9.21 33.47 26.49
N ARG B 270 -9.07 34.79 26.54
CA ARG B 270 -8.94 35.48 27.82
C ARG B 270 -10.22 35.40 28.64
N VAL B 271 -11.38 35.39 27.98
CA VAL B 271 -12.65 35.32 28.71
C VAL B 271 -12.85 33.93 29.28
N LYS B 272 -12.54 32.88 28.51
CA LYS B 272 -12.70 31.53 29.02
C LYS B 272 -11.66 31.20 30.07
N PHE B 273 -10.46 31.77 29.97
CA PHE B 273 -9.49 31.68 31.07
C PHE B 273 -10.06 32.30 32.34
N ALA B 274 -10.82 33.39 32.21
CA ALA B 274 -11.37 34.06 33.38
C ALA B 274 -12.45 33.23 34.06
N ARG B 275 -13.25 32.49 33.29
CA ARG B 275 -14.32 31.70 33.89
C ARG B 275 -13.80 30.41 34.52
N GLU B 276 -12.74 29.82 33.95
CA GLU B 276 -12.15 28.64 34.56
C GLU B 276 -11.48 28.96 35.90
N PHE B 277 -10.78 30.09 35.97
CA PHE B 277 -10.04 30.48 37.16
C PHE B 277 -10.79 31.47 38.04
N ASN B 278 -12.07 31.73 37.74
CA ASN B 278 -12.87 32.72 38.46
C ASN B 278 -12.19 34.09 38.43
N GLY B 279 -11.96 34.58 37.22
CA GLY B 279 -11.17 35.78 37.03
C GLY B 279 -11.98 37.05 37.18
N THR B 280 -11.25 38.15 37.38
CA THR B 280 -11.81 39.49 37.54
C THR B 280 -11.01 40.46 36.69
N VAL B 281 -11.71 41.34 35.98
CA VAL B 281 -11.07 42.34 35.14
C VAL B 281 -10.75 43.54 36.03
N VAL B 282 -9.50 43.66 36.44
CA VAL B 282 -9.05 44.75 37.28
C VAL B 282 -8.44 45.83 36.41
N LYS B 283 -8.77 47.09 36.71
CA LYS B 283 -8.34 48.21 35.90
C LYS B 283 -7.32 49.05 36.64
N PRO B 284 -6.47 49.79 35.91
CA PRO B 284 -5.39 50.53 36.57
C PRO B 284 -5.92 51.49 37.63
N SER B 285 -5.31 51.43 38.80
CA SER B 285 -5.70 52.27 39.94
C SER B 285 -4.44 52.99 40.42
N SER B 286 -4.51 53.55 41.62
CA SER B 286 -3.36 54.14 42.28
C SER B 286 -2.92 53.34 43.50
N ARG B 287 -3.59 52.23 43.79
CA ARG B 287 -3.28 51.37 44.91
C ARG B 287 -2.80 50.02 44.40
N ILE B 288 -2.12 49.28 45.28
CA ILE B 288 -1.72 47.89 45.03
C ILE B 288 -2.28 47.08 46.18
N ARG B 289 -3.37 46.37 45.92
CA ARG B 289 -4.00 45.50 46.92
C ARG B 289 -4.45 44.22 46.23
N LEU B 290 -3.95 43.08 46.71
CA LEU B 290 -4.40 41.79 46.24
C LEU B 290 -5.47 41.27 47.20
N VAL B 291 -6.60 40.86 46.64
CA VAL B 291 -7.72 40.34 47.43
C VAL B 291 -7.95 38.92 46.96
N ASN B 292 -7.49 37.95 47.75
CA ASN B 292 -7.63 36.52 47.44
C ASN B 292 -7.07 36.20 46.06
N ALA B 293 -5.83 36.62 45.82
CA ALA B 293 -5.17 36.36 44.54
C ALA B 293 -4.68 34.91 44.50
N ARG B 294 -4.88 34.26 43.36
CA ARG B 294 -4.49 32.87 43.16
C ARG B 294 -3.57 32.77 41.96
N HIS B 295 -2.33 32.37 42.19
CA HIS B 295 -1.38 32.23 41.10
C HIS B 295 -1.89 31.20 40.09
N PRO B 296 -2.00 31.55 38.81
CA PRO B 296 -2.58 30.61 37.83
C PRO B 296 -1.73 29.35 37.60
N LEU B 297 -0.47 29.33 38.05
CA LEU B 297 0.39 28.18 37.84
C LEU B 297 0.37 27.20 39.01
N ILE B 298 -0.50 27.40 39.98
CA ILE B 298 -0.71 26.48 41.08
C ILE B 298 -2.05 25.79 40.88
N PRO B 299 -2.13 24.47 41.03
CA PRO B 299 -3.41 23.78 40.89
C PRO B 299 -4.44 24.29 41.89
N LYS B 300 -5.72 24.23 41.48
CA LYS B 300 -6.78 24.77 42.32
C LYS B 300 -6.88 24.03 43.66
N GLU B 301 -6.54 22.74 43.68
CA GLU B 301 -6.61 21.97 44.91
C GLU B 301 -5.51 22.36 45.90
N ARG B 302 -4.39 22.89 45.39
CA ARG B 302 -3.27 23.28 46.22
C ARG B 302 -3.24 24.77 46.54
N VAL B 303 -3.87 25.61 45.72
CA VAL B 303 -3.66 27.05 45.82
C VAL B 303 -4.33 27.61 47.07
N VAL B 304 -3.65 28.55 47.71
CA VAL B 304 -4.17 29.29 48.85
C VAL B 304 -4.19 30.77 48.47
N PRO B 305 -5.35 31.42 48.44
CA PRO B 305 -5.40 32.82 48.00
C PRO B 305 -4.54 33.73 48.88
N ILE B 306 -3.92 34.72 48.22
CA ILE B 306 -2.99 35.63 48.87
C ILE B 306 -3.68 36.97 49.06
N ASN B 307 -3.61 37.51 50.28
CA ASN B 307 -4.12 38.84 50.59
C ASN B 307 -2.96 39.73 51.01
N LEU B 308 -2.75 40.80 50.24
CA LEU B 308 -1.67 41.73 50.53
C LEU B 308 -2.11 43.12 50.09
N GLU B 309 -1.65 44.13 50.83
CA GLU B 309 -1.96 45.52 50.51
C GLU B 309 -0.76 46.38 50.87
N LEU B 310 -0.25 47.12 49.90
CA LEU B 310 0.82 48.09 50.14
C LEU B 310 0.21 49.40 50.61
N PRO B 311 0.45 49.82 51.86
CA PRO B 311 -0.15 51.06 52.34
C PRO B 311 0.35 52.25 51.54
N PRO B 312 -0.44 53.32 51.42
CA PRO B 312 -0.03 54.46 50.60
C PRO B 312 1.21 55.18 51.12
N ASN B 313 1.47 55.14 52.43
CA ASN B 313 2.67 55.75 52.98
C ASN B 313 3.88 54.83 52.91
N LYS B 314 3.82 53.78 52.10
CA LYS B 314 4.89 52.80 52.00
C LYS B 314 5.38 52.68 50.57
N ARG B 315 6.60 52.19 50.42
CA ARG B 315 7.20 51.99 49.11
C ARG B 315 7.88 50.63 48.94
N GLY B 316 8.17 49.91 50.01
CA GLY B 316 8.87 48.65 49.91
C GLY B 316 8.20 47.58 50.75
N PHE B 317 8.29 46.35 50.26
CA PHE B 317 7.72 45.18 50.93
C PHE B 317 8.80 44.11 51.02
N ILE B 318 9.39 43.97 52.20
CA ILE B 318 10.40 42.94 52.45
C ILE B 318 9.70 41.71 52.98
N ILE B 319 9.88 40.58 52.30
CA ILE B 319 9.16 39.34 52.61
C ILE B 319 10.16 38.32 53.13
N THR B 320 9.93 37.83 54.34
CA THR B 320 10.73 36.76 54.94
C THR B 320 9.81 35.60 55.28
N GLY B 321 10.39 34.55 55.86
CA GLY B 321 9.62 33.40 56.26
C GLY B 321 10.31 32.08 55.94
N PRO B 322 9.62 30.98 56.21
CA PRO B 322 10.24 29.66 56.04
C PRO B 322 10.54 29.34 54.59
N ASN B 323 11.46 28.39 54.41
CA ASN B 323 11.72 27.86 53.07
C ASN B 323 10.49 27.14 52.56
N MET B 324 10.24 27.28 51.26
CA MET B 324 9.02 26.81 50.61
C MET B 324 7.77 27.41 51.24
N GLY B 325 7.90 28.57 51.89
CA GLY B 325 6.77 29.25 52.50
C GLY B 325 5.97 30.12 51.57
N GLY B 326 6.44 30.33 50.35
CA GLY B 326 5.76 31.18 49.39
C GLY B 326 6.27 32.59 49.27
N LYS B 327 7.49 32.87 49.72
CA LYS B 327 8.03 34.23 49.63
C LYS B 327 8.18 34.66 48.17
N THR B 328 8.83 33.83 47.36
CA THR B 328 9.07 34.20 45.97
C THR B 328 7.78 34.23 45.16
N VAL B 329 6.89 33.25 45.38
CA VAL B 329 5.65 33.18 44.61
C VAL B 329 4.79 34.41 44.88
N THR B 330 4.69 34.81 46.14
CA THR B 330 3.92 36.01 46.47
C THR B 330 4.55 37.26 45.85
N VAL B 331 5.87 37.36 45.91
CA VAL B 331 6.55 38.49 45.27
C VAL B 331 6.38 38.42 43.76
N LYS B 332 6.25 37.22 43.20
CA LYS B 332 6.05 37.08 41.76
C LYS B 332 4.64 37.51 41.36
N THR B 333 3.65 37.27 42.23
CA THR B 333 2.28 37.59 41.89
C THR B 333 2.08 39.09 41.71
N VAL B 334 2.80 39.91 42.47
CA VAL B 334 2.70 41.35 42.31
C VAL B 334 3.20 41.76 40.92
N GLY B 335 4.40 41.30 40.56
CA GLY B 335 4.94 41.65 39.26
C GLY B 335 4.16 41.04 38.10
N LEU B 336 3.77 39.77 38.25
CA LEU B 336 3.07 39.09 37.15
C LEU B 336 1.70 39.71 36.91
N PHE B 337 0.89 39.87 37.96
CA PHE B 337 -0.45 40.40 37.79
C PHE B 337 -0.41 41.84 37.28
N THR B 338 0.58 42.62 37.69
CA THR B 338 0.75 43.95 37.14
C THR B 338 1.03 43.89 35.65
N ALA B 339 1.97 43.04 35.24
CA ALA B 339 2.27 42.89 33.83
C ALA B 339 1.09 42.30 33.07
N LEU B 340 0.26 41.50 33.73
CA LEU B 340 -0.88 40.90 33.07
C LEU B 340 -2.00 41.90 32.84
N MET B 341 -2.31 42.72 33.86
CA MET B 341 -3.31 43.77 33.68
C MET B 341 -2.87 44.77 32.62
N MET B 342 -1.60 45.19 32.69
CA MET B 342 -1.08 46.14 31.72
C MET B 342 -1.05 45.59 30.30
N SER B 343 -1.16 44.27 30.13
CA SER B 343 -1.22 43.68 28.80
C SER B 343 -2.64 43.53 28.27
N GLY B 344 -3.64 43.57 29.14
CA GLY B 344 -5.02 43.37 28.74
C GLY B 344 -5.64 42.05 29.17
N PHE B 345 -5.11 41.40 30.21
CA PHE B 345 -5.58 40.10 30.66
C PHE B 345 -6.38 40.23 31.94
N PRO B 346 -7.42 39.41 32.13
CA PRO B 346 -8.08 39.34 33.43
C PRO B 346 -7.24 38.54 34.41
N LEU B 347 -7.59 38.65 35.69
CA LEU B 347 -6.73 38.16 36.75
C LEU B 347 -7.47 37.20 37.67
N PRO B 348 -6.90 36.03 37.99
CA PRO B 348 -7.50 35.15 39.01
C PRO B 348 -7.44 35.77 40.40
N CYS B 349 -8.42 36.61 40.72
CA CYS B 349 -8.49 37.26 42.02
C CYS B 349 -9.94 37.60 42.30
N ASP B 350 -10.18 38.17 43.49
CA ASP B 350 -11.53 38.55 43.89
C ASP B 350 -11.71 40.06 43.69
N GLU B 351 -12.97 40.45 43.59
CA GLU B 351 -13.29 41.85 43.33
C GLU B 351 -12.86 42.73 44.50
N GLY B 352 -12.28 43.88 44.16
CA GLY B 352 -11.63 44.75 45.12
C GLY B 352 -10.12 44.81 44.94
N THR B 353 -9.55 43.89 44.20
CA THR B 353 -8.12 43.92 43.90
C THR B 353 -7.79 45.15 43.06
N GLU B 354 -6.72 45.85 43.46
CA GLU B 354 -6.26 47.03 42.76
C GLU B 354 -4.78 46.90 42.43
N LEU B 355 -4.41 47.36 41.22
CA LEU B 355 -3.02 47.42 40.80
C LEU B 355 -2.79 48.74 40.08
N LYS B 356 -1.52 49.05 39.86
CA LYS B 356 -1.10 50.35 39.37
C LYS B 356 -0.22 50.20 38.15
N VAL B 357 -0.46 51.06 37.14
CA VAL B 357 0.35 51.03 35.93
C VAL B 357 1.77 51.47 36.27
N PHE B 358 2.74 50.65 35.89
CA PHE B 358 4.15 50.95 36.10
C PHE B 358 4.86 50.93 34.75
N PRO B 359 5.27 52.08 34.22
CA PRO B 359 6.00 52.07 32.93
C PRO B 359 7.24 51.21 32.95
N LYS B 360 7.89 51.04 34.11
CA LYS B 360 9.08 50.21 34.23
C LYS B 360 8.80 49.10 35.24
N ILE B 361 8.75 47.87 34.77
CA ILE B 361 8.66 46.69 35.62
C ILE B 361 9.99 45.94 35.52
N MET B 362 10.68 45.79 36.64
CA MET B 362 11.95 45.07 36.67
C MET B 362 11.89 43.98 37.71
N ALA B 363 12.71 42.94 37.50
CA ALA B 363 12.74 41.78 38.38
C ALA B 363 14.13 41.15 38.35
N ASP B 364 14.60 40.73 39.52
CA ASP B 364 15.82 39.94 39.66
C ASP B 364 15.40 38.66 40.38
N ILE B 365 15.05 37.63 39.60
CA ILE B 365 14.60 36.36 40.13
C ILE B 365 15.31 35.25 39.38
N GLY B 366 15.98 34.37 40.12
CA GLY B 366 16.66 33.24 39.53
C GLY B 366 18.15 33.50 39.33
N GLU B 367 18.89 32.41 39.18
CA GLU B 367 20.33 32.46 38.97
C GLU B 367 20.68 31.65 37.72
N GLU B 368 21.60 32.18 36.92
CA GLU B 368 22.04 31.51 35.70
C GLU B 368 23.54 31.19 35.79
N GLN B 369 23.91 29.94 35.51
CA GLN B 369 25.33 29.53 35.53
C GLN B 369 25.78 29.29 34.09
N SER B 370 26.48 30.25 33.50
CA SER B 370 27.03 30.05 32.14
C SER B 370 28.53 30.37 32.16
N ILE B 371 29.34 29.46 31.63
CA ILE B 371 30.80 29.69 31.57
C ILE B 371 31.06 30.67 30.43
N GLU B 372 30.31 30.52 29.34
CA GLU B 372 30.52 31.37 28.16
C GLU B 372 30.26 32.83 28.54
N GLN B 373 29.10 33.10 29.14
CA GLN B 373 28.75 34.50 29.49
C GLN B 373 29.36 34.88 30.84
N SER B 374 30.43 34.19 31.24
CA SER B 374 31.05 34.44 32.57
C SER B 374 29.95 34.67 33.61
N LEU B 375 28.95 33.80 33.62
CA LEU B 375 27.82 34.05 34.53
C LEU B 375 27.95 33.17 35.77
N SER B 376 27.89 33.80 36.93
CA SER B 376 28.01 33.06 38.20
C SER B 376 26.75 33.33 39.01
N THR B 377 26.57 32.60 40.09
CA THR B 377 25.44 32.88 40.98
C THR B 377 25.40 34.35 41.35
N PHE B 378 26.50 34.86 41.91
CA PHE B 378 26.60 36.28 42.23
C PHE B 378 26.51 37.14 40.97
N SER B 379 27.21 36.72 39.90
CA SER B 379 27.31 37.55 38.70
C SER B 379 25.97 37.67 37.98
N SER B 380 25.19 36.59 37.92
CA SER B 380 23.92 36.66 37.21
C SER B 380 22.92 37.54 37.95
N HIS B 381 22.96 37.52 39.28
CA HIS B 381 22.10 38.41 40.05
C HIS B 381 22.55 39.85 39.93
N MET B 382 23.85 40.10 40.17
CA MET B 382 24.36 41.46 40.26
C MET B 382 24.33 42.18 38.92
N LYS B 383 24.54 41.45 37.83
CA LYS B 383 24.45 42.09 36.51
C LYS B 383 23.05 42.57 36.22
N LYS B 384 22.03 41.93 36.82
CA LYS B 384 20.68 42.44 36.73
C LYS B 384 20.46 43.62 37.67
N ILE B 385 21.09 43.58 38.85
CA ILE B 385 20.94 44.67 39.80
C ILE B 385 21.48 45.97 39.22
N VAL B 386 22.66 45.90 38.60
CA VAL B 386 23.24 47.09 37.96
C VAL B 386 22.30 47.62 36.88
N GLU B 387 21.68 46.70 36.12
CA GLU B 387 20.66 47.10 35.15
C GLU B 387 19.53 47.85 35.83
N ILE B 388 18.96 47.27 36.89
CA ILE B 388 17.79 47.85 37.54
C ILE B 388 18.15 49.18 38.18
N VAL B 389 19.25 49.22 38.93
CA VAL B 389 19.64 50.44 39.63
C VAL B 389 19.85 51.58 38.64
N LYS B 390 20.41 51.27 37.47
CA LYS B 390 20.73 52.31 36.49
C LYS B 390 19.46 52.95 35.91
N ASN B 391 18.35 52.21 35.87
CA ASN B 391 17.15 52.69 35.20
C ASN B 391 15.94 52.80 36.13
N ALA B 392 16.12 52.62 37.44
CA ALA B 392 15.01 52.71 38.37
C ALA B 392 14.68 54.18 38.65
N ASP B 393 13.40 54.53 38.48
CA ASP B 393 12.93 55.88 38.77
C ASP B 393 11.55 55.78 39.43
N SER B 394 10.85 56.91 39.50
CA SER B 394 9.55 56.96 40.17
C SER B 394 8.50 56.10 39.47
N ASP B 395 8.70 55.78 38.19
CA ASP B 395 7.76 54.96 37.43
C ASP B 395 8.08 53.47 37.52
N SER B 396 9.06 53.08 38.32
CA SER B 396 9.59 51.72 38.31
C SER B 396 8.99 50.89 39.44
N LEU B 397 8.64 49.65 39.11
CA LEU B 397 8.31 48.62 40.10
C LEU B 397 9.36 47.52 40.00
N VAL B 398 10.00 47.20 41.13
CA VAL B 398 11.16 46.33 41.15
C VAL B 398 10.88 45.14 42.05
N ILE B 399 11.26 43.95 41.57
CA ILE B 399 11.10 42.70 42.31
C ILE B 399 12.49 42.11 42.49
N LEU B 400 12.96 42.07 43.73
CA LEU B 400 14.28 41.54 44.06
C LEU B 400 14.10 40.26 44.88
N ASP B 401 14.50 39.14 44.29
CA ASP B 401 14.40 37.84 44.95
C ASP B 401 15.74 37.45 45.55
N GLU B 402 15.72 37.08 46.83
CA GLU B 402 16.91 36.67 47.57
C GLU B 402 18.02 37.72 47.46
N LEU B 403 17.68 38.94 47.85
CA LEU B 403 18.66 40.02 47.90
C LEU B 403 19.72 39.72 48.95
N GLY B 404 20.99 39.86 48.57
CA GLY B 404 22.08 39.58 49.46
C GLY B 404 22.57 38.14 49.45
N SER B 405 21.89 37.25 48.72
CA SER B 405 22.29 35.86 48.65
C SER B 405 23.36 35.65 47.59
N GLY B 406 24.14 34.59 47.75
CA GLY B 406 25.19 34.26 46.82
C GLY B 406 26.57 34.75 47.21
N THR B 407 26.75 35.21 48.44
CA THR B 407 28.04 35.73 48.88
C THR B 407 28.06 35.75 50.39
N ASP B 408 29.20 36.17 50.94
CA ASP B 408 29.41 36.38 52.38
C ASP B 408 28.20 37.09 52.97
N PRO B 409 27.52 36.47 53.94
CA PRO B 409 26.27 37.06 54.46
C PRO B 409 26.44 38.46 55.03
N VAL B 410 27.58 38.78 55.65
CA VAL B 410 27.74 40.12 56.19
C VAL B 410 27.93 41.13 55.07
N GLU B 411 28.58 40.73 53.96
CA GLU B 411 28.72 41.64 52.84
C GLU B 411 27.46 41.70 51.99
N GLY B 412 26.80 40.56 51.81
CA GLY B 412 25.56 40.56 51.04
C GLY B 412 24.46 41.36 51.72
N ALA B 413 24.36 41.27 53.04
CA ALA B 413 23.37 42.05 53.76
C ALA B 413 23.67 43.54 53.70
N ALA B 414 24.95 43.92 53.65
CA ALA B 414 25.29 45.33 53.48
C ALA B 414 24.98 45.80 52.07
N LEU B 415 25.28 44.97 51.07
CA LEU B 415 24.90 45.30 49.70
C LEU B 415 23.38 45.35 49.55
N ALA B 416 22.68 44.44 50.21
CA ALA B 416 21.22 44.41 50.11
C ALA B 416 20.60 45.70 50.65
N ILE B 417 21.15 46.23 51.74
CA ILE B 417 20.57 47.41 52.36
C ILE B 417 20.85 48.65 51.51
N ALA B 418 22.08 48.78 51.00
CA ALA B 418 22.43 49.93 50.17
C ALA B 418 21.60 49.95 48.88
N ILE B 419 21.36 48.79 48.27
CA ILE B 419 20.59 48.74 47.04
C ILE B 419 19.15 49.18 47.29
N ILE B 420 18.53 48.64 48.34
CA ILE B 420 17.19 49.08 48.73
C ILE B 420 17.16 50.58 48.94
N GLU B 421 18.17 51.11 49.63
CA GLU B 421 18.25 52.55 49.87
C GLU B 421 18.31 53.33 48.56
N ASP B 422 19.09 52.83 47.59
CA ASP B 422 19.23 53.54 46.32
C ASP B 422 17.92 53.55 45.56
N LEU B 423 17.18 52.44 45.57
CA LEU B 423 15.90 52.40 44.86
C LEU B 423 14.86 53.26 45.57
N LEU B 424 14.88 53.28 46.90
CA LEU B 424 13.92 54.10 47.63
C LEU B 424 14.15 55.58 47.38
N GLU B 425 15.41 56.02 47.40
CA GLU B 425 15.70 57.42 47.10
C GLU B 425 15.28 57.79 45.69
N LYS B 426 15.37 56.85 44.75
CA LYS B 426 14.97 57.10 43.38
C LYS B 426 13.47 57.06 43.18
N GLY B 427 12.69 56.80 44.23
CA GLY B 427 11.25 56.79 44.14
C GLY B 427 10.65 55.53 43.59
N ALA B 428 11.36 54.40 43.69
CA ALA B 428 10.89 53.15 43.13
C ALA B 428 10.04 52.39 44.14
N THR B 429 9.14 51.56 43.63
CA THR B 429 8.38 50.63 44.45
C THR B 429 9.04 49.26 44.35
N ILE B 430 9.33 48.65 45.49
CA ILE B 430 10.13 47.43 45.51
C ILE B 430 9.42 46.36 46.31
N PHE B 431 9.61 45.11 45.89
CA PHE B 431 9.12 43.94 46.59
C PHE B 431 10.28 42.96 46.71
N VAL B 432 10.68 42.65 47.94
CA VAL B 432 11.95 41.99 48.22
C VAL B 432 11.71 40.79 49.10
N THR B 433 12.39 39.68 48.77
CA THR B 433 12.52 38.53 49.65
C THR B 433 13.95 38.46 50.16
N THR B 434 14.10 37.99 51.40
CA THR B 434 15.42 37.88 52.01
C THR B 434 15.35 36.88 53.16
N HIS B 435 16.51 36.31 53.49
CA HIS B 435 16.66 35.49 54.68
C HIS B 435 17.83 35.97 55.54
N LEU B 436 18.23 37.23 55.37
CA LEU B 436 19.33 37.81 56.13
C LEU B 436 18.76 38.73 57.21
N THR B 437 19.29 38.58 58.43
CA THR B 437 18.72 39.31 59.56
C THR B 437 18.88 40.82 59.45
N PRO B 438 20.04 41.37 59.08
CA PRO B 438 20.13 42.84 58.98
C PRO B 438 19.15 43.44 57.99
N VAL B 439 18.73 42.69 56.97
CA VAL B 439 17.72 43.20 56.06
C VAL B 439 16.37 43.31 56.76
N LYS B 440 16.02 42.32 57.58
CA LYS B 440 14.79 42.40 58.36
C LYS B 440 14.81 43.60 59.30
N VAL B 441 15.98 43.88 59.89
CA VAL B 441 16.09 45.00 60.81
C VAL B 441 15.99 46.32 60.07
N PHE B 442 16.63 46.42 58.90
CA PHE B 442 16.56 47.66 58.12
C PHE B 442 15.15 47.93 57.63
N ALA B 443 14.35 46.89 57.42
CA ALA B 443 12.98 47.09 56.93
C ALA B 443 12.11 47.74 58.01
N MET B 444 12.26 47.32 59.27
CA MET B 444 11.42 47.89 60.31
C MET B 444 11.97 49.22 60.84
N ASN B 445 13.25 49.51 60.59
CA ASN B 445 13.80 50.81 60.96
C ASN B 445 13.44 51.88 59.94
N HIS B 446 13.28 51.51 58.67
CA HIS B 446 12.98 52.47 57.62
C HIS B 446 11.48 52.72 57.55
N PRO B 447 11.04 53.98 57.66
CA PRO B 447 9.58 54.24 57.63
C PRO B 447 8.92 53.93 56.30
N LEU B 448 9.67 53.89 55.20
CA LEU B 448 9.09 53.56 53.89
C LEU B 448 8.99 52.06 53.65
N LEU B 449 9.50 51.24 54.56
CA LEU B 449 9.55 49.79 54.36
C LEU B 449 8.56 49.09 55.27
N LEU B 450 8.04 47.97 54.80
CA LEU B 450 7.07 47.17 55.53
C LEU B 450 7.56 45.73 55.57
N ASN B 451 7.48 45.11 56.74
CA ASN B 451 7.89 43.73 56.93
C ASN B 451 6.67 42.82 56.92
N ALA B 452 6.79 41.69 56.23
CA ALA B 452 5.78 40.64 56.29
C ALA B 452 6.47 39.30 56.20
N SER B 453 5.76 38.26 56.64
CA SER B 453 6.30 36.92 56.66
C SER B 453 5.23 35.92 56.24
N MET B 454 5.69 34.80 55.69
CA MET B 454 4.79 33.69 55.40
C MET B 454 4.56 32.87 56.67
N GLU B 455 3.31 32.49 56.88
CA GLU B 455 2.91 31.88 58.14
C GLU B 455 3.42 30.44 58.23
N PHE B 456 3.78 30.04 59.45
CA PHE B 456 4.28 28.71 59.74
C PHE B 456 3.46 28.11 60.86
N ASP B 457 2.90 26.91 60.63
CA ASP B 457 2.05 26.26 61.62
C ASP B 457 2.91 25.43 62.56
N PRO B 458 2.92 25.74 63.87
CA PRO B 458 3.80 24.98 64.78
C PRO B 458 3.38 23.55 64.98
N GLU B 459 2.07 23.29 65.13
CA GLU B 459 1.60 21.94 65.42
C GLU B 459 1.75 21.01 64.22
N THR B 460 1.70 21.55 63.00
CA THR B 460 1.83 20.75 61.80
C THR B 460 3.19 20.89 61.13
N LEU B 461 4.06 21.79 61.62
CA LEU B 461 5.41 21.98 61.10
C LEU B 461 5.39 22.17 59.58
N SER B 462 4.50 23.04 59.11
CA SER B 462 4.28 23.20 57.68
C SER B 462 3.92 24.64 57.38
N PRO B 463 4.20 25.13 56.17
CA PRO B 463 3.75 26.47 55.78
C PRO B 463 2.27 26.47 55.44
N THR B 464 1.62 27.59 55.77
CA THR B 464 0.21 27.78 55.50
C THR B 464 -0.04 28.79 54.39
N TYR B 465 1.01 29.43 53.86
CA TYR B 465 0.91 30.35 52.72
C TYR B 465 0.01 31.53 53.03
N ARG B 466 0.07 32.02 54.25
CA ARG B 466 -0.67 33.20 54.68
C ARG B 466 0.28 34.37 54.86
N VAL B 467 -0.12 35.54 54.36
CA VAL B 467 0.71 36.73 54.41
C VAL B 467 0.41 37.49 55.69
N LEU B 468 1.35 37.48 56.63
CA LEU B 468 1.22 38.21 57.88
C LEU B 468 2.02 39.49 57.77
N VAL B 469 1.32 40.62 57.69
CA VAL B 469 1.98 41.92 57.56
C VAL B 469 2.39 42.40 58.94
N GLY B 470 3.63 42.87 59.05
CA GLY B 470 4.14 43.47 60.27
C GLY B 470 5.08 42.60 61.07
N VAL B 471 5.08 41.30 60.84
CA VAL B 471 5.86 40.34 61.62
C VAL B 471 6.95 39.77 60.72
N PRO B 472 8.22 39.87 61.10
CA PRO B 472 9.26 39.13 60.36
C PRO B 472 9.21 37.66 60.70
N GLY B 473 9.83 36.86 59.82
CA GLY B 473 9.84 35.42 60.00
C GLY B 473 11.17 34.81 59.58
N GLY B 474 11.39 33.58 60.04
CA GLY B 474 12.64 32.87 59.83
C GLY B 474 12.47 31.64 58.96
N SER B 475 13.63 31.02 58.63
CA SER B 475 13.65 30.07 57.50
C SER B 475 13.10 28.71 57.89
N HIS B 476 13.24 28.31 59.15
CA HIS B 476 12.78 27.00 59.63
C HIS B 476 13.41 25.87 58.81
N ALA B 477 14.73 25.95 58.64
CA ALA B 477 15.40 25.10 57.66
C ALA B 477 15.38 23.63 58.08
N PHE B 478 15.47 23.36 59.38
CA PHE B 478 15.58 21.97 59.82
C PHE B 478 14.26 21.23 59.63
N GLN B 479 13.14 21.88 59.93
CA GLN B 479 11.84 21.22 59.78
C GLN B 479 11.50 21.03 58.31
N ILE B 480 11.90 21.95 57.44
CA ILE B 480 11.64 21.79 56.02
C ILE B 480 12.57 20.75 55.41
N ALA B 481 13.83 20.71 55.85
CA ALA B 481 14.74 19.66 55.38
C ALA B 481 14.25 18.29 55.83
N GLU B 482 13.66 18.21 57.02
CA GLU B 482 13.09 16.94 57.47
C GLU B 482 11.89 16.55 56.62
N LYS B 483 11.04 17.51 56.27
CA LYS B 483 9.90 17.22 55.40
C LYS B 483 10.34 16.90 53.98
N LEU B 484 11.48 17.44 53.55
CA LEU B 484 11.99 17.16 52.21
C LEU B 484 12.72 15.84 52.12
N GLY B 485 12.87 15.12 53.23
CA GLY B 485 13.40 13.76 53.21
C GLY B 485 14.76 13.58 53.85
N LEU B 486 15.38 14.62 54.38
CA LEU B 486 16.69 14.47 55.00
C LEU B 486 16.59 13.56 56.22
N ASP B 487 17.60 12.69 56.37
CA ASP B 487 17.60 11.74 57.47
C ASP B 487 17.55 12.46 58.81
N LYS B 488 16.76 11.90 59.74
CA LYS B 488 16.69 12.48 61.08
C LYS B 488 18.03 12.46 61.78
N ARG B 489 18.94 11.58 61.38
CA ARG B 489 20.27 11.57 61.95
C ARG B 489 21.01 12.86 61.63
N ILE B 490 21.02 13.27 60.37
CA ILE B 490 21.76 14.46 59.97
C ILE B 490 21.19 15.71 60.61
N ILE B 491 19.88 15.73 60.87
CA ILE B 491 19.25 16.93 61.41
C ILE B 491 19.46 17.02 62.92
N GLU B 492 19.20 15.92 63.65
CA GLU B 492 19.51 15.90 65.07
C GLU B 492 20.98 16.24 65.32
N ASN B 493 21.85 15.88 64.37
CA ASN B 493 23.23 16.33 64.43
C ASN B 493 23.33 17.83 64.21
N ALA B 494 22.59 18.36 63.24
CA ALA B 494 22.67 19.78 62.92
C ALA B 494 22.16 20.65 64.08
N ARG B 495 21.15 20.18 64.80
CA ARG B 495 20.59 20.95 65.91
C ARG B 495 21.45 20.78 67.17
N ASP C 2 -3.28 -26.61 -35.87
CA ASP C 2 -2.58 -27.28 -34.78
C ASP C 2 -2.48 -28.77 -35.05
N TYR C 3 -1.28 -29.22 -35.42
CA TYR C 3 -1.09 -30.62 -35.78
C TYR C 3 -1.16 -31.52 -34.55
N LEU C 4 -0.56 -31.09 -33.44
CA LEU C 4 -0.62 -31.88 -32.22
C LEU C 4 -2.05 -32.05 -31.74
N GLU C 5 -2.84 -30.97 -31.77
CA GLU C 5 -4.22 -31.05 -31.31
C GLU C 5 -5.06 -32.00 -32.17
N SER C 6 -4.77 -32.07 -33.47
CA SER C 6 -5.50 -33.01 -34.33
C SER C 6 -5.24 -34.45 -33.93
N LEU C 7 -4.05 -34.74 -33.41
CA LEU C 7 -3.70 -36.07 -32.94
C LEU C 7 -4.01 -36.30 -31.47
N ASP C 8 -4.69 -35.35 -30.83
CA ASP C 8 -5.12 -35.47 -29.43
C ASP C 8 -3.93 -35.50 -28.47
N PHE C 9 -2.80 -34.93 -28.89
CA PHE C 9 -1.63 -34.82 -28.03
C PHE C 9 -1.94 -34.16 -26.69
N PRO C 10 -2.57 -32.98 -26.62
CA PRO C 10 -2.79 -32.36 -25.30
C PRO C 10 -3.71 -33.17 -24.41
N LYS C 11 -4.68 -33.87 -24.96
CA LYS C 11 -5.58 -34.67 -24.13
C LYS C 11 -4.85 -35.85 -23.48
N VAL C 12 -3.82 -36.37 -24.16
CA VAL C 12 -3.04 -37.47 -23.57
C VAL C 12 -2.12 -36.94 -22.47
N VAL C 13 -1.51 -35.77 -22.70
CA VAL C 13 -0.66 -35.17 -21.68
C VAL C 13 -1.46 -34.91 -20.40
N GLU C 14 -2.75 -34.63 -20.53
CA GLU C 14 -3.58 -34.40 -19.34
C GLU C 14 -3.64 -35.64 -18.47
N ILE C 15 -3.77 -36.83 -19.08
CA ILE C 15 -3.80 -38.06 -18.30
C ILE C 15 -2.53 -38.21 -17.48
N VAL C 16 -1.38 -37.85 -18.07
CA VAL C 16 -0.11 -37.97 -17.36
C VAL C 16 -0.05 -36.96 -16.23
N LYS C 17 -0.65 -35.78 -16.41
CA LYS C 17 -0.58 -34.74 -15.38
C LYS C 17 -1.26 -35.18 -14.09
N LYS C 18 -2.30 -36.01 -14.19
CA LYS C 18 -2.98 -36.49 -12.99
C LYS C 18 -2.08 -37.32 -12.09
N TYR C 19 -0.94 -37.79 -12.61
CA TYR C 19 0.02 -38.55 -11.83
C TYR C 19 1.10 -37.68 -11.21
N ALA C 20 1.17 -36.40 -11.55
CA ALA C 20 2.18 -35.51 -10.99
C ALA C 20 1.96 -35.31 -9.51
N LEU C 21 3.05 -34.96 -8.81
CA LEU C 21 2.97 -34.75 -7.37
C LEU C 21 2.44 -33.37 -7.03
N SER C 22 2.70 -32.38 -7.87
CA SER C 22 2.26 -31.01 -7.63
C SER C 22 2.13 -30.30 -8.95
N ASP C 23 1.71 -29.04 -8.88
CA ASP C 23 1.60 -28.21 -10.08
C ASP C 23 2.95 -28.07 -10.78
N LEU C 24 4.05 -28.17 -10.03
CA LEU C 24 5.38 -28.05 -10.60
C LEU C 24 5.58 -29.00 -11.79
N GLY C 25 5.19 -30.27 -11.61
CA GLY C 25 5.30 -31.21 -12.70
C GLY C 25 4.23 -31.03 -13.76
N ARG C 26 3.06 -30.52 -13.37
CA ARG C 26 2.00 -30.29 -14.35
C ARG C 26 2.36 -29.18 -15.31
N LYS C 27 3.01 -28.11 -14.82
CA LYS C 27 3.46 -27.07 -15.73
C LYS C 27 4.55 -27.57 -16.65
N HIS C 28 5.49 -28.36 -16.11
CA HIS C 28 6.62 -28.81 -16.92
C HIS C 28 6.18 -29.78 -18.01
N LEU C 29 5.16 -30.58 -17.75
CA LEU C 29 4.64 -31.47 -18.78
C LEU C 29 4.08 -30.71 -19.97
N ASP C 30 3.50 -29.52 -19.71
CA ASP C 30 2.96 -28.72 -20.80
C ASP C 30 4.04 -28.21 -21.74
N THR C 31 5.30 -28.22 -21.31
CA THR C 31 6.41 -27.76 -22.13
C THR C 31 7.03 -28.87 -22.97
N LEU C 32 6.67 -30.13 -22.72
CA LEU C 32 7.24 -31.25 -23.45
C LEU C 32 6.57 -31.34 -24.82
N LYS C 33 7.27 -30.86 -25.84
CA LYS C 33 6.82 -30.89 -27.22
C LYS C 33 7.79 -31.72 -28.05
N PRO C 34 7.34 -32.24 -29.20
CA PRO C 34 8.21 -33.14 -29.99
C PRO C 34 9.54 -32.49 -30.33
N THR C 35 10.61 -33.24 -30.13
CA THR C 35 11.97 -32.77 -30.42
C THR C 35 12.72 -33.83 -31.20
N VAL C 36 13.70 -33.37 -31.99
CA VAL C 36 14.47 -34.27 -32.83
C VAL C 36 15.40 -35.14 -31.99
N ASN C 37 15.78 -34.68 -30.80
CA ASN C 37 16.81 -35.28 -29.97
C ASN C 37 16.21 -35.68 -28.62
N PRO C 38 15.47 -36.79 -28.57
CA PRO C 38 14.78 -37.18 -27.33
C PRO C 38 15.45 -38.33 -26.56
N TRP C 39 16.65 -38.76 -26.94
CA TRP C 39 17.28 -39.88 -26.26
C TRP C 39 17.55 -39.57 -24.80
N ASP C 40 17.96 -38.34 -24.49
CA ASP C 40 18.24 -37.98 -23.11
C ASP C 40 16.98 -38.03 -22.26
N GLU C 41 15.90 -37.43 -22.74
CA GLU C 41 14.64 -37.45 -21.99
C GLU C 41 14.15 -38.88 -21.81
N LEU C 42 14.22 -39.70 -22.88
CA LEU C 42 13.71 -41.06 -22.79
C LEU C 42 14.57 -41.93 -21.88
N GLU C 43 15.88 -41.68 -21.84
CA GLU C 43 16.75 -42.46 -20.97
C GLU C 43 16.46 -42.18 -19.50
N LEU C 44 16.18 -40.91 -19.16
CA LEU C 44 15.80 -40.58 -17.79
C LEU C 44 14.50 -41.28 -17.40
N VAL C 45 13.53 -41.30 -18.32
CA VAL C 45 12.27 -42.00 -18.05
C VAL C 45 12.53 -43.49 -17.86
N GLU C 46 13.37 -44.07 -18.70
CA GLU C 46 13.68 -45.49 -18.59
C GLU C 46 14.39 -45.79 -17.27
N GLU C 47 15.36 -44.96 -16.88
CA GLU C 47 16.09 -45.20 -15.65
C GLU C 47 15.17 -45.12 -14.43
N LEU C 48 14.24 -44.16 -14.43
CA LEU C 48 13.31 -44.05 -13.32
C LEU C 48 12.33 -45.21 -13.28
N LEU C 49 11.87 -45.66 -14.45
CA LEU C 49 11.03 -46.85 -14.50
C LEU C 49 11.79 -48.07 -13.99
N ASN C 50 13.07 -48.17 -14.33
CA ASN C 50 13.89 -49.25 -13.78
C ASN C 50 14.00 -49.15 -12.26
N TYR C 51 14.16 -47.92 -11.75
CA TYR C 51 14.24 -47.72 -10.31
C TYR C 51 12.97 -48.17 -9.61
N PHE C 52 11.81 -47.86 -10.20
CA PHE C 52 10.53 -48.24 -9.59
C PHE C 52 10.44 -49.74 -9.37
N ASN C 53 10.86 -50.53 -10.36
CA ASN C 53 10.75 -51.99 -10.26
C ASN C 53 11.82 -52.61 -9.38
N ARG C 54 12.86 -51.85 -9.02
CA ARG C 54 13.92 -52.36 -8.16
C ARG C 54 13.70 -52.01 -6.69
N TRP C 55 13.38 -50.75 -6.39
CA TRP C 55 13.28 -50.28 -5.02
C TRP C 55 11.94 -49.65 -4.68
N GLY C 56 11.01 -49.57 -5.63
CA GLY C 56 9.72 -48.97 -5.36
C GLY C 56 9.70 -47.48 -5.59
N GLU C 57 8.81 -46.78 -4.89
CA GLU C 57 8.69 -45.34 -5.09
C GLU C 57 9.91 -44.62 -4.50
N PRO C 58 10.43 -43.61 -5.19
CA PRO C 58 11.53 -42.82 -4.64
C PRO C 58 11.05 -41.95 -3.50
N PRO C 59 11.97 -41.38 -2.70
CA PRO C 59 11.54 -40.50 -1.61
C PRO C 59 10.85 -39.25 -2.13
N ILE C 60 9.68 -38.96 -1.57
CA ILE C 60 8.76 -37.99 -2.16
C ILE C 60 8.36 -36.91 -1.17
N LYS C 61 8.34 -37.26 0.12
CA LYS C 61 7.84 -36.38 1.17
C LYS C 61 8.41 -34.98 1.06
N GLY C 62 7.52 -33.98 1.05
CA GLY C 62 7.91 -32.59 1.05
C GLY C 62 8.01 -31.95 -0.32
N LEU C 63 7.89 -32.72 -1.40
CA LEU C 63 8.05 -32.17 -2.75
C LEU C 63 6.75 -31.53 -3.24
N ASN C 64 6.32 -30.51 -2.50
CA ASN C 64 5.12 -29.76 -2.86
C ASN C 64 5.48 -28.56 -3.72
N ASP C 65 4.46 -27.80 -4.11
CA ASP C 65 4.65 -26.61 -4.93
C ASP C 65 4.92 -25.40 -4.02
N ILE C 66 6.09 -24.80 -4.17
CA ILE C 66 6.48 -23.65 -3.35
C ILE C 66 6.69 -22.44 -4.24
N SER C 67 5.99 -22.39 -5.38
CA SER C 67 6.15 -21.28 -6.30
C SER C 67 5.70 -19.96 -5.68
N GLN C 68 4.62 -20.00 -4.88
CA GLN C 68 4.13 -18.78 -4.26
C GLN C 68 5.15 -18.20 -3.29
N GLU C 69 5.82 -19.07 -2.53
CA GLU C 69 6.78 -18.60 -1.53
C GLU C 69 8.02 -18.02 -2.19
N VAL C 70 8.47 -18.61 -3.30
CA VAL C 70 9.64 -18.10 -3.99
C VAL C 70 9.34 -16.73 -4.59
N GLU C 71 8.14 -16.57 -5.17
CA GLU C 71 7.73 -15.25 -5.67
C GLU C 71 7.60 -14.25 -4.53
N LYS C 72 7.15 -14.70 -3.36
CA LYS C 72 7.13 -13.84 -2.18
C LYS C 72 8.54 -13.42 -1.78
N VAL C 73 9.48 -14.36 -1.80
CA VAL C 73 10.88 -14.03 -1.58
C VAL C 73 11.39 -13.12 -2.69
N LYS C 74 10.90 -13.32 -3.92
CA LYS C 74 11.38 -12.52 -5.04
C LYS C 74 11.09 -11.03 -4.83
N SER C 75 9.96 -10.71 -4.20
CA SER C 75 9.58 -9.33 -3.97
C SER C 75 10.23 -8.74 -2.72
N GLY C 76 11.10 -9.50 -2.05
CA GLY C 76 11.72 -9.05 -0.82
C GLY C 76 10.88 -9.20 0.42
N SER C 77 9.59 -9.55 0.28
CA SER C 77 8.73 -9.68 1.44
C SER C 77 9.20 -10.85 2.31
N PRO C 78 8.91 -10.80 3.61
CA PRO C 78 9.29 -11.91 4.49
C PRO C 78 8.25 -13.01 4.52
N LEU C 79 8.71 -14.21 4.81
CA LEU C 79 7.83 -15.38 4.84
C LEU C 79 7.25 -15.57 6.23
N GLU C 80 6.03 -16.08 6.27
CA GLU C 80 5.41 -16.48 7.52
C GLU C 80 6.02 -17.80 8.00
N PRO C 81 5.83 -18.16 9.27
CA PRO C 81 6.34 -19.46 9.75
C PRO C 81 5.83 -20.63 8.94
N TRP C 82 4.56 -20.61 8.53
CA TRP C 82 4.04 -21.73 7.73
C TRP C 82 4.67 -21.75 6.34
N GLU C 83 5.01 -20.59 5.79
CA GLU C 83 5.72 -20.56 4.51
C GLU C 83 7.16 -21.04 4.68
N LEU C 84 7.82 -20.61 5.76
CA LEU C 84 9.18 -21.07 6.01
C LEU C 84 9.21 -22.58 6.26
N LEU C 85 8.19 -23.10 6.93
CA LEU C 85 8.12 -24.55 7.17
C LEU C 85 7.92 -25.30 5.86
N ARG C 86 7.02 -24.83 5.00
CA ARG C 86 6.75 -25.52 3.74
C ARG C 86 7.99 -25.52 2.85
N VAL C 87 8.75 -24.43 2.86
CA VAL C 87 9.96 -24.38 2.04
C VAL C 87 11.05 -25.26 2.66
N SER C 88 11.09 -25.35 3.98
CA SER C 88 12.10 -26.17 4.64
C SER C 88 11.91 -27.64 4.27
N VAL C 89 10.71 -28.18 4.46
CA VAL C 89 10.46 -29.58 4.15
C VAL C 89 10.70 -29.85 2.67
N PHE C 90 10.43 -28.87 1.80
CA PHE C 90 10.76 -29.01 0.40
C PHE C 90 12.27 -29.10 0.20
N LEU C 91 13.01 -28.13 0.75
CA LEU C 91 14.47 -28.17 0.64
C LEU C 91 15.04 -29.43 1.29
N GLU C 92 14.44 -29.88 2.38
CA GLU C 92 14.84 -31.16 2.97
C GLU C 92 14.54 -32.30 2.02
N GLY C 93 13.38 -32.26 1.35
CA GLY C 93 13.05 -33.29 0.38
C GLY C 93 13.99 -33.31 -0.81
N CYS C 94 14.53 -32.15 -1.18
CA CYS C 94 15.53 -32.12 -2.25
C CYS C 94 16.78 -32.87 -1.83
N ASP C 95 17.25 -32.64 -0.59
CA ASP C 95 18.47 -33.27 -0.12
C ASP C 95 18.33 -34.79 -0.08
N ILE C 96 17.18 -35.29 0.36
CA ILE C 96 16.96 -36.73 0.42
C ILE C 96 16.90 -37.32 -0.98
N LEU C 97 16.29 -36.60 -1.93
CA LEU C 97 16.21 -37.09 -3.30
C LEU C 97 17.60 -37.17 -3.92
N LYS C 98 18.42 -36.15 -3.70
CA LYS C 98 19.80 -36.18 -4.20
C LYS C 98 20.58 -37.30 -3.56
N LYS C 99 20.39 -37.52 -2.25
CA LYS C 99 21.14 -38.56 -1.56
C LYS C 99 20.73 -39.95 -2.05
N GLU C 100 19.44 -40.14 -2.36
CA GLU C 100 18.97 -41.46 -2.75
C GLU C 100 19.53 -41.87 -4.11
N PHE C 101 19.41 -40.99 -5.11
CA PHE C 101 19.96 -41.30 -6.43
C PHE C 101 21.48 -41.32 -6.44
N GLU C 102 22.12 -40.82 -5.39
CA GLU C 102 23.58 -40.83 -5.33
C GLU C 102 24.13 -42.21 -4.99
N LYS C 103 23.40 -42.99 -4.18
CA LYS C 103 23.83 -44.33 -3.82
C LYS C 103 23.30 -45.40 -4.76
N ARG C 104 22.84 -45.01 -5.95
CA ARG C 104 22.26 -45.94 -6.91
C ARG C 104 23.12 -46.01 -8.17
N GLU C 105 22.76 -46.94 -9.05
CA GLU C 105 23.51 -47.22 -10.27
C GLU C 105 22.98 -46.50 -11.50
N TYR C 106 21.87 -45.79 -11.39
CA TYR C 106 21.28 -45.08 -12.52
C TYR C 106 22.07 -43.79 -12.73
N SER C 107 22.82 -43.72 -13.83
CA SER C 107 23.80 -42.66 -14.01
C SER C 107 23.14 -41.34 -14.37
N ARG C 108 22.22 -41.36 -15.34
CA ARG C 108 21.62 -40.11 -15.80
C ARG C 108 20.75 -39.48 -14.72
N LEU C 109 20.07 -40.29 -13.90
CA LEU C 109 19.33 -39.74 -12.77
C LEU C 109 20.27 -39.17 -11.73
N LYS C 110 21.36 -39.88 -11.45
CA LYS C 110 22.33 -39.41 -10.46
C LYS C 110 22.99 -38.12 -10.92
N GLU C 111 23.34 -38.02 -12.20
CA GLU C 111 24.03 -36.84 -12.70
C GLU C 111 23.10 -35.63 -12.77
N THR C 112 21.85 -35.85 -13.18
CA THR C 112 20.93 -34.74 -13.37
C THR C 112 20.60 -34.05 -12.05
N PHE C 113 20.29 -34.84 -11.02
CA PHE C 113 19.85 -34.29 -9.75
C PHE C 113 20.98 -34.12 -8.75
N SER C 114 22.22 -34.45 -9.13
CA SER C 114 23.37 -34.00 -8.37
C SER C 114 23.55 -32.49 -8.43
N ARG C 115 22.77 -31.80 -9.27
CA ARG C 115 22.75 -30.35 -9.33
C ARG C 115 21.82 -29.73 -8.29
N LEU C 116 21.17 -30.55 -7.47
CA LEU C 116 20.31 -30.03 -6.40
C LEU C 116 21.19 -29.52 -5.26
N SER C 117 21.13 -28.21 -5.01
CA SER C 117 21.92 -27.61 -3.94
C SER C 117 21.15 -27.70 -2.63
N SER C 118 21.77 -28.31 -1.62
CA SER C 118 21.14 -28.44 -0.32
C SER C 118 21.02 -27.08 0.38
N PHE C 119 20.09 -26.99 1.32
CA PHE C 119 19.96 -25.78 2.13
C PHE C 119 20.06 -26.13 3.60
N ARG C 120 21.09 -26.93 3.92
CA ARG C 120 21.46 -27.30 5.28
C ARG C 120 21.41 -26.12 6.24
N GLU C 121 22.00 -24.99 5.86
CA GLU C 121 22.01 -23.82 6.73
C GLU C 121 20.60 -23.32 7.00
N PHE C 122 19.77 -23.27 5.96
CA PHE C 122 18.39 -22.80 6.12
C PHE C 122 17.55 -23.82 6.87
N VAL C 123 17.77 -25.12 6.63
CA VAL C 123 16.97 -26.15 7.27
C VAL C 123 17.27 -26.21 8.76
N GLU C 124 18.54 -26.04 9.14
CA GLU C 124 18.90 -26.05 10.55
C GLU C 124 18.22 -24.92 11.30
N GLU C 125 18.31 -23.70 10.75
CA GLU C 125 17.78 -22.53 11.45
C GLU C 125 16.26 -22.56 11.54
N VAL C 126 15.59 -23.02 10.48
CA VAL C 126 14.13 -23.06 10.50
C VAL C 126 13.64 -24.09 11.51
N ASN C 127 14.26 -25.27 11.53
CA ASN C 127 13.88 -26.28 12.49
C ASN C 127 14.27 -25.89 13.91
N ARG C 128 15.23 -24.98 14.07
CA ARG C 128 15.63 -24.53 15.39
C ARG C 128 14.75 -23.40 15.90
N CYS C 129 14.30 -22.50 15.02
CA CYS C 129 13.58 -21.31 15.44
C CYS C 129 12.07 -21.44 15.39
N ILE C 130 11.54 -22.35 14.58
CA ILE C 130 10.10 -22.44 14.31
C ILE C 130 9.60 -23.84 14.64
N GLU C 131 8.57 -23.92 15.48
CA GLU C 131 8.00 -25.18 15.89
C GLU C 131 7.04 -25.72 14.82
N GLN C 132 6.52 -26.92 15.06
CA GLN C 132 5.69 -27.59 14.05
C GLN C 132 4.37 -26.86 13.85
N ASP C 133 3.75 -26.38 14.94
CA ASP C 133 2.47 -25.70 14.83
C ASP C 133 2.58 -24.28 14.28
N GLY C 134 3.79 -23.77 14.07
CA GLY C 134 3.99 -22.45 13.53
C GLY C 134 4.47 -21.42 14.54
N GLU C 135 4.49 -21.75 15.82
CA GLU C 135 4.97 -20.81 16.83
C GLU C 135 6.48 -20.68 16.75
N ILE C 136 6.98 -19.55 17.24
CA ILE C 136 8.40 -19.31 17.36
C ILE C 136 8.84 -19.81 18.74
N SER C 137 9.86 -20.65 18.78
CA SER C 137 10.34 -21.20 20.04
C SER C 137 11.23 -20.20 20.76
N ASP C 138 11.37 -20.41 22.08
CA ASP C 138 12.19 -19.51 22.89
C ASP C 138 13.65 -19.53 22.46
N ARG C 139 14.12 -20.66 21.94
CA ARG C 139 15.53 -20.80 21.56
C ARG C 139 15.90 -19.97 20.34
N ALA C 140 14.93 -19.36 19.66
CA ALA C 140 15.21 -18.64 18.43
C ALA C 140 16.30 -17.59 18.64
N SER C 141 16.24 -16.86 19.75
CA SER C 141 17.23 -15.84 20.07
C SER C 141 17.23 -15.65 21.58
N PRO C 142 18.35 -15.18 22.14
CA PRO C 142 18.35 -14.89 23.58
C PRO C 142 17.42 -13.75 23.95
N ARG C 143 17.27 -12.74 23.09
CA ARG C 143 16.38 -11.63 23.41
C ARG C 143 14.94 -12.09 23.51
N LEU C 144 14.49 -12.93 22.57
CA LEU C 144 13.11 -13.41 22.61
C LEU C 144 12.85 -14.23 23.86
N ARG C 145 13.84 -15.01 24.29
CA ARG C 145 13.70 -15.78 25.52
C ARG C 145 13.58 -14.87 26.74
N GLU C 146 14.38 -13.80 26.79
CA GLU C 146 14.31 -12.89 27.92
C GLU C 146 13.04 -12.07 27.90
N ILE C 147 12.58 -11.69 26.71
CA ILE C 147 11.32 -10.95 26.60
C ILE C 147 10.16 -11.80 27.14
N ARG C 148 10.08 -13.05 26.69
CA ARG C 148 8.95 -13.90 27.09
C ARG C 148 9.02 -14.26 28.57
N THR C 149 10.23 -14.40 29.13
CA THR C 149 10.36 -14.60 30.57
C THR C 149 9.95 -13.34 31.33
N GLU C 150 10.41 -12.18 30.88
CA GLU C 150 10.00 -10.92 31.48
C GLU C 150 8.50 -10.71 31.33
N LYS C 151 7.96 -11.05 30.16
CA LYS C 151 6.53 -10.85 29.91
C LYS C 151 5.68 -11.76 30.79
N LYS C 152 6.07 -13.02 30.95
CA LYS C 152 5.27 -13.96 31.72
C LYS C 152 5.25 -13.58 33.20
N ARG C 153 6.40 -13.21 33.75
CA ARG C 153 6.45 -12.84 35.16
C ARG C 153 5.67 -11.55 35.43
N LEU C 154 5.84 -10.55 34.56
CA LEU C 154 5.09 -9.32 34.70
C LEU C 154 3.59 -9.57 34.61
N SER C 155 3.18 -10.52 33.76
CA SER C 155 1.76 -10.79 33.56
C SER C 155 1.11 -11.30 34.83
N SER C 156 1.82 -12.13 35.60
CA SER C 156 1.26 -12.61 36.86
C SER C 156 1.35 -11.54 37.94
N GLU C 157 2.37 -10.69 37.90
CA GLU C 157 2.53 -9.63 38.89
C GLU C 157 1.43 -8.58 38.75
N ILE C 158 1.04 -8.27 37.51
CA ILE C 158 0.02 -7.25 37.30
C ILE C 158 -1.36 -7.77 37.71
N LYS C 159 -1.60 -9.07 37.55
CA LYS C 159 -2.87 -9.64 38.02
C LYS C 159 -2.88 -9.79 39.54
N ARG C 160 -1.73 -10.11 40.13
CA ARG C 160 -1.64 -10.18 41.59
C ARG C 160 -1.89 -8.83 42.22
N LYS C 161 -1.31 -7.77 41.64
CA LYS C 161 -1.53 -6.43 42.17
C LYS C 161 -2.95 -5.94 41.93
N ALA C 162 -3.56 -6.32 40.80
CA ALA C 162 -4.94 -5.93 40.53
C ALA C 162 -5.89 -6.55 41.54
N ASP C 163 -5.65 -7.81 41.90
CA ASP C 163 -6.46 -8.44 42.94
C ASP C 163 -6.20 -7.79 44.30
N ASP C 164 -4.99 -7.31 44.54
CA ASP C 164 -4.71 -6.58 45.78
C ASP C 164 -5.44 -5.25 45.82
N PHE C 165 -5.57 -4.60 44.67
CA PHE C 165 -6.24 -3.30 44.62
C PHE C 165 -7.72 -3.44 44.97
N VAL C 166 -8.41 -4.37 44.31
CA VAL C 166 -9.84 -4.57 44.58
C VAL C 166 -10.05 -4.96 46.04
N ARG C 167 -9.13 -5.75 46.59
CA ARG C 167 -9.29 -6.22 47.97
C ARG C 167 -9.16 -5.08 48.97
N THR C 168 -8.28 -4.12 48.70
CA THR C 168 -8.01 -3.04 49.65
C THR C 168 -8.78 -1.76 49.37
N HIS C 169 -9.01 -1.42 48.10
CA HIS C 169 -9.68 -0.16 47.75
C HIS C 169 -11.18 -0.32 47.57
N SER C 170 -11.83 -1.15 48.38
CA SER C 170 -13.26 -1.41 48.19
C SER C 170 -14.11 -0.19 48.50
N GLN C 171 -13.64 0.68 49.40
CA GLN C 171 -14.45 1.82 49.83
C GLN C 171 -14.70 2.79 48.69
N ILE C 172 -13.80 2.83 47.69
CA ILE C 172 -13.96 3.73 46.55
C ILE C 172 -14.49 3.03 45.31
N LEU C 173 -14.53 1.69 45.31
CA LEU C 173 -15.00 0.97 44.14
C LEU C 173 -16.53 0.91 44.13
N GLN C 174 -17.10 1.03 42.93
CA GLN C 174 -18.55 0.90 42.80
C GLN C 174 -18.99 -0.54 43.00
N GLU C 175 -18.35 -1.47 42.28
CA GLU C 175 -18.53 -2.90 42.51
C GLU C 175 -17.15 -3.52 42.69
N GLN C 176 -17.12 -4.66 43.38
CA GLN C 176 -15.86 -5.36 43.68
C GLN C 176 -15.47 -6.21 42.48
N MET C 177 -14.74 -5.59 41.55
CA MET C 177 -14.39 -6.23 40.28
C MET C 177 -13.37 -5.35 39.57
N TYR C 178 -12.88 -5.84 38.44
CA TYR C 178 -12.10 -5.01 37.52
C TYR C 178 -12.39 -5.45 36.09
N VAL C 179 -12.08 -4.55 35.16
CA VAL C 179 -12.31 -4.79 33.74
C VAL C 179 -10.98 -4.81 33.02
N TYR C 180 -10.91 -5.60 31.95
CA TYR C 180 -9.71 -5.72 31.12
C TYR C 180 -10.09 -5.36 29.69
N ARG C 181 -9.69 -4.17 29.25
CA ARG C 181 -10.00 -3.70 27.90
C ARG C 181 -8.73 -3.26 27.20
N ASP C 182 -8.54 -3.76 25.97
CA ASP C 182 -7.42 -3.37 25.12
C ASP C 182 -6.07 -3.63 25.80
N GLY C 183 -5.95 -4.80 26.41
CA GLY C 183 -4.70 -5.17 27.06
C GLY C 183 -4.34 -4.27 28.22
N ARG C 184 -5.32 -3.85 29.01
CA ARG C 184 -5.11 -2.82 30.02
C ARG C 184 -6.13 -3.01 31.14
N TYR C 185 -5.66 -2.92 32.38
CA TYR C 185 -6.50 -3.13 33.55
C TYR C 185 -7.20 -1.83 33.94
N LEU C 186 -8.51 -1.89 34.11
CA LEU C 186 -9.32 -0.74 34.50
C LEU C 186 -10.17 -1.10 35.71
N PHE C 187 -10.57 -0.07 36.45
CA PHE C 187 -11.28 -0.29 37.70
C PHE C 187 -12.51 0.60 37.78
N PRO C 188 -13.64 0.08 38.27
CA PRO C 188 -14.85 0.90 38.39
C PRO C 188 -14.90 1.66 39.71
N VAL C 189 -14.41 2.89 39.72
CA VAL C 189 -14.40 3.74 40.91
C VAL C 189 -15.61 4.66 40.85
N LYS C 190 -16.28 4.83 42.00
CA LYS C 190 -17.40 5.75 42.11
C LYS C 190 -17.00 7.14 41.62
N ALA C 191 -17.93 7.80 40.94
CA ALA C 191 -17.71 9.20 40.57
C ALA C 191 -17.52 10.09 41.78
N SER C 192 -18.01 9.65 42.95
CA SER C 192 -17.89 10.46 44.16
C SER C 192 -16.43 10.68 44.56
N MET C 193 -15.56 9.70 44.29
CA MET C 193 -14.16 9.77 44.70
C MET C 193 -13.24 9.52 43.52
N LYS C 194 -13.51 10.15 42.38
CA LYS C 194 -12.60 10.06 41.25
C LYS C 194 -11.25 10.70 41.55
N ASN C 195 -11.14 11.49 42.61
CA ASN C 195 -9.89 12.11 43.01
C ASN C 195 -9.22 11.40 44.17
N ALA C 196 -9.83 10.31 44.68
CA ALA C 196 -9.23 9.59 45.79
C ALA C 196 -7.93 8.92 45.37
N VAL C 197 -7.87 8.41 44.15
CA VAL C 197 -6.67 7.78 43.61
C VAL C 197 -6.32 8.44 42.29
N ARG C 198 -5.09 8.91 42.17
CA ARG C 198 -4.66 9.56 40.93
C ARG C 198 -4.54 8.54 39.81
N GLY C 199 -4.95 8.93 38.61
CA GLY C 199 -4.90 8.03 37.48
C GLY C 199 -5.40 8.59 36.17
N ILE C 200 -5.88 7.72 35.29
CA ILE C 200 -6.34 8.09 33.96
C ILE C 200 -7.73 7.51 33.77
N VAL C 201 -8.72 8.38 33.61
CA VAL C 201 -10.09 7.94 33.33
C VAL C 201 -10.18 7.54 31.87
N HIS C 202 -10.89 6.45 31.59
CA HIS C 202 -11.14 5.97 30.24
C HIS C 202 -12.57 6.20 29.78
N HIS C 203 -13.54 5.90 30.64
CA HIS C 203 -14.95 6.17 30.34
C HIS C 203 -15.66 6.57 31.61
N LEU C 204 -16.68 7.40 31.46
CA LEU C 204 -17.69 7.61 32.48
C LEU C 204 -18.89 6.72 32.18
N SER C 205 -19.66 6.41 33.22
CA SER C 205 -20.83 5.56 33.03
C SER C 205 -21.93 6.34 32.32
N SER C 206 -22.95 5.61 31.87
CA SER C 206 -24.15 6.27 31.37
C SER C 206 -24.83 7.07 32.47
N SER C 207 -24.93 6.48 33.66
CA SER C 207 -25.50 7.19 34.80
C SER C 207 -24.56 8.26 35.34
N GLY C 208 -23.29 8.24 34.96
CA GLY C 208 -22.33 9.15 35.55
C GLY C 208 -22.00 8.83 36.99
N ALA C 209 -22.23 7.59 37.42
CA ALA C 209 -21.99 7.19 38.80
C ALA C 209 -20.63 6.55 39.02
N THR C 210 -20.08 5.85 38.02
CA THR C 210 -18.80 5.18 38.16
C THR C 210 -17.86 5.62 37.04
N VAL C 211 -16.60 5.80 37.39
CA VAL C 211 -15.55 6.21 36.45
C VAL C 211 -14.60 5.04 36.28
N PHE C 212 -14.47 4.55 35.05
CA PHE C 212 -13.53 3.49 34.74
C PHE C 212 -12.15 4.10 34.51
N LEU C 213 -11.24 3.86 35.44
CA LEU C 213 -9.91 4.46 35.39
C LEU C 213 -8.86 3.45 35.78
N GLU C 214 -7.60 3.78 35.48
CA GLU C 214 -6.46 2.98 35.91
C GLU C 214 -5.56 3.85 36.78
N PRO C 215 -5.31 3.47 38.03
CA PRO C 215 -4.41 4.27 38.88
C PRO C 215 -3.01 4.34 38.30
N ASP C 216 -2.24 5.30 38.83
CA ASP C 216 -0.91 5.59 38.29
C ASP C 216 -0.03 4.35 38.27
N GLU C 217 -0.09 3.54 39.34
CA GLU C 217 0.75 2.35 39.39
C GLU C 217 0.42 1.38 38.27
N PHE C 218 -0.84 1.34 37.83
CA PHE C 218 -1.23 0.47 36.74
C PHE C 218 -1.00 1.10 35.38
N VAL C 219 -0.88 2.43 35.31
CA VAL C 219 -0.53 3.08 34.05
C VAL C 219 0.86 2.63 33.60
N GLU C 220 1.80 2.56 34.54
CA GLU C 220 3.15 2.11 34.19
C GLU C 220 3.24 0.60 34.05
N LEU C 221 2.45 -0.15 34.81
CA LEU C 221 2.46 -1.60 34.68
C LEU C 221 1.80 -2.04 33.37
N ASN C 222 0.64 -1.46 33.04
CA ASN C 222 0.00 -1.78 31.77
C ASN C 222 0.86 -1.33 30.60
N ASN C 223 1.55 -0.19 30.74
CA ASN C 223 2.45 0.26 29.69
C ASN C 223 3.67 -0.66 29.57
N ARG C 224 4.10 -1.26 30.68
CA ARG C 224 5.21 -2.21 30.62
C ARG C 224 4.81 -3.49 29.90
N VAL C 225 3.53 -3.87 30.01
CA VAL C 225 3.05 -5.05 29.29
C VAL C 225 3.02 -4.76 27.78
N ARG C 226 2.58 -3.56 27.40
CA ARG C 226 2.49 -3.21 25.99
C ARG C 226 3.87 -3.18 25.34
N LEU C 227 4.84 -2.56 26.01
CA LEU C 227 6.18 -2.46 25.44
C LEU C 227 6.81 -3.83 25.23
N LEU C 228 6.53 -4.78 26.12
CA LEU C 228 7.05 -6.12 25.94
C LEU C 228 6.31 -6.87 24.83
N GLU C 229 4.99 -6.74 24.78
CA GLU C 229 4.25 -7.31 23.66
C GLU C 229 4.72 -6.73 22.34
N GLU C 230 5.00 -5.43 22.32
CA GLU C 230 5.57 -4.82 21.12
C GLU C 230 6.97 -5.35 20.86
N GLU C 231 7.83 -5.32 21.88
CA GLU C 231 9.21 -5.77 21.71
C GLU C 231 9.27 -7.22 21.22
N GLU C 232 8.39 -8.08 21.74
CA GLU C 232 8.32 -9.44 21.21
C GLU C 232 7.91 -9.45 19.75
N ARG C 233 7.00 -8.55 19.37
CA ARG C 233 6.56 -8.46 17.98
C ARG C 233 7.71 -8.07 17.06
N LEU C 234 8.58 -7.15 17.51
CA LEU C 234 9.70 -6.73 16.69
C LEU C 234 10.79 -7.79 16.61
N GLU C 235 11.00 -8.55 17.70
CA GLU C 235 12.05 -9.56 17.68
C GLU C 235 11.63 -10.78 16.87
N ILE C 236 10.33 -11.09 16.86
CA ILE C 236 9.83 -12.18 16.01
C ILE C 236 9.99 -11.80 14.54
N SER C 237 9.60 -10.56 14.19
CA SER C 237 9.70 -10.12 12.80
C SER C 237 11.15 -10.11 12.34
N ARG C 238 12.08 -9.76 13.24
CA ARG C 238 13.50 -9.77 12.88
C ARG C 238 13.98 -11.17 12.57
N ILE C 239 13.47 -12.17 13.30
CA ILE C 239 13.88 -13.55 13.06
C ILE C 239 13.34 -14.03 11.71
N LEU C 240 12.05 -13.86 11.48
CA LEU C 240 11.46 -14.23 10.20
C LEU C 240 12.07 -13.42 9.05
N ARG C 241 12.54 -12.20 9.34
CA ARG C 241 13.21 -11.42 8.31
C ARG C 241 14.57 -12.02 7.99
N GLN C 242 15.29 -12.51 9.00
CA GLN C 242 16.59 -13.11 8.75
C GLN C 242 16.48 -14.51 8.19
N LEU C 243 15.47 -15.27 8.59
CA LEU C 243 15.25 -16.59 8.00
C LEU C 243 14.89 -16.46 6.52
N THR C 244 13.95 -15.58 6.19
CA THR C 244 13.62 -15.33 4.80
C THR C 244 14.83 -14.82 4.02
N ASN C 245 15.75 -14.13 4.69
CA ASN C 245 16.92 -13.60 4.00
C ASN C 245 17.87 -14.70 3.55
N ILE C 246 17.93 -15.81 4.28
CA ILE C 246 18.81 -16.91 3.90
C ILE C 246 18.41 -17.45 2.52
N LEU C 247 17.10 -17.55 2.26
CA LEU C 247 16.64 -17.92 0.94
C LEU C 247 16.87 -16.80 -0.07
N LEU C 248 16.49 -15.58 0.31
CA LEU C 248 16.60 -14.44 -0.60
C LEU C 248 18.04 -14.23 -1.06
N SER C 249 19.02 -14.54 -0.21
CA SER C 249 20.41 -14.43 -0.63
C SER C 249 20.74 -15.41 -1.74
N ARG C 250 20.25 -16.63 -1.63
CA ARG C 250 20.53 -17.68 -2.61
C ARG C 250 19.35 -17.92 -3.53
N LEU C 251 18.77 -16.82 -4.03
CA LEU C 251 17.58 -16.91 -4.88
C LEU C 251 17.87 -17.68 -6.17
N ASN C 252 19.14 -17.68 -6.63
CA ASN C 252 19.48 -18.43 -7.84
C ASN C 252 19.44 -19.92 -7.57
N ASP C 253 20.08 -20.38 -6.48
CA ASP C 253 20.03 -21.80 -6.14
C ASP C 253 18.62 -22.22 -5.75
N LEU C 254 17.83 -21.29 -5.22
CA LEU C 254 16.45 -21.62 -4.85
C LEU C 254 15.58 -21.79 -6.08
N GLU C 255 15.81 -20.98 -7.11
CA GLU C 255 15.06 -21.13 -8.35
C GLU C 255 15.50 -22.36 -9.14
N ARG C 256 16.72 -22.83 -8.92
CA ARG C 256 17.20 -24.03 -9.61
C ARG C 256 16.61 -25.29 -9.00
N ASN C 257 16.52 -25.35 -7.66
CA ASN C 257 15.98 -26.54 -7.02
C ASN C 257 14.52 -26.75 -7.37
N VAL C 258 13.76 -25.66 -7.53
CA VAL C 258 12.34 -25.80 -7.85
C VAL C 258 12.15 -26.18 -9.30
N GLU C 259 13.06 -25.76 -10.19
CA GLU C 259 12.98 -26.18 -11.58
C GLU C 259 13.44 -27.62 -11.75
N LEU C 260 14.36 -28.09 -10.89
CA LEU C 260 14.82 -29.47 -10.95
C LEU C 260 13.77 -30.43 -10.37
N ILE C 261 13.07 -30.02 -9.33
CA ILE C 261 12.01 -30.84 -8.78
C ILE C 261 10.84 -30.93 -9.78
N ALA C 262 10.53 -29.82 -10.44
CA ALA C 262 9.53 -29.86 -11.50
C ALA C 262 9.94 -30.83 -12.61
N ARG C 263 11.24 -30.96 -12.85
CA ARG C 263 11.72 -31.94 -13.82
C ARG C 263 11.54 -33.36 -13.30
N PHE C 264 11.92 -33.61 -12.05
CA PHE C 264 11.72 -34.92 -11.46
C PHE C 264 10.23 -35.27 -11.36
N ASP C 265 9.41 -34.26 -11.05
CA ASP C 265 7.97 -34.50 -10.94
C ASP C 265 7.39 -34.99 -12.26
N SER C 266 7.88 -34.47 -13.38
CA SER C 266 7.37 -34.88 -14.68
C SER C 266 7.83 -36.29 -15.03
N LEU C 267 9.08 -36.63 -14.72
CA LEU C 267 9.52 -38.01 -14.88
C LEU C 267 8.74 -38.95 -13.98
N TYR C 268 8.44 -38.51 -12.76
CA TYR C 268 7.66 -39.32 -11.84
C TYR C 268 6.28 -39.60 -12.38
N ALA C 269 5.62 -38.57 -12.92
CA ALA C 269 4.28 -38.75 -13.48
C ALA C 269 4.30 -39.66 -14.71
N ARG C 270 5.29 -39.47 -15.59
CA ARG C 270 5.38 -40.31 -16.78
C ARG C 270 5.62 -41.77 -16.43
N VAL C 271 6.39 -42.03 -15.37
CA VAL C 271 6.66 -43.40 -14.97
C VAL C 271 5.40 -44.03 -14.38
N LYS C 272 4.71 -43.31 -13.50
CA LYS C 272 3.45 -43.82 -12.96
C LYS C 272 2.43 -44.04 -14.07
N PHE C 273 2.51 -43.26 -15.15
CA PHE C 273 1.62 -43.47 -16.28
C PHE C 273 1.97 -44.75 -17.04
N ALA C 274 3.25 -45.14 -17.05
CA ALA C 274 3.64 -46.36 -17.74
C ALA C 274 3.30 -47.60 -16.91
N ARG C 275 3.48 -47.54 -15.59
CA ARG C 275 3.16 -48.69 -14.77
C ARG C 275 1.66 -48.95 -14.72
N GLU C 276 0.85 -47.91 -14.90
CA GLU C 276 -0.59 -48.09 -14.95
C GLU C 276 -1.04 -48.64 -16.30
N PHE C 277 -0.49 -48.10 -17.39
CA PHE C 277 -0.89 -48.47 -18.73
C PHE C 277 -0.05 -49.60 -19.33
N ASN C 278 0.84 -50.20 -18.52
CA ASN C 278 1.76 -51.23 -19.00
C ASN C 278 2.57 -50.73 -20.19
N GLY C 279 3.12 -49.53 -20.05
CA GLY C 279 3.82 -48.88 -21.13
C GLY C 279 5.29 -49.28 -21.26
N THR C 280 5.87 -48.91 -22.39
CA THR C 280 7.26 -49.20 -22.71
C THR C 280 7.93 -47.93 -23.18
N VAL C 281 9.23 -47.82 -22.89
CA VAL C 281 10.03 -46.70 -23.36
C VAL C 281 10.55 -47.05 -24.75
N VAL C 282 9.88 -46.52 -25.77
CA VAL C 282 10.31 -46.75 -27.15
C VAL C 282 11.37 -45.73 -27.49
N LYS C 283 12.52 -46.20 -27.94
CA LYS C 283 13.53 -45.24 -28.32
C LYS C 283 13.57 -45.10 -29.84
N PRO C 284 13.99 -43.93 -30.35
CA PRO C 284 13.98 -43.71 -31.81
C PRO C 284 14.68 -44.83 -32.57
N SER C 285 14.10 -45.17 -33.71
CA SER C 285 14.60 -46.28 -34.53
C SER C 285 14.53 -45.86 -36.00
N SER C 286 14.64 -46.84 -36.89
CA SER C 286 14.50 -46.61 -38.32
C SER C 286 13.19 -47.13 -38.90
N ARG C 287 12.39 -47.83 -38.10
CA ARG C 287 11.19 -48.49 -38.58
C ARG C 287 9.95 -47.95 -37.86
N ILE C 288 8.79 -48.17 -38.48
CA ILE C 288 7.50 -47.89 -37.87
C ILE C 288 6.79 -49.23 -37.75
N ARG C 289 6.70 -49.74 -36.52
CA ARG C 289 6.01 -51.00 -36.28
C ARG C 289 5.35 -50.92 -34.91
N LEU C 290 4.03 -51.08 -34.88
CA LEU C 290 3.25 -51.05 -33.66
C LEU C 290 2.96 -52.47 -33.22
N VAL C 291 3.34 -52.80 -31.99
CA VAL C 291 3.14 -54.14 -31.44
C VAL C 291 2.17 -54.00 -30.28
N ASN C 292 0.90 -54.30 -30.52
CA ASN C 292 -0.15 -54.25 -29.50
C ASN C 292 -0.28 -52.85 -28.88
N ALA C 293 -0.29 -51.84 -29.75
CA ALA C 293 -0.44 -50.47 -29.28
C ALA C 293 -1.87 -50.22 -28.82
N ARG C 294 -2.02 -49.67 -27.63
CA ARG C 294 -3.32 -49.36 -27.04
C ARG C 294 -3.46 -47.85 -26.90
N HIS C 295 -4.44 -47.29 -27.60
CA HIS C 295 -4.66 -45.84 -27.54
C HIS C 295 -5.08 -45.44 -26.13
N PRO C 296 -4.37 -44.51 -25.49
CA PRO C 296 -4.67 -44.19 -24.08
C PRO C 296 -6.04 -43.56 -23.87
N LEU C 297 -6.63 -42.95 -24.88
CA LEU C 297 -7.92 -42.31 -24.74
C LEU C 297 -9.08 -43.30 -24.78
N ILE C 298 -8.83 -44.55 -25.10
CA ILE C 298 -9.86 -45.60 -25.12
C ILE C 298 -9.81 -46.32 -23.78
N PRO C 299 -10.94 -46.52 -23.10
CA PRO C 299 -10.91 -47.24 -21.83
C PRO C 299 -10.36 -48.65 -22.00
N LYS C 300 -9.71 -49.14 -20.94
CA LYS C 300 -9.10 -50.46 -21.01
C LYS C 300 -10.13 -51.57 -21.22
N GLU C 301 -11.37 -51.35 -20.77
CA GLU C 301 -12.42 -52.35 -20.94
C GLU C 301 -12.88 -52.48 -22.38
N ARG C 302 -12.54 -51.54 -23.25
CA ARG C 302 -12.93 -51.59 -24.66
C ARG C 302 -11.75 -51.62 -25.63
N VAL C 303 -10.57 -51.20 -25.21
CA VAL C 303 -9.47 -51.01 -26.16
C VAL C 303 -9.04 -52.35 -26.73
N VAL C 304 -8.72 -52.34 -28.02
CA VAL C 304 -8.16 -53.51 -28.72
C VAL C 304 -6.77 -53.11 -29.21
N PRO C 305 -5.72 -53.84 -28.84
CA PRO C 305 -4.36 -53.45 -29.24
C PRO C 305 -4.19 -53.52 -30.76
N ILE C 306 -3.44 -52.55 -31.28
CA ILE C 306 -3.23 -52.39 -32.72
C ILE C 306 -1.87 -52.93 -33.09
N ASN C 307 -1.82 -53.75 -34.15
CA ASN C 307 -0.57 -54.25 -34.70
C ASN C 307 -0.45 -53.80 -36.14
N LEU C 308 0.71 -53.27 -36.50
CA LEU C 308 0.91 -52.59 -37.78
C LEU C 308 2.39 -52.38 -38.03
N GLU C 309 2.87 -52.70 -39.23
CA GLU C 309 4.26 -52.44 -39.59
C GLU C 309 4.32 -51.86 -41.00
N LEU C 310 5.02 -50.74 -41.13
CA LEU C 310 5.34 -50.20 -42.45
C LEU C 310 6.69 -50.74 -42.89
N PRO C 311 6.77 -51.47 -44.00
CA PRO C 311 8.05 -52.01 -44.45
C PRO C 311 9.01 -50.90 -44.86
N PRO C 312 10.32 -51.18 -44.91
CA PRO C 312 11.27 -50.11 -45.23
C PRO C 312 11.20 -49.64 -46.66
N ASN C 313 10.75 -50.48 -47.60
CA ASN C 313 10.59 -50.07 -48.98
C ASN C 313 9.31 -49.28 -49.22
N LYS C 314 8.48 -49.10 -48.20
CA LYS C 314 7.18 -48.46 -48.35
C LYS C 314 7.18 -47.08 -47.71
N ARG C 315 6.43 -46.17 -48.33
CA ARG C 315 6.27 -44.82 -47.83
C ARG C 315 4.83 -44.44 -47.53
N GLY C 316 3.86 -45.26 -47.94
CA GLY C 316 2.46 -44.91 -47.80
C GLY C 316 1.64 -46.04 -47.25
N PHE C 317 0.69 -45.70 -46.38
CA PHE C 317 -0.20 -46.66 -45.74
C PHE C 317 -1.63 -46.18 -45.97
N ILE C 318 -2.37 -46.91 -46.80
CA ILE C 318 -3.74 -46.55 -47.14
C ILE C 318 -4.68 -47.47 -46.38
N ILE C 319 -5.47 -46.89 -45.47
CA ILE C 319 -6.36 -47.64 -44.59
C ILE C 319 -7.79 -47.44 -45.06
N THR C 320 -8.44 -48.54 -45.41
CA THR C 320 -9.86 -48.54 -45.74
C THR C 320 -10.59 -49.49 -44.80
N GLY C 321 -11.89 -49.63 -45.01
CA GLY C 321 -12.69 -50.52 -44.20
C GLY C 321 -14.00 -49.92 -43.74
N PRO C 322 -14.69 -50.62 -42.85
CA PRO C 322 -16.04 -50.20 -42.47
C PRO C 322 -16.05 -48.85 -41.77
N ASN C 323 -17.20 -48.17 -41.88
CA ASN C 323 -17.46 -47.04 -41.00
C ASN C 323 -17.49 -47.53 -39.56
N MET C 324 -17.07 -46.64 -38.64
CA MET C 324 -16.93 -46.97 -37.23
C MET C 324 -15.97 -48.11 -36.99
N GLY C 325 -15.03 -48.33 -37.92
CA GLY C 325 -14.12 -49.45 -37.89
C GLY C 325 -12.72 -49.15 -37.39
N GLY C 326 -12.46 -47.94 -36.92
CA GLY C 326 -11.15 -47.60 -36.40
C GLY C 326 -10.12 -47.16 -37.41
N LYS C 327 -10.54 -46.73 -38.60
CA LYS C 327 -9.57 -46.24 -39.58
C LYS C 327 -8.84 -45.00 -39.06
N THR C 328 -9.60 -44.00 -38.63
CA THR C 328 -8.99 -42.75 -38.17
C THR C 328 -8.20 -42.94 -36.88
N VAL C 329 -8.75 -43.71 -35.93
CA VAL C 329 -8.04 -43.92 -34.67
C VAL C 329 -6.71 -44.62 -34.91
N THR C 330 -6.70 -45.60 -35.82
CA THR C 330 -5.47 -46.30 -36.15
C THR C 330 -4.44 -45.34 -36.74
N VAL C 331 -4.85 -44.52 -37.71
CA VAL C 331 -3.94 -43.55 -38.29
C VAL C 331 -3.55 -42.49 -37.26
N LYS C 332 -4.44 -42.20 -36.30
CA LYS C 332 -4.10 -41.28 -35.23
C LYS C 332 -3.06 -41.87 -34.30
N THR C 333 -3.03 -43.19 -34.17
CA THR C 333 -2.11 -43.82 -33.22
C THR C 333 -0.66 -43.68 -33.69
N VAL C 334 -0.41 -43.87 -34.97
CA VAL C 334 0.96 -43.73 -35.50
C VAL C 334 1.47 -42.32 -35.29
N GLY C 335 0.63 -41.32 -35.60
CA GLY C 335 1.06 -39.94 -35.41
C GLY C 335 1.21 -39.56 -33.95
N LEU C 336 0.29 -40.02 -33.11
CA LEU C 336 0.35 -39.68 -31.69
C LEU C 336 1.54 -40.35 -31.01
N PHE C 337 1.72 -41.65 -31.24
CA PHE C 337 2.82 -42.37 -30.61
C PHE C 337 4.17 -41.85 -31.08
N THR C 338 4.25 -41.36 -32.33
CA THR C 338 5.47 -40.72 -32.80
C THR C 338 5.72 -39.41 -32.07
N ALA C 339 4.68 -38.57 -31.95
CA ALA C 339 4.84 -37.29 -31.26
C ALA C 339 5.12 -37.50 -29.78
N LEU C 340 4.46 -38.47 -29.15
CA LEU C 340 4.69 -38.75 -27.73
C LEU C 340 6.13 -39.22 -27.51
N MET C 341 6.58 -40.18 -28.32
CA MET C 341 7.93 -40.69 -28.19
C MET C 341 8.96 -39.59 -28.38
N MET C 342 8.73 -38.70 -29.34
CA MET C 342 9.64 -37.58 -29.55
C MET C 342 9.63 -36.59 -28.39
N SER C 343 8.54 -36.56 -27.62
CA SER C 343 8.40 -35.66 -26.49
C SER C 343 8.96 -36.23 -25.20
N GLY C 344 9.50 -37.45 -25.23
CA GLY C 344 10.03 -38.07 -24.04
C GLY C 344 9.01 -38.81 -23.20
N PHE C 345 7.97 -39.35 -23.81
CA PHE C 345 6.95 -40.09 -23.08
C PHE C 345 7.07 -41.58 -23.34
N PRO C 346 6.76 -42.42 -22.36
CA PRO C 346 6.58 -43.85 -22.64
C PRO C 346 5.25 -44.06 -23.37
N LEU C 347 5.10 -45.27 -23.92
CA LEU C 347 3.98 -45.55 -24.80
C LEU C 347 3.25 -46.82 -24.36
N PRO C 348 1.91 -46.79 -24.28
CA PRO C 348 1.17 -48.01 -23.94
C PRO C 348 1.16 -49.00 -25.09
N CYS C 349 2.14 -49.89 -25.09
CA CYS C 349 2.31 -50.88 -26.15
C CYS C 349 3.22 -51.97 -25.61
N ASP C 350 3.46 -52.99 -26.43
CA ASP C 350 4.33 -54.09 -26.06
C ASP C 350 5.74 -53.87 -26.58
N GLU C 351 6.71 -54.41 -25.87
CA GLU C 351 8.10 -54.35 -26.30
C GLU C 351 8.23 -54.94 -27.70
N GLY C 352 9.04 -54.28 -28.53
CA GLY C 352 9.10 -54.57 -29.96
C GLY C 352 8.57 -53.44 -30.81
N THR C 353 7.84 -52.50 -30.22
CA THR C 353 7.36 -51.33 -30.94
C THR C 353 8.53 -50.48 -31.41
N GLU C 354 8.49 -50.06 -32.67
CA GLU C 354 9.55 -49.23 -33.26
C GLU C 354 8.92 -48.00 -33.89
N LEU C 355 9.57 -46.85 -33.70
CA LEU C 355 9.07 -45.59 -34.22
C LEU C 355 10.25 -44.73 -34.67
N LYS C 356 10.04 -43.97 -35.73
CA LYS C 356 11.07 -43.11 -36.31
C LYS C 356 10.83 -41.66 -35.93
N VAL C 357 11.92 -40.92 -35.73
CA VAL C 357 11.82 -39.49 -35.50
C VAL C 357 11.48 -38.80 -36.82
N PHE C 358 10.45 -37.97 -36.79
CA PHE C 358 10.06 -37.18 -37.96
C PHE C 358 10.07 -35.70 -37.58
N PRO C 359 11.05 -34.93 -38.05
CA PRO C 359 11.07 -33.50 -37.72
C PRO C 359 9.78 -32.77 -38.04
N LYS C 360 9.14 -33.08 -39.15
CA LYS C 360 7.86 -32.49 -39.51
C LYS C 360 6.76 -33.53 -39.32
N ILE C 361 5.73 -33.16 -38.56
CA ILE C 361 4.55 -33.98 -38.36
C ILE C 361 3.33 -33.14 -38.74
N MET C 362 2.69 -33.48 -39.86
CA MET C 362 1.51 -32.78 -40.32
C MET C 362 0.32 -33.73 -40.31
N ALA C 363 -0.88 -33.18 -40.10
CA ALA C 363 -2.06 -34.02 -39.96
C ALA C 363 -3.30 -33.23 -40.36
N ASP C 364 -4.07 -33.76 -41.31
CA ASP C 364 -5.35 -33.21 -41.71
C ASP C 364 -6.45 -34.16 -41.21
N ILE C 365 -6.91 -33.91 -39.99
CA ILE C 365 -7.97 -34.71 -39.37
C ILE C 365 -9.10 -33.77 -38.97
N GLY C 366 -10.31 -34.11 -39.38
CA GLY C 366 -11.47 -33.33 -39.02
C GLY C 366 -11.67 -32.14 -39.93
N GLU C 367 -12.93 -31.67 -39.97
CA GLU C 367 -13.31 -30.52 -40.77
C GLU C 367 -13.79 -29.39 -39.87
N GLU C 368 -13.77 -28.18 -40.41
CA GLU C 368 -14.25 -26.99 -39.71
C GLU C 368 -15.17 -26.22 -40.63
N GLN C 369 -16.39 -25.94 -40.16
CA GLN C 369 -17.35 -25.12 -40.89
C GLN C 369 -17.38 -23.74 -40.23
N SER C 370 -16.85 -22.74 -40.93
CA SER C 370 -16.86 -21.37 -40.44
C SER C 370 -17.36 -20.46 -41.54
N ILE C 371 -18.46 -19.75 -41.28
CA ILE C 371 -18.92 -18.74 -42.20
C ILE C 371 -18.04 -17.50 -42.13
N GLU C 372 -17.60 -17.13 -40.92
CA GLU C 372 -16.79 -15.93 -40.77
C GLU C 372 -15.40 -16.11 -41.37
N GLN C 373 -14.80 -17.28 -41.17
CA GLN C 373 -13.43 -17.51 -41.64
C GLN C 373 -13.37 -18.09 -43.04
N SER C 374 -14.52 -18.34 -43.67
CA SER C 374 -14.61 -18.83 -45.05
C SER C 374 -14.10 -20.27 -45.15
N LEU C 375 -14.64 -21.13 -44.29
CA LEU C 375 -14.23 -22.54 -44.23
C LEU C 375 -15.43 -23.41 -44.56
N SER C 376 -15.33 -24.15 -45.65
CA SER C 376 -16.31 -25.17 -46.02
C SER C 376 -15.72 -26.55 -45.74
N THR C 377 -16.55 -27.58 -45.92
CA THR C 377 -16.06 -28.95 -45.80
C THR C 377 -14.83 -29.16 -46.66
N PHE C 378 -14.89 -28.70 -47.92
CA PHE C 378 -13.75 -28.80 -48.81
C PHE C 378 -12.67 -27.77 -48.47
N SER C 379 -13.08 -26.56 -48.09
CA SER C 379 -12.11 -25.51 -47.78
C SER C 379 -11.35 -25.83 -46.51
N SER C 380 -12.03 -26.38 -45.49
CA SER C 380 -11.37 -26.71 -44.23
C SER C 380 -10.26 -27.73 -44.45
N HIS C 381 -10.56 -28.81 -45.17
CA HIS C 381 -9.50 -29.72 -45.53
C HIS C 381 -8.51 -28.92 -46.37
N MET C 382 -8.88 -28.60 -47.62
CA MET C 382 -7.90 -28.16 -48.62
C MET C 382 -6.89 -27.16 -48.07
N LYS C 383 -7.37 -26.11 -47.36
CA LYS C 383 -6.45 -25.13 -46.78
C LYS C 383 -5.37 -25.78 -45.95
N LYS C 384 -5.69 -26.89 -45.27
CA LYS C 384 -4.65 -27.61 -44.54
C LYS C 384 -3.77 -28.44 -45.47
N ILE C 385 -4.33 -29.15 -46.46
CA ILE C 385 -3.47 -29.91 -47.36
C ILE C 385 -2.51 -28.99 -48.11
N VAL C 386 -2.96 -27.78 -48.47
CA VAL C 386 -2.07 -26.87 -49.21
C VAL C 386 -0.77 -26.64 -48.45
N GLU C 387 -0.88 -26.24 -47.18
CA GLU C 387 0.32 -25.99 -46.37
C GLU C 387 1.16 -27.25 -46.25
N ILE C 388 0.52 -28.41 -46.09
CA ILE C 388 1.24 -29.65 -45.89
C ILE C 388 2.12 -29.96 -47.11
N VAL C 389 1.62 -29.69 -48.31
CA VAL C 389 2.43 -29.89 -49.51
C VAL C 389 3.56 -28.86 -49.56
N LYS C 390 3.27 -27.61 -49.22
CA LYS C 390 4.28 -26.56 -49.32
C LYS C 390 5.45 -26.80 -48.37
N ASN C 391 5.17 -27.48 -47.25
CA ASN C 391 6.23 -27.71 -46.24
C ASN C 391 6.46 -29.21 -46.08
N ALA C 392 6.69 -29.93 -47.17
CA ALA C 392 6.81 -31.39 -47.07
C ALA C 392 8.14 -31.86 -47.67
N ASP C 393 8.71 -32.90 -47.09
CA ASP C 393 10.04 -33.36 -47.54
C ASP C 393 10.35 -34.75 -46.98
N SER C 394 11.62 -35.09 -46.89
CA SER C 394 12.05 -36.43 -46.42
C SER C 394 11.87 -36.56 -44.91
N ASP C 395 11.56 -35.46 -44.22
CA ASP C 395 11.49 -35.49 -42.78
C ASP C 395 10.04 -35.38 -42.28
N SER C 396 9.08 -35.43 -43.19
CA SER C 396 7.68 -35.17 -42.88
C SER C 396 6.91 -36.47 -42.73
N LEU C 397 6.18 -36.61 -41.64
CA LEU C 397 5.19 -37.66 -41.46
C LEU C 397 3.81 -37.02 -41.58
N VAL C 398 3.06 -37.44 -42.60
CA VAL C 398 1.80 -36.80 -42.96
C VAL C 398 0.66 -37.77 -42.66
N ILE C 399 -0.40 -37.24 -42.04
CA ILE C 399 -1.57 -38.03 -41.63
C ILE C 399 -2.79 -37.33 -42.19
N LEU C 400 -3.32 -37.82 -43.32
CA LEU C 400 -4.53 -37.26 -43.92
C LEU C 400 -5.62 -38.33 -43.86
N ASP C 401 -6.66 -38.06 -43.06
CA ASP C 401 -7.79 -38.98 -42.97
C ASP C 401 -8.91 -38.50 -43.88
N GLU C 402 -9.65 -39.48 -44.44
CA GLU C 402 -10.76 -39.22 -45.36
C GLU C 402 -10.29 -38.38 -46.56
N LEU C 403 -9.12 -38.71 -47.09
CA LEU C 403 -8.57 -37.96 -48.21
C LEU C 403 -9.45 -38.08 -49.44
N GLY C 404 -9.69 -36.95 -50.09
CA GLY C 404 -10.51 -36.90 -51.29
C GLY C 404 -11.98 -36.76 -51.04
N SER C 405 -12.44 -36.86 -49.80
CA SER C 405 -13.84 -36.69 -49.50
C SER C 405 -14.21 -35.21 -49.46
N GLY C 406 -15.51 -34.94 -49.44
CA GLY C 406 -16.00 -33.58 -49.40
C GLY C 406 -16.25 -32.94 -50.75
N THR C 407 -16.18 -33.70 -51.84
CA THR C 407 -16.41 -33.18 -53.17
C THR C 407 -16.83 -34.33 -54.07
N ASP C 408 -17.04 -34.03 -55.35
CA ASP C 408 -17.44 -35.01 -56.35
C ASP C 408 -16.45 -36.18 -56.34
N PRO C 409 -16.92 -37.40 -56.06
CA PRO C 409 -15.99 -38.53 -55.89
C PRO C 409 -15.13 -38.81 -57.12
N VAL C 410 -15.47 -38.27 -58.28
CA VAL C 410 -14.65 -38.50 -59.47
C VAL C 410 -13.39 -37.66 -59.38
N GLU C 411 -13.55 -36.33 -59.39
CA GLU C 411 -12.39 -35.46 -59.26
C GLU C 411 -11.80 -35.49 -57.86
N GLY C 412 -12.60 -35.84 -56.85
CA GLY C 412 -12.06 -36.02 -55.52
C GLY C 412 -11.08 -37.17 -55.44
N ALA C 413 -11.35 -38.24 -56.17
CA ALA C 413 -10.40 -39.35 -56.24
C ALA C 413 -9.14 -38.94 -57.01
N ALA C 414 -9.30 -38.16 -58.09
CA ALA C 414 -8.15 -37.70 -58.85
C ALA C 414 -7.25 -36.79 -58.01
N LEU C 415 -7.85 -35.85 -57.27
CA LEU C 415 -7.04 -34.97 -56.43
C LEU C 415 -6.29 -35.75 -55.37
N ALA C 416 -6.91 -36.79 -54.82
CA ALA C 416 -6.24 -37.62 -53.82
C ALA C 416 -5.01 -38.29 -54.42
N ILE C 417 -5.14 -38.81 -55.64
CA ILE C 417 -4.00 -39.44 -56.32
C ILE C 417 -2.87 -38.44 -56.49
N ALA C 418 -3.16 -37.29 -57.10
CA ALA C 418 -2.13 -36.30 -57.35
C ALA C 418 -1.52 -35.77 -56.06
N ILE C 419 -2.29 -35.74 -54.98
CA ILE C 419 -1.75 -35.31 -53.70
C ILE C 419 -0.85 -36.40 -53.11
N ILE C 420 -1.34 -37.65 -53.11
CA ILE C 420 -0.53 -38.77 -52.65
C ILE C 420 0.76 -38.83 -53.44
N GLU C 421 0.68 -38.64 -54.76
CA GLU C 421 1.86 -38.64 -55.60
C GLU C 421 2.85 -37.58 -55.15
N ASP C 422 2.41 -36.32 -55.13
CA ASP C 422 3.29 -35.19 -54.79
C ASP C 422 3.98 -35.40 -53.45
N LEU C 423 3.25 -35.88 -52.45
CA LEU C 423 3.86 -36.10 -51.14
C LEU C 423 4.92 -37.19 -51.20
N LEU C 424 4.71 -38.22 -52.02
CA LEU C 424 5.75 -39.23 -52.21
C LEU C 424 6.94 -38.64 -52.95
N GLU C 425 6.70 -37.79 -53.96
CA GLU C 425 7.80 -37.19 -54.70
C GLU C 425 8.69 -36.36 -53.79
N LYS C 426 8.12 -35.75 -52.75
CA LYS C 426 8.90 -35.03 -51.76
C LYS C 426 9.62 -35.96 -50.80
N GLY C 427 9.33 -37.26 -50.84
CA GLY C 427 9.98 -38.20 -49.94
C GLY C 427 9.32 -38.32 -48.59
N ALA C 428 8.03 -38.03 -48.49
CA ALA C 428 7.35 -38.05 -47.20
C ALA C 428 6.87 -39.47 -46.87
N THR C 429 6.66 -39.71 -45.58
CA THR C 429 5.99 -40.90 -45.09
C THR C 429 4.56 -40.53 -44.76
N ILE C 430 3.60 -41.22 -45.37
CA ILE C 430 2.21 -40.80 -45.36
C ILE C 430 1.32 -41.94 -44.87
N PHE C 431 0.39 -41.62 -43.98
CA PHE C 431 -0.62 -42.54 -43.49
C PHE C 431 -1.97 -41.92 -43.77
N VAL C 432 -2.79 -42.58 -44.58
CA VAL C 432 -4.00 -41.96 -45.12
C VAL C 432 -5.16 -42.93 -45.06
N THR C 433 -6.32 -42.44 -44.65
CA THR C 433 -7.57 -43.18 -44.72
C THR C 433 -8.42 -42.65 -45.87
N THR C 434 -9.23 -43.53 -46.46
CA THR C 434 -10.09 -43.17 -47.58
C THR C 434 -11.20 -44.19 -47.71
N HIS C 435 -12.26 -43.79 -48.42
CA HIS C 435 -13.32 -44.72 -48.80
C HIS C 435 -13.63 -44.65 -50.29
N LEU C 436 -12.80 -43.96 -51.07
CA LEU C 436 -12.98 -43.88 -52.52
C LEU C 436 -12.30 -45.08 -53.19
N THR C 437 -13.08 -45.82 -53.97
CA THR C 437 -12.53 -47.00 -54.64
C THR C 437 -11.35 -46.70 -55.57
N PRO C 438 -11.36 -45.63 -56.38
CA PRO C 438 -10.18 -45.37 -57.22
C PRO C 438 -8.88 -45.27 -56.45
N VAL C 439 -8.93 -44.89 -55.17
CA VAL C 439 -7.69 -44.79 -54.38
C VAL C 439 -7.22 -46.17 -53.94
N LYS C 440 -8.15 -47.03 -53.53
CA LYS C 440 -7.77 -48.40 -53.15
C LYS C 440 -7.12 -49.13 -54.33
N VAL C 441 -7.65 -48.92 -55.53
CA VAL C 441 -7.11 -49.59 -56.72
C VAL C 441 -5.69 -49.09 -57.01
N PHE C 442 -5.48 -47.78 -56.88
CA PHE C 442 -4.16 -47.20 -57.14
C PHE C 442 -3.12 -47.75 -56.18
N ALA C 443 -3.45 -47.79 -54.89
CA ALA C 443 -2.52 -48.31 -53.89
C ALA C 443 -2.26 -49.80 -54.06
N MET C 444 -3.10 -50.50 -54.83
CA MET C 444 -2.94 -51.94 -54.98
C MET C 444 -1.68 -52.30 -55.75
N ASN C 445 -1.26 -51.46 -56.69
CA ASN C 445 -0.12 -51.78 -57.54
C ASN C 445 1.01 -50.76 -57.48
N HIS C 446 0.91 -49.74 -56.65
CA HIS C 446 1.99 -48.75 -56.59
C HIS C 446 3.18 -49.33 -55.83
N PRO C 447 4.40 -49.13 -56.32
CA PRO C 447 5.59 -49.63 -55.61
C PRO C 447 5.69 -49.18 -54.16
N LEU C 448 5.58 -47.88 -53.90
CA LEU C 448 5.83 -47.34 -52.57
C LEU C 448 4.62 -47.43 -51.64
N LEU C 449 3.47 -47.86 -52.13
CA LEU C 449 2.26 -47.92 -51.31
C LEU C 449 1.96 -49.35 -50.87
N LEU C 450 0.97 -49.44 -49.98
CA LEU C 450 0.52 -50.74 -49.46
C LEU C 450 -0.87 -50.55 -48.87
N ASN C 451 -1.83 -51.33 -49.35
CA ASN C 451 -3.20 -51.24 -48.88
C ASN C 451 -3.36 -51.95 -47.54
N ALA C 452 -4.19 -51.37 -46.67
CA ALA C 452 -4.56 -52.00 -45.41
C ALA C 452 -6.02 -51.73 -45.14
N SER C 453 -6.63 -52.59 -44.34
CA SER C 453 -8.06 -52.47 -44.06
C SER C 453 -8.35 -52.95 -42.66
N MET C 454 -9.34 -52.31 -42.04
CA MET C 454 -9.80 -52.71 -40.72
C MET C 454 -10.79 -53.86 -40.85
N GLU C 455 -10.61 -54.90 -40.03
CA GLU C 455 -11.40 -56.11 -40.17
C GLU C 455 -12.86 -55.88 -39.76
N PHE C 456 -13.77 -56.34 -40.59
CA PHE C 456 -15.19 -56.41 -40.25
C PHE C 456 -15.59 -57.88 -40.18
N ASP C 457 -16.19 -58.29 -39.06
CA ASP C 457 -16.56 -59.69 -38.87
C ASP C 457 -17.92 -59.94 -39.50
N PRO C 458 -17.99 -60.72 -40.59
CA PRO C 458 -19.30 -61.00 -41.21
C PRO C 458 -20.20 -61.84 -40.33
N GLU C 459 -19.66 -62.50 -39.30
CA GLU C 459 -20.46 -63.32 -38.41
C GLU C 459 -21.20 -62.47 -37.39
N THR C 460 -20.48 -61.65 -36.64
CA THR C 460 -21.09 -60.80 -35.62
C THR C 460 -21.54 -59.45 -36.15
N LEU C 461 -21.25 -59.14 -37.41
CA LEU C 461 -21.66 -57.89 -38.05
C LEU C 461 -21.18 -56.69 -37.23
N SER C 462 -19.87 -56.59 -37.09
CA SER C 462 -19.28 -55.58 -36.22
C SER C 462 -17.78 -55.47 -36.52
N PRO C 463 -17.20 -54.29 -36.38
CA PRO C 463 -15.75 -54.16 -36.52
C PRO C 463 -15.02 -54.80 -35.35
N THR C 464 -13.80 -55.27 -35.64
CA THR C 464 -12.97 -55.91 -34.63
C THR C 464 -11.72 -55.11 -34.29
N TYR C 465 -11.46 -54.01 -35.02
CA TYR C 465 -10.31 -53.14 -34.78
C TYR C 465 -8.99 -53.89 -34.95
N ARG C 466 -9.00 -54.92 -35.78
CA ARG C 466 -7.80 -55.62 -36.20
C ARG C 466 -7.39 -55.13 -37.58
N VAL C 467 -6.10 -54.93 -37.78
CA VAL C 467 -5.58 -54.34 -39.01
C VAL C 467 -5.18 -55.47 -39.95
N LEU C 468 -5.82 -55.53 -41.11
CA LEU C 468 -5.57 -56.54 -42.14
C LEU C 468 -4.66 -55.91 -43.19
N VAL C 469 -3.37 -56.25 -43.14
CA VAL C 469 -2.39 -55.66 -44.04
C VAL C 469 -2.40 -56.41 -45.36
N GLY C 470 -2.41 -55.67 -46.47
CA GLY C 470 -2.36 -56.22 -47.79
C GLY C 470 -3.70 -56.28 -48.51
N VAL C 471 -4.81 -56.36 -47.78
CA VAL C 471 -6.14 -56.48 -48.35
C VAL C 471 -6.89 -55.17 -48.13
N PRO C 472 -7.60 -54.61 -49.13
CA PRO C 472 -8.41 -53.43 -48.90
C PRO C 472 -9.89 -53.75 -48.74
N GLY C 473 -10.73 -52.74 -48.89
CA GLY C 473 -12.19 -52.98 -48.93
C GLY C 473 -12.95 -52.74 -47.66
N GLY C 474 -14.18 -52.25 -47.79
CA GLY C 474 -15.06 -52.12 -46.63
C GLY C 474 -15.79 -50.81 -46.60
N SER C 475 -16.83 -50.71 -45.78
CA SER C 475 -17.60 -49.47 -45.55
C SER C 475 -18.83 -49.97 -44.81
N HIS C 476 -19.40 -51.07 -45.29
CA HIS C 476 -20.57 -51.71 -44.63
C HIS C 476 -21.55 -50.64 -44.13
N ALA C 477 -21.76 -49.59 -44.93
CA ALA C 477 -22.64 -48.49 -44.54
C ALA C 477 -24.02 -48.98 -44.14
N PHE C 478 -24.57 -49.93 -44.88
CA PHE C 478 -25.97 -50.35 -44.60
C PHE C 478 -26.02 -51.08 -43.26
N GLN C 479 -25.04 -51.92 -43.01
CA GLN C 479 -25.06 -52.73 -41.77
C GLN C 479 -24.68 -51.86 -40.57
N ILE C 480 -23.79 -50.89 -40.77
CA ILE C 480 -23.45 -49.95 -39.67
C ILE C 480 -24.70 -49.13 -39.34
N ALA C 481 -25.26 -48.45 -40.33
CA ALA C 481 -26.44 -47.59 -40.10
C ALA C 481 -27.55 -48.42 -39.45
N GLU C 482 -27.62 -49.71 -39.71
CA GLU C 482 -28.62 -50.48 -38.98
C GLU C 482 -28.28 -50.56 -37.51
N LYS C 483 -27.01 -50.84 -37.18
CA LYS C 483 -26.61 -50.93 -35.77
C LYS C 483 -26.82 -49.61 -35.05
N LEU C 484 -26.67 -48.48 -35.76
CA LEU C 484 -26.93 -47.18 -35.18
C LEU C 484 -28.42 -46.91 -35.00
N GLY C 485 -29.29 -47.73 -35.59
CA GLY C 485 -30.74 -47.57 -35.39
C GLY C 485 -31.49 -46.93 -36.54
N LEU C 486 -30.96 -46.93 -37.75
CA LEU C 486 -31.75 -46.43 -38.91
C LEU C 486 -32.96 -47.33 -39.13
N ASP C 487 -34.13 -46.74 -39.39
CA ASP C 487 -35.43 -47.45 -39.60
C ASP C 487 -35.31 -48.95 -39.89
N LYS C 488 -34.85 -49.34 -41.09
CA LYS C 488 -34.79 -50.75 -41.57
C LYS C 488 -35.51 -50.74 -42.92
N ARG C 489 -36.71 -50.14 -42.96
CA ARG C 489 -37.42 -49.98 -44.23
C ARG C 489 -36.59 -49.06 -45.12
N ILE C 490 -35.87 -48.12 -44.51
CA ILE C 490 -35.01 -47.18 -45.28
C ILE C 490 -33.81 -47.97 -45.81
N ILE C 491 -33.33 -48.92 -45.04
CA ILE C 491 -32.18 -49.75 -45.47
C ILE C 491 -32.68 -50.71 -46.54
N GLU C 492 -33.78 -51.40 -46.26
CA GLU C 492 -34.39 -52.33 -47.23
C GLU C 492 -34.56 -51.59 -48.56
N ASN C 493 -34.99 -50.33 -48.52
CA ASN C 493 -35.12 -49.62 -49.78
C ASN C 493 -33.75 -49.24 -50.34
N ALA C 494 -32.80 -48.92 -49.48
CA ALA C 494 -31.46 -48.56 -49.94
C ALA C 494 -30.76 -49.75 -50.58
N ARG C 495 -30.99 -50.95 -50.06
CA ARG C 495 -30.37 -52.14 -50.62
C ARG C 495 -31.07 -52.66 -51.87
N SER C 496 -32.20 -52.08 -52.26
CA SER C 496 -32.96 -52.56 -53.42
C SER C 496 -32.70 -51.72 -54.66
N MET D 1 -30.68 -33.05 -30.19
CA MET D 1 -31.86 -32.20 -30.29
C MET D 1 -31.47 -30.75 -30.54
N ASP D 2 -30.19 -30.44 -30.39
CA ASP D 2 -29.70 -29.07 -30.56
C ASP D 2 -29.28 -28.84 -32.01
N TYR D 3 -30.28 -28.75 -32.87
CA TYR D 3 -30.08 -28.36 -34.25
C TYR D 3 -29.83 -26.85 -34.39
N LEU D 4 -30.18 -26.07 -33.37
CA LEU D 4 -29.95 -24.64 -33.42
C LEU D 4 -28.46 -24.32 -33.48
N GLU D 5 -27.64 -25.09 -32.76
CA GLU D 5 -26.19 -24.89 -32.82
C GLU D 5 -25.64 -25.20 -34.21
N SER D 6 -26.21 -26.19 -34.89
CA SER D 6 -25.75 -26.50 -36.24
C SER D 6 -26.08 -25.38 -37.22
N LEU D 7 -27.13 -24.61 -36.95
CA LEU D 7 -27.53 -23.50 -37.80
C LEU D 7 -26.93 -22.17 -37.36
N ASP D 8 -25.96 -22.19 -36.42
CA ASP D 8 -25.34 -20.99 -35.87
C ASP D 8 -26.35 -20.06 -35.22
N PHE D 9 -27.42 -20.63 -34.67
CA PHE D 9 -28.42 -19.82 -33.98
C PHE D 9 -27.82 -19.06 -32.79
N PRO D 10 -27.16 -19.70 -31.82
CA PRO D 10 -26.63 -18.92 -30.68
C PRO D 10 -25.58 -17.91 -31.06
N LYS D 11 -24.88 -18.12 -32.17
CA LYS D 11 -23.84 -17.18 -32.59
C LYS D 11 -24.44 -15.91 -33.20
N VAL D 12 -25.64 -16.01 -33.78
CA VAL D 12 -26.33 -14.80 -34.23
C VAL D 12 -26.90 -14.06 -33.03
N VAL D 13 -27.38 -14.79 -32.01
CA VAL D 13 -27.91 -14.16 -30.82
C VAL D 13 -26.81 -13.39 -30.09
N GLU D 14 -25.55 -13.84 -30.20
CA GLU D 14 -24.45 -13.09 -29.61
C GLU D 14 -24.32 -11.73 -30.27
N ILE D 15 -24.61 -11.63 -31.56
CA ILE D 15 -24.51 -10.35 -32.25
C ILE D 15 -25.55 -9.38 -31.73
N VAL D 16 -26.81 -9.82 -31.61
CA VAL D 16 -27.85 -8.95 -31.07
C VAL D 16 -27.65 -8.72 -29.59
N LYS D 17 -26.96 -9.62 -28.89
CA LYS D 17 -26.64 -9.40 -27.48
C LYS D 17 -25.72 -8.19 -27.30
N LYS D 18 -24.90 -7.89 -28.31
CA LYS D 18 -24.00 -6.73 -28.22
C LYS D 18 -24.78 -5.44 -28.04
N TYR D 19 -25.99 -5.36 -28.57
CA TYR D 19 -26.80 -4.16 -28.51
C TYR D 19 -27.61 -4.06 -27.22
N ALA D 20 -27.56 -5.07 -26.37
CA ALA D 20 -28.28 -5.01 -25.11
C ALA D 20 -27.61 -4.02 -24.16
N LEU D 21 -28.39 -3.07 -23.64
CA LEU D 21 -27.82 -2.04 -22.79
C LEU D 21 -27.32 -2.60 -21.46
N SER D 22 -27.90 -3.70 -21.00
CA SER D 22 -27.52 -4.31 -19.74
C SER D 22 -27.49 -5.82 -19.89
N ASP D 23 -26.93 -6.48 -18.87
CA ASP D 23 -26.88 -7.94 -18.87
C ASP D 23 -28.25 -8.56 -18.68
N LEU D 24 -29.23 -7.79 -18.19
CA LEU D 24 -30.60 -8.29 -18.10
C LEU D 24 -31.13 -8.70 -19.46
N GLY D 25 -30.92 -7.86 -20.48
CA GLY D 25 -31.29 -8.22 -21.83
C GLY D 25 -30.43 -9.33 -22.40
N ARG D 26 -29.16 -9.39 -21.99
CA ARG D 26 -28.30 -10.49 -22.40
CA ARG D 26 -28.30 -10.49 -22.43
C ARG D 26 -28.87 -11.83 -21.98
N LYS D 27 -29.38 -11.90 -20.75
CA LYS D 27 -29.96 -13.15 -20.25
C LYS D 27 -31.28 -13.46 -20.94
N HIS D 28 -32.10 -12.44 -21.20
CA HIS D 28 -33.41 -12.68 -21.79
C HIS D 28 -33.31 -13.13 -23.23
N LEU D 29 -32.43 -12.50 -24.02
CA LEU D 29 -32.22 -12.94 -25.39
C LEU D 29 -31.80 -14.41 -25.46
N ASP D 30 -31.11 -14.89 -24.42
CA ASP D 30 -30.69 -16.29 -24.36
C ASP D 30 -31.86 -17.24 -24.15
N THR D 31 -33.05 -16.73 -23.84
CA THR D 31 -34.21 -17.58 -23.65
C THR D 31 -35.16 -17.57 -24.83
N LEU D 32 -34.93 -16.73 -25.83
CA LEU D 32 -35.81 -16.64 -26.99
C LEU D 32 -35.55 -17.81 -27.92
N LYS D 33 -36.45 -18.80 -27.89
CA LYS D 33 -36.38 -19.99 -28.71
C LYS D 33 -37.59 -20.05 -29.63
N PRO D 34 -37.53 -20.84 -30.71
CA PRO D 34 -38.66 -20.87 -31.66
C PRO D 34 -39.95 -21.34 -30.99
N THR D 35 -41.04 -20.63 -31.27
CA THR D 35 -42.35 -20.96 -30.74
C THR D 35 -43.36 -20.99 -31.87
N VAL D 36 -44.57 -21.46 -31.55
CA VAL D 36 -45.58 -21.62 -32.59
C VAL D 36 -46.31 -20.31 -32.87
N ASN D 37 -46.44 -19.40 -31.89
CA ASN D 37 -47.03 -18.08 -32.10
C ASN D 37 -46.01 -16.96 -31.86
N PRO D 38 -45.05 -16.78 -32.77
CA PRO D 38 -44.16 -15.62 -32.69
C PRO D 38 -44.87 -14.29 -32.89
N TRP D 39 -46.21 -14.31 -33.06
CA TRP D 39 -46.94 -13.11 -33.47
C TRP D 39 -46.76 -11.98 -32.47
N ASP D 40 -47.03 -12.22 -31.19
CA ASP D 40 -46.92 -11.18 -30.17
C ASP D 40 -45.52 -10.59 -30.16
N GLU D 41 -44.51 -11.44 -29.99
CA GLU D 41 -43.13 -10.97 -29.96
C GLU D 41 -42.77 -10.24 -31.25
N LEU D 42 -43.20 -10.77 -32.39
CA LEU D 42 -42.88 -10.14 -33.67
C LEU D 42 -43.49 -8.75 -33.78
N GLU D 43 -44.66 -8.54 -33.18
CA GLU D 43 -45.31 -7.24 -33.28
C GLU D 43 -44.77 -6.25 -32.27
N LEU D 44 -44.37 -6.72 -31.09
CA LEU D 44 -43.67 -5.83 -30.16
C LEU D 44 -42.39 -5.30 -30.79
N VAL D 45 -41.73 -6.10 -31.62
CA VAL D 45 -40.49 -5.67 -32.26
C VAL D 45 -40.78 -4.59 -33.30
N GLU D 46 -41.76 -4.84 -34.18
CA GLU D 46 -42.07 -3.87 -35.23
C GLU D 46 -42.57 -2.56 -34.65
N GLU D 47 -43.29 -2.61 -33.53
CA GLU D 47 -43.70 -1.38 -32.85
C GLU D 47 -42.48 -0.57 -32.42
N LEU D 48 -41.56 -1.21 -31.70
CA LEU D 48 -40.33 -0.51 -31.28
C LEU D 48 -39.46 -0.16 -32.48
N LEU D 49 -39.50 -0.96 -33.53
CA LEU D 49 -38.81 -0.60 -34.77
C LEU D 49 -39.36 0.69 -35.34
N ASN D 50 -40.69 0.83 -35.36
CA ASN D 50 -41.29 2.07 -35.82
C ASN D 50 -40.89 3.24 -34.91
N TYR D 51 -40.79 2.98 -33.60
CA TYR D 51 -40.33 3.99 -32.66
C TYR D 51 -38.96 4.53 -33.04
N PHE D 52 -38.01 3.63 -33.31
CA PHE D 52 -36.61 4.02 -33.50
C PHE D 52 -36.45 4.92 -34.73
N ASN D 53 -36.82 4.41 -35.90
CA ASN D 53 -36.69 5.20 -37.12
C ASN D 53 -37.60 6.43 -37.12
N ARG D 54 -38.37 6.66 -36.06
CA ARG D 54 -39.27 7.79 -35.94
C ARG D 54 -38.77 8.85 -34.97
N TRP D 55 -38.45 8.46 -33.73
CA TRP D 55 -38.01 9.39 -32.70
C TRP D 55 -36.63 9.05 -32.15
N GLY D 56 -35.88 8.18 -32.82
CA GLY D 56 -34.65 7.78 -32.19
C GLY D 56 -34.92 6.85 -31.01
N GLU D 57 -33.88 6.65 -30.22
CA GLU D 57 -33.95 5.68 -29.12
C GLU D 57 -34.94 6.15 -28.05
N PRO D 58 -35.50 5.21 -27.29
CA PRO D 58 -36.32 5.58 -26.14
C PRO D 58 -35.44 5.95 -24.95
N PRO D 59 -36.00 6.49 -23.88
CA PRO D 59 -35.18 6.89 -22.73
C PRO D 59 -34.47 5.73 -22.05
N ILE D 60 -33.15 5.70 -22.18
CA ILE D 60 -32.31 4.72 -21.49
C ILE D 60 -31.66 5.47 -20.34
N LYS D 61 -32.33 5.48 -19.20
CA LYS D 61 -31.94 6.31 -18.06
C LYS D 61 -31.58 5.39 -16.90
N GLY D 62 -30.37 4.83 -16.96
CA GLY D 62 -29.89 3.99 -15.88
C GLY D 62 -30.55 2.63 -15.79
N LEU D 63 -30.90 2.03 -16.93
CA LEU D 63 -31.46 0.69 -16.94
C LEU D 63 -30.30 -0.30 -16.92
N ASN D 64 -29.75 -0.50 -15.73
CA ASN D 64 -28.61 -1.39 -15.54
C ASN D 64 -29.04 -2.64 -14.78
N ASP D 65 -28.19 -3.66 -14.85
CA ASP D 65 -28.50 -4.94 -14.16
C ASP D 65 -28.37 -4.74 -12.66
N ILE D 66 -29.50 -4.74 -11.98
CA ILE D 66 -29.53 -4.55 -10.54
C ILE D 66 -30.00 -5.82 -9.85
N SER D 67 -29.70 -6.96 -10.45
CA SER D 67 -30.18 -8.25 -9.89
C SER D 67 -29.44 -8.57 -8.61
N GLN D 68 -28.15 -8.21 -8.55
CA GLN D 68 -27.39 -8.46 -7.32
C GLN D 68 -28.03 -7.75 -6.13
N GLU D 69 -28.56 -6.55 -6.36
CA GLU D 69 -29.17 -5.80 -5.26
C GLU D 69 -30.53 -6.38 -4.87
N VAL D 70 -31.29 -6.87 -5.86
CA VAL D 70 -32.61 -7.43 -5.56
C VAL D 70 -32.46 -8.66 -4.66
N GLU D 71 -31.58 -9.58 -5.04
CA GLU D 71 -31.37 -10.76 -4.21
C GLU D 71 -30.89 -10.38 -2.81
N LYS D 72 -30.14 -9.29 -2.71
CA LYS D 72 -29.73 -8.80 -1.40
C LYS D 72 -30.94 -8.36 -0.58
N VAL D 73 -31.89 -7.66 -1.20
CA VAL D 73 -33.13 -7.33 -0.51
C VAL D 73 -33.87 -8.60 -0.11
N LYS D 74 -34.04 -9.51 -1.07
CA LYS D 74 -34.81 -10.73 -0.82
C LYS D 74 -34.17 -11.58 0.26
N SER D 75 -32.85 -11.58 0.36
CA SER D 75 -32.17 -12.33 1.41
C SER D 75 -32.39 -11.73 2.80
N GLY D 76 -32.82 -10.48 2.87
CA GLY D 76 -33.04 -9.82 4.14
C GLY D 76 -31.94 -8.88 4.57
N SER D 77 -30.97 -8.61 3.72
CA SER D 77 -29.84 -7.75 4.04
C SER D 77 -30.11 -6.31 3.59
N PRO D 78 -29.68 -5.33 4.36
CA PRO D 78 -29.79 -3.94 3.92
C PRO D 78 -28.79 -3.65 2.80
N LEU D 79 -29.07 -2.58 2.07
CA LEU D 79 -28.24 -2.17 0.94
C LEU D 79 -27.27 -1.08 1.36
N GLU D 80 -26.11 -1.06 0.70
CA GLU D 80 -25.17 0.03 0.87
C GLU D 80 -25.72 1.28 0.20
N PRO D 81 -25.25 2.47 0.60
CA PRO D 81 -25.74 3.70 -0.06
C PRO D 81 -25.59 3.69 -1.57
N TRP D 82 -24.49 3.16 -2.10
CA TRP D 82 -24.32 3.12 -3.56
C TRP D 82 -25.29 2.15 -4.21
N GLU D 83 -25.58 1.02 -3.53
CA GLU D 83 -26.58 0.10 -4.04
C GLU D 83 -27.96 0.73 -4.03
N LEU D 84 -28.25 1.57 -3.02
CA LEU D 84 -29.53 2.27 -3.00
C LEU D 84 -29.60 3.31 -4.11
N LEU D 85 -28.47 3.94 -4.45
CA LEU D 85 -28.44 4.86 -5.58
C LEU D 85 -28.75 4.13 -6.88
N ARG D 86 -28.06 3.02 -7.13
CA ARG D 86 -28.23 2.28 -8.38
C ARG D 86 -29.66 1.78 -8.54
N VAL D 87 -30.26 1.29 -7.46
CA VAL D 87 -31.65 0.84 -7.52
C VAL D 87 -32.59 2.00 -7.79
N SER D 88 -32.30 3.16 -7.19
CA SER D 88 -33.19 4.31 -7.33
C SER D 88 -33.19 4.87 -8.74
N VAL D 89 -32.01 4.91 -9.38
CA VAL D 89 -31.96 5.38 -10.76
C VAL D 89 -32.54 4.33 -11.72
N PHE D 90 -32.37 3.05 -11.39
CA PHE D 90 -33.06 1.99 -12.12
C PHE D 90 -34.57 2.18 -12.04
N LEU D 91 -35.08 2.46 -10.84
CA LEU D 91 -36.51 2.70 -10.67
C LEU D 91 -36.94 4.05 -11.21
N GLU D 92 -36.01 5.00 -11.36
CA GLU D 92 -36.37 6.27 -11.99
C GLU D 92 -36.50 6.10 -13.49
N GLY D 93 -35.52 5.47 -14.13
CA GLY D 93 -35.66 5.15 -15.54
C GLY D 93 -36.84 4.23 -15.82
N CYS D 94 -37.24 3.45 -14.82
CA CYS D 94 -38.44 2.62 -14.97
C CYS D 94 -39.68 3.48 -15.11
N ASP D 95 -39.80 4.52 -14.29
CA ASP D 95 -40.96 5.41 -14.37
C ASP D 95 -40.92 6.23 -15.65
N ILE D 96 -39.72 6.64 -16.09
CA ILE D 96 -39.60 7.39 -17.33
C ILE D 96 -40.08 6.56 -18.50
N LEU D 97 -39.61 5.31 -18.59
CA LEU D 97 -39.95 4.45 -19.73
C LEU D 97 -41.45 4.17 -19.77
N LYS D 98 -42.04 3.82 -18.63
CA LYS D 98 -43.47 3.59 -18.57
C LYS D 98 -44.25 4.82 -18.99
N LYS D 99 -43.83 6.00 -18.52
CA LYS D 99 -44.49 7.24 -18.90
C LYS D 99 -44.33 7.54 -20.38
N GLU D 100 -43.19 7.16 -20.96
CA GLU D 100 -42.90 7.55 -22.34
C GLU D 100 -43.75 6.76 -23.33
N PHE D 101 -43.94 5.46 -23.08
CA PHE D 101 -44.76 4.64 -23.96
C PHE D 101 -46.25 4.94 -23.82
N GLU D 102 -46.66 5.41 -22.65
CA GLU D 102 -48.10 5.63 -22.37
C GLU D 102 -48.55 6.93 -23.04
N LYS D 103 -47.62 7.67 -23.61
CA LYS D 103 -47.95 8.97 -24.22
C LYS D 103 -47.99 8.79 -25.73
N ARG D 104 -47.55 7.65 -26.22
CA ARG D 104 -47.46 7.45 -27.69
C ARG D 104 -48.47 6.41 -28.17
N GLU D 105 -48.51 6.14 -29.48
CA GLU D 105 -49.51 5.18 -30.03
C GLU D 105 -48.85 3.86 -30.45
N TYR D 106 -48.67 2.95 -29.50
CA TYR D 106 -48.06 1.62 -29.76
C TYR D 106 -48.70 0.73 -28.72
N SER D 107 -49.98 0.46 -28.90
CA SER D 107 -50.77 -0.33 -27.92
C SER D 107 -49.98 -1.43 -27.20
N ARG D 108 -49.23 -2.24 -27.93
CA ARG D 108 -48.58 -3.40 -27.28
C ARG D 108 -47.47 -2.95 -26.34
N LEU D 109 -46.53 -2.13 -26.83
CA LEU D 109 -45.46 -1.59 -25.95
C LEU D 109 -46.14 -0.92 -24.75
N LYS D 110 -47.11 -0.07 -25.01
CA LYS D 110 -47.83 0.62 -23.92
C LYS D 110 -48.40 -0.43 -22.97
N GLU D 111 -49.18 -1.36 -23.47
CA GLU D 111 -49.80 -2.33 -22.58
C GLU D 111 -48.72 -3.02 -21.74
N THR D 112 -47.76 -3.66 -22.40
CA THR D 112 -46.77 -4.49 -21.70
C THR D 112 -46.08 -3.70 -20.58
N PHE D 113 -45.58 -2.51 -20.90
CA PHE D 113 -44.78 -1.75 -19.95
C PHE D 113 -45.60 -0.78 -19.09
N SER D 114 -46.93 -0.77 -19.23
CA SER D 114 -47.74 -0.09 -18.23
C SER D 114 -47.79 -0.85 -16.91
N ARG D 115 -47.37 -2.12 -16.91
CA ARG D 115 -47.27 -2.92 -15.70
C ARG D 115 -46.04 -2.60 -14.86
N LEU D 116 -45.17 -1.70 -15.34
CA LEU D 116 -44.03 -1.27 -14.55
C LEU D 116 -44.51 -0.53 -13.31
N SER D 117 -43.97 -0.91 -12.15
CA SER D 117 -44.41 -0.34 -10.88
C SER D 117 -43.67 0.97 -10.61
N SER D 118 -44.42 1.99 -10.23
CA SER D 118 -43.85 3.29 -9.90
C SER D 118 -43.39 3.30 -8.44
N PHE D 119 -42.17 3.75 -8.22
CA PHE D 119 -41.59 3.79 -6.87
C PHE D 119 -41.24 5.21 -6.47
N ARG D 120 -42.16 6.16 -6.69
CA ARG D 120 -41.86 7.58 -6.47
C ARG D 120 -41.38 7.83 -5.06
N GLU D 121 -42.07 7.26 -4.06
CA GLU D 121 -41.70 7.50 -2.68
C GLU D 121 -40.29 6.99 -2.37
N PHE D 122 -39.88 5.89 -3.01
CA PHE D 122 -38.53 5.37 -2.77
C PHE D 122 -37.48 6.29 -3.36
N VAL D 123 -37.72 6.79 -4.57
CA VAL D 123 -36.73 7.67 -5.22
C VAL D 123 -36.58 8.96 -4.43
N GLU D 124 -37.68 9.51 -3.92
CA GLU D 124 -37.60 10.76 -3.19
C GLU D 124 -36.90 10.60 -1.85
N GLU D 125 -37.02 9.43 -1.22
CA GLU D 125 -36.34 9.21 0.05
C GLU D 125 -34.84 8.96 -0.16
N VAL D 126 -34.47 8.31 -1.25
CA VAL D 126 -33.05 8.10 -1.54
C VAL D 126 -32.39 9.44 -1.90
N ASN D 127 -33.06 10.24 -2.72
CA ASN D 127 -32.53 11.55 -3.07
C ASN D 127 -32.39 12.44 -1.83
N ARG D 128 -33.30 12.29 -0.87
CA ARG D 128 -33.31 13.16 0.31
C ARG D 128 -32.33 12.69 1.38
N CYS D 129 -32.03 11.39 1.42
CA CYS D 129 -31.17 10.85 2.47
C CYS D 129 -29.75 10.57 2.01
N ILE D 130 -29.54 10.31 0.72
CA ILE D 130 -28.21 9.99 0.21
C ILE D 130 -27.81 11.00 -0.85
N GLU D 131 -26.52 11.32 -0.89
CA GLU D 131 -25.95 12.24 -1.87
C GLU D 131 -25.37 11.47 -3.04
N GLN D 132 -24.95 12.21 -4.06
CA GLN D 132 -24.38 11.64 -5.28
C GLN D 132 -22.97 11.09 -5.09
N ASP D 133 -22.68 10.52 -3.92
CA ASP D 133 -21.35 9.98 -3.65
C ASP D 133 -21.38 8.81 -2.69
N GLY D 134 -22.53 8.43 -2.15
CA GLY D 134 -22.61 7.40 -1.14
C GLY D 134 -22.56 7.89 0.29
N GLU D 135 -22.53 9.21 0.49
CA GLU D 135 -22.52 9.77 1.83
C GLU D 135 -23.94 10.09 2.27
N ILE D 136 -24.31 9.65 3.46
CA ILE D 136 -25.62 9.97 4.01
C ILE D 136 -25.66 11.45 4.35
N SER D 137 -26.64 12.16 3.81
CA SER D 137 -26.72 13.60 4.00
C SER D 137 -27.32 13.92 5.37
N ASP D 138 -27.11 15.17 5.79
CA ASP D 138 -27.68 15.63 7.06
C ASP D 138 -29.20 15.72 7.02
N ARG D 139 -29.80 15.79 5.83
CA ARG D 139 -31.25 15.78 5.74
C ARG D 139 -31.86 14.46 6.19
N ALA D 140 -31.07 13.39 6.22
CA ALA D 140 -31.63 12.06 6.43
C ALA D 140 -32.25 11.94 7.81
N SER D 141 -31.55 12.40 8.85
CA SER D 141 -32.03 12.24 10.20
C SER D 141 -31.70 13.44 11.06
N PRO D 142 -32.59 13.83 11.97
CA PRO D 142 -32.20 14.83 12.97
C PRO D 142 -31.28 14.25 14.01
N ARG D 143 -31.36 12.95 14.28
CA ARG D 143 -30.39 12.29 15.15
C ARG D 143 -29.02 12.26 14.52
N LEU D 144 -28.94 12.02 13.21
CA LEU D 144 -27.65 12.03 12.53
C LEU D 144 -27.03 13.42 12.54
N ARG D 145 -27.86 14.46 12.43
CA ARG D 145 -27.37 15.83 12.50
C ARG D 145 -26.75 16.12 13.86
N GLU D 146 -27.47 15.75 14.93
CA GLU D 146 -26.97 15.95 16.28
C GLU D 146 -25.61 15.31 16.49
N ILE D 147 -25.51 14.01 16.15
CA ILE D 147 -24.27 13.26 16.37
C ILE D 147 -23.12 13.93 15.62
N ARG D 148 -23.36 14.36 14.38
CA ARG D 148 -22.28 14.89 13.56
C ARG D 148 -21.80 16.25 14.07
N THR D 149 -22.72 17.10 14.52
CA THR D 149 -22.31 18.41 15.03
C THR D 149 -21.47 18.26 16.29
N GLU D 150 -21.81 17.30 17.15
CA GLU D 150 -21.02 17.07 18.35
C GLU D 150 -19.70 16.39 18.02
N LYS D 151 -19.70 15.49 17.03
CA LYS D 151 -18.47 14.83 16.62
C LYS D 151 -17.48 15.84 16.05
N LYS D 152 -17.97 16.79 15.25
CA LYS D 152 -17.09 17.80 14.69
C LYS D 152 -16.61 18.78 15.75
N ARG D 153 -17.45 19.10 16.73
CA ARG D 153 -17.02 19.97 17.82
C ARG D 153 -15.95 19.30 18.66
N LEU D 154 -16.10 18.01 18.94
CA LEU D 154 -15.11 17.30 19.75
C LEU D 154 -13.81 17.11 19.00
N SER D 155 -13.88 16.74 17.72
CA SER D 155 -12.66 16.55 16.94
C SER D 155 -11.91 17.86 16.74
N SER D 156 -12.64 18.98 16.64
CA SER D 156 -11.97 20.27 16.60
C SER D 156 -11.30 20.60 17.93
N GLU D 157 -11.90 20.16 19.04
CA GLU D 157 -11.31 20.41 20.35
C GLU D 157 -10.07 19.55 20.57
N ILE D 158 -10.09 18.32 20.09
CA ILE D 158 -8.91 17.45 20.19
C ILE D 158 -7.78 18.00 19.32
N LYS D 159 -8.10 18.44 18.10
CA LYS D 159 -7.07 19.00 17.22
C LYS D 159 -6.41 20.22 17.86
N ARG D 160 -7.20 21.06 18.53
CA ARG D 160 -6.65 22.24 19.18
C ARG D 160 -5.73 21.85 20.35
N LYS D 161 -6.15 20.88 21.15
CA LYS D 161 -5.33 20.42 22.26
C LYS D 161 -4.05 19.77 21.78
N ALA D 162 -4.15 18.91 20.76
CA ALA D 162 -2.97 18.29 20.19
C ALA D 162 -2.01 19.33 19.62
N ASP D 163 -2.54 20.45 19.13
CA ASP D 163 -1.68 21.51 18.63
C ASP D 163 -0.90 22.14 19.77
N ASP D 164 -1.58 22.43 20.89
CA ASP D 164 -0.90 22.98 22.05
C ASP D 164 0.06 21.97 22.67
N PHE D 165 -0.29 20.68 22.61
CA PHE D 165 0.61 19.66 23.13
C PHE D 165 1.87 19.53 22.28
N VAL D 166 1.79 19.85 20.99
CA VAL D 166 2.96 19.77 20.13
C VAL D 166 3.84 21.02 20.27
N ARG D 167 3.21 22.19 20.46
CA ARG D 167 3.98 23.42 20.62
C ARG D 167 4.73 23.42 21.95
N THR D 168 4.07 22.99 23.02
CA THR D 168 4.78 22.57 24.22
C THR D 168 5.29 21.14 24.00
N HIS D 169 5.94 20.56 25.01
CA HIS D 169 6.43 19.19 24.93
C HIS D 169 7.28 18.95 23.68
N SER D 170 7.91 20.01 23.16
CA SER D 170 8.59 19.92 21.88
C SER D 170 9.82 19.02 21.95
N GLN D 171 10.53 19.03 23.09
CA GLN D 171 11.75 18.25 23.21
C GLN D 171 11.48 16.76 23.32
N ILE D 172 10.26 16.36 23.67
CA ILE D 172 9.95 14.94 23.87
C ILE D 172 9.43 14.26 22.62
N LEU D 173 9.20 14.98 21.53
CA LEU D 173 8.59 14.43 20.33
C LEU D 173 9.65 14.10 19.29
N GLN D 174 9.43 13.00 18.56
CA GLN D 174 10.31 12.66 17.44
C GLN D 174 10.02 13.54 16.24
N GLU D 175 8.74 13.70 15.89
CA GLU D 175 8.30 14.64 14.88
C GLU D 175 7.33 15.62 15.51
N GLN D 176 7.34 16.86 15.01
CA GLN D 176 6.52 17.92 15.57
C GLN D 176 5.10 17.86 14.98
N MET D 177 4.38 16.82 15.40
CA MET D 177 3.06 16.57 14.85
C MET D 177 2.30 15.62 15.76
N TYR D 178 1.02 15.46 15.47
CA TYR D 178 0.19 14.41 16.03
C TYR D 178 -0.04 13.33 14.98
N VAL D 179 -0.38 12.14 15.43
CA VAL D 179 -0.53 10.97 14.58
C VAL D 179 -1.86 10.31 14.89
N TYR D 180 -2.56 9.88 13.84
CA TYR D 180 -3.88 9.26 13.95
C TYR D 180 -3.75 7.80 13.51
N ARG D 181 -3.16 6.97 14.38
CA ARG D 181 -3.07 5.54 14.14
C ARG D 181 -4.24 4.83 14.82
N ASP D 182 -4.79 3.83 14.13
CA ASP D 182 -6.05 3.22 14.54
C ASP D 182 -7.11 4.30 14.71
N GLY D 183 -7.96 4.19 15.73
CA GLY D 183 -9.02 5.17 15.89
C GLY D 183 -8.74 6.26 16.90
N ARG D 184 -7.48 6.64 17.09
CA ARG D 184 -7.12 7.56 18.16
C ARG D 184 -6.12 8.60 17.68
N TYR D 185 -6.11 9.73 18.38
CA TYR D 185 -5.13 10.79 18.18
C TYR D 185 -3.94 10.53 19.10
N LEU D 186 -2.77 10.27 18.51
CA LEU D 186 -1.58 9.89 19.25
C LEU D 186 -0.44 10.86 18.94
N PHE D 187 0.68 10.68 19.64
CA PHE D 187 1.87 11.49 19.42
C PHE D 187 3.10 10.60 19.32
N PRO D 188 4.01 10.91 18.39
CA PRO D 188 5.23 10.11 18.27
C PRO D 188 6.31 10.57 19.25
N VAL D 189 6.34 9.99 20.43
CA VAL D 189 7.25 10.39 21.50
C VAL D 189 8.54 9.60 21.39
N LYS D 190 9.66 10.27 21.66
CA LYS D 190 10.95 9.60 21.71
C LYS D 190 10.91 8.44 22.70
N ALA D 191 11.53 7.32 22.31
CA ALA D 191 11.50 6.14 23.17
C ALA D 191 12.15 6.40 24.52
N SER D 192 13.21 7.23 24.56
CA SER D 192 13.88 7.52 25.82
C SER D 192 13.05 8.39 26.74
N MET D 193 11.99 9.03 26.24
CA MET D 193 11.16 9.93 27.03
C MET D 193 9.79 9.31 27.32
N LYS D 194 9.70 7.99 27.32
CA LYS D 194 8.40 7.31 27.43
C LYS D 194 7.68 7.65 28.73
N ASN D 195 8.43 7.93 29.80
CA ASN D 195 7.84 8.22 31.10
C ASN D 195 7.75 9.72 31.38
N ALA D 196 8.03 10.57 30.39
CA ALA D 196 7.99 12.00 30.61
C ALA D 196 6.57 12.48 30.92
N VAL D 197 5.61 12.13 30.07
CA VAL D 197 4.22 12.50 30.25
C VAL D 197 3.44 11.26 30.65
N ARG D 198 2.48 11.44 31.57
CA ARG D 198 1.60 10.35 31.97
C ARG D 198 0.65 10.02 30.83
N GLY D 199 0.73 8.79 30.32
CA GLY D 199 -0.11 8.41 29.20
C GLY D 199 -0.14 6.92 28.99
N ILE D 200 -0.77 6.52 27.89
CA ILE D 200 -0.97 5.13 27.53
C ILE D 200 -0.12 4.82 26.31
N VAL D 201 0.66 3.75 26.38
CA VAL D 201 1.50 3.29 25.27
C VAL D 201 0.66 2.40 24.36
N HIS D 202 0.71 2.67 23.05
CA HIS D 202 -0.04 1.90 22.07
C HIS D 202 0.91 1.13 21.14
N HIS D 203 1.62 1.84 20.27
CA HIS D 203 2.40 1.24 19.19
C HIS D 203 3.88 1.59 19.37
N LEU D 204 4.72 0.87 18.64
CA LEU D 204 6.16 1.03 18.72
C LEU D 204 6.74 1.09 17.31
N SER D 205 7.60 2.08 17.06
CA SER D 205 8.22 2.22 15.74
C SER D 205 9.06 0.99 15.40
N SER D 206 9.12 0.66 14.12
CA SER D 206 9.90 -0.50 13.69
C SER D 206 11.37 -0.34 14.06
N SER D 207 11.86 0.89 14.19
CA SER D 207 13.24 1.12 14.59
C SER D 207 13.41 1.04 16.11
N GLY D 208 12.36 1.30 16.87
CA GLY D 208 12.43 1.31 18.31
C GLY D 208 12.72 2.66 18.93
N ALA D 209 12.84 3.72 18.13
CA ALA D 209 13.14 5.04 18.65
C ALA D 209 11.89 5.83 19.02
N THR D 210 10.73 5.43 18.54
CA THR D 210 9.48 6.15 18.76
C THR D 210 8.49 5.24 19.47
N VAL D 211 7.90 5.74 20.55
CA VAL D 211 6.74 5.13 21.20
C VAL D 211 5.55 6.02 20.92
N PHE D 212 4.45 5.42 20.46
CA PHE D 212 3.25 6.17 20.10
C PHE D 212 2.36 6.26 21.34
N LEU D 213 2.17 7.49 21.83
CA LEU D 213 1.68 7.73 23.18
C LEU D 213 0.35 8.47 23.14
N GLU D 214 -0.53 8.10 24.07
CA GLU D 214 -1.82 8.77 24.26
C GLU D 214 -1.82 9.46 25.62
N PRO D 215 -1.54 10.76 25.69
CA PRO D 215 -1.49 11.44 26.99
C PRO D 215 -2.86 11.42 27.68
N ASP D 216 -2.81 11.37 29.01
CA ASP D 216 -3.96 11.28 29.91
C ASP D 216 -5.20 11.97 29.37
N GLU D 217 -5.11 13.29 29.13
CA GLU D 217 -6.29 14.06 28.74
C GLU D 217 -6.93 13.51 27.47
N PHE D 218 -6.10 13.18 26.47
CA PHE D 218 -6.63 12.74 25.18
C PHE D 218 -7.34 11.40 25.24
N VAL D 219 -7.23 10.66 26.34
CA VAL D 219 -7.84 9.33 26.40
C VAL D 219 -9.35 9.43 26.46
N GLU D 220 -9.86 10.15 27.46
CA GLU D 220 -11.31 10.37 27.55
C GLU D 220 -11.84 11.07 26.31
N LEU D 221 -11.06 12.01 25.77
CA LEU D 221 -11.49 12.71 24.56
C LEU D 221 -11.52 11.78 23.36
N ASN D 222 -10.48 10.96 23.19
CA ASN D 222 -10.47 10.00 22.09
C ASN D 222 -11.63 9.02 22.23
N ASN D 223 -11.89 8.53 23.45
CA ASN D 223 -12.99 7.60 23.66
C ASN D 223 -14.34 8.27 23.42
N ARG D 224 -14.44 9.57 23.70
CA ARG D 224 -15.71 10.27 23.51
C ARG D 224 -16.00 10.49 22.03
N VAL D 225 -15.00 10.90 21.25
CA VAL D 225 -15.20 11.04 19.81
C VAL D 225 -15.34 9.67 19.16
N ARG D 226 -14.77 8.62 19.76
CA ARG D 226 -14.96 7.28 19.24
C ARG D 226 -16.39 6.80 19.44
N LEU D 227 -17.00 7.14 20.57
CA LEU D 227 -18.41 6.83 20.79
C LEU D 227 -19.29 7.53 19.76
N LEU D 228 -18.98 8.81 19.48
CA LEU D 228 -19.74 9.53 18.46
C LEU D 228 -19.65 8.84 17.10
N GLU D 229 -18.46 8.34 16.75
CA GLU D 229 -18.30 7.64 15.48
C GLU D 229 -19.07 6.33 15.45
N GLU D 230 -19.23 5.68 16.62
CA GLU D 230 -20.06 4.47 16.67
C GLU D 230 -21.54 4.82 16.61
N GLU D 231 -21.96 5.84 17.36
CA GLU D 231 -23.35 6.28 17.30
C GLU D 231 -23.72 6.72 15.90
N GLU D 232 -22.77 7.33 15.18
CA GLU D 232 -23.03 7.71 13.79
C GLU D 232 -23.21 6.47 12.91
N ARG D 233 -22.36 5.47 13.08
CA ARG D 233 -22.52 4.23 12.33
C ARG D 233 -23.86 3.58 12.61
N LEU D 234 -24.28 3.58 13.88
CA LEU D 234 -25.56 2.98 14.25
C LEU D 234 -26.73 3.67 13.56
N GLU D 235 -26.75 5.00 13.59
CA GLU D 235 -27.87 5.74 13.02
C GLU D 235 -27.93 5.58 11.50
N ILE D 236 -26.77 5.48 10.84
CA ILE D 236 -26.78 5.24 9.40
C ILE D 236 -27.35 3.87 9.08
N SER D 237 -27.01 2.87 9.91
CA SER D 237 -27.55 1.53 9.71
C SER D 237 -29.07 1.53 9.83
N ARG D 238 -29.61 2.30 10.77
CA ARG D 238 -31.06 2.37 10.91
C ARG D 238 -31.69 3.07 9.72
N ILE D 239 -31.03 4.12 9.21
CA ILE D 239 -31.55 4.81 8.03
C ILE D 239 -31.53 3.89 6.82
N LEU D 240 -30.40 3.23 6.60
CA LEU D 240 -30.27 2.34 5.44
C LEU D 240 -31.23 1.18 5.52
N ARG D 241 -31.49 0.67 6.73
CA ARG D 241 -32.50 -0.37 6.90
C ARG D 241 -33.89 0.16 6.56
N GLN D 242 -34.19 1.40 6.97
CA GLN D 242 -35.49 1.98 6.66
C GLN D 242 -35.70 2.11 5.16
N LEU D 243 -34.66 2.52 4.43
CA LEU D 243 -34.79 2.67 2.98
C LEU D 243 -34.94 1.33 2.30
N THR D 244 -34.19 0.32 2.74
CA THR D 244 -34.30 -1.01 2.16
C THR D 244 -35.66 -1.63 2.42
N ASN D 245 -36.23 -1.37 3.61
CA ASN D 245 -37.54 -1.93 3.94
C ASN D 245 -38.64 -1.44 3.01
N ILE D 246 -38.44 -0.29 2.35
CA ILE D 246 -39.37 0.13 1.31
C ILE D 246 -39.32 -0.84 0.14
N LEU D 247 -38.11 -1.20 -0.30
CA LEU D 247 -37.97 -2.18 -1.36
C LEU D 247 -38.45 -3.55 -0.91
N LEU D 248 -38.20 -3.89 0.36
CA LEU D 248 -38.58 -5.21 0.86
C LEU D 248 -40.10 -5.38 0.90
N SER D 249 -40.81 -4.34 1.33
CA SER D 249 -42.27 -4.43 1.44
C SER D 249 -42.95 -4.48 0.07
N ARG D 250 -42.24 -4.19 -1.01
CA ARG D 250 -42.77 -4.23 -2.37
C ARG D 250 -41.86 -5.08 -3.26
N LEU D 251 -41.57 -6.30 -2.83
CA LEU D 251 -40.61 -7.13 -3.56
C LEU D 251 -41.16 -7.55 -4.92
N ASN D 252 -42.40 -8.03 -4.96
CA ASN D 252 -43.00 -8.46 -6.22
C ASN D 252 -42.92 -7.36 -7.27
N ASP D 253 -43.30 -6.14 -6.89
CA ASP D 253 -43.22 -5.03 -7.83
C ASP D 253 -41.78 -4.78 -8.28
N LEU D 254 -40.83 -4.98 -7.38
CA LEU D 254 -39.41 -4.81 -7.72
C LEU D 254 -38.95 -5.89 -8.69
N GLU D 255 -39.24 -7.15 -8.37
CA GLU D 255 -38.85 -8.24 -9.26
C GLU D 255 -39.58 -8.18 -10.59
N ARG D 256 -40.79 -7.62 -10.61
CA ARG D 256 -41.52 -7.48 -11.87
C ARG D 256 -40.83 -6.48 -12.79
N ASN D 257 -40.38 -5.35 -12.23
CA ASN D 257 -39.71 -4.34 -13.05
C ASN D 257 -38.42 -4.89 -13.65
N VAL D 258 -37.71 -5.74 -12.91
CA VAL D 258 -36.45 -6.28 -13.40
C VAL D 258 -36.66 -7.15 -14.61
N GLU D 259 -37.61 -8.09 -14.54
CA GLU D 259 -37.88 -8.95 -15.68
C GLU D 259 -38.54 -8.18 -16.81
N LEU D 260 -39.30 -7.13 -16.49
CA LEU D 260 -39.90 -6.30 -17.53
C LEU D 260 -38.84 -5.52 -18.31
N ILE D 261 -37.84 -4.99 -17.61
CA ILE D 261 -36.79 -4.23 -18.30
C ILE D 261 -35.89 -5.17 -19.08
N ALA D 262 -35.68 -6.40 -18.60
CA ALA D 262 -34.98 -7.39 -19.40
C ALA D 262 -35.73 -7.69 -20.68
N ARG D 263 -37.07 -7.80 -20.58
CA ARG D 263 -37.90 -7.88 -21.77
C ARG D 263 -37.68 -6.68 -22.68
N PHE D 264 -37.72 -5.48 -22.10
CA PHE D 264 -37.48 -4.26 -22.88
C PHE D 264 -36.08 -4.26 -23.48
N ASP D 265 -35.08 -4.66 -22.70
CA ASP D 265 -33.70 -4.68 -23.20
C ASP D 265 -33.55 -5.65 -24.35
N SER D 266 -34.21 -6.81 -24.28
CA SER D 266 -34.18 -7.74 -25.41
C SER D 266 -34.84 -7.13 -26.63
N LEU D 267 -35.97 -6.43 -26.45
CA LEU D 267 -36.61 -5.74 -27.56
C LEU D 267 -35.71 -4.64 -28.10
N TYR D 268 -35.09 -3.87 -27.21
CA TYR D 268 -34.20 -2.80 -27.61
C TYR D 268 -33.00 -3.32 -28.40
N ALA D 269 -32.50 -4.50 -28.02
CA ALA D 269 -31.31 -5.04 -28.66
C ALA D 269 -31.58 -5.46 -30.11
N ARG D 270 -32.71 -6.12 -30.38
CA ARG D 270 -32.95 -6.56 -31.74
C ARG D 270 -33.44 -5.44 -32.66
N VAL D 271 -34.02 -4.37 -32.11
CA VAL D 271 -34.33 -3.22 -32.94
C VAL D 271 -33.06 -2.54 -33.40
N LYS D 272 -32.09 -2.38 -32.49
CA LYS D 272 -30.77 -1.90 -32.89
C LYS D 272 -30.12 -2.84 -33.89
N PHE D 273 -30.31 -4.15 -33.69
CA PHE D 273 -29.77 -5.13 -34.63
C PHE D 273 -30.37 -4.95 -36.03
N ALA D 274 -31.66 -4.64 -36.10
CA ALA D 274 -32.31 -4.47 -37.39
C ALA D 274 -31.84 -3.20 -38.08
N ARG D 275 -31.65 -2.12 -37.33
CA ARG D 275 -31.27 -0.84 -37.92
C ARG D 275 -29.88 -0.91 -38.55
N GLU D 276 -28.95 -1.63 -37.92
CA GLU D 276 -27.60 -1.73 -38.46
C GLU D 276 -27.55 -2.66 -39.67
N PHE D 277 -28.28 -3.78 -39.62
CA PHE D 277 -28.22 -4.80 -40.65
C PHE D 277 -29.28 -4.60 -41.73
N ASN D 278 -30.00 -3.49 -41.73
CA ASN D 278 -31.11 -3.24 -42.66
C ASN D 278 -32.16 -4.36 -42.54
N GLY D 279 -32.63 -4.56 -41.31
CA GLY D 279 -33.51 -5.66 -41.02
C GLY D 279 -34.95 -5.43 -41.43
N THR D 280 -35.74 -6.48 -41.29
CA THR D 280 -37.17 -6.43 -41.61
C THR D 280 -37.90 -7.45 -40.75
N VAL D 281 -39.01 -7.03 -40.16
CA VAL D 281 -39.84 -7.93 -39.35
C VAL D 281 -40.72 -8.72 -40.31
N VAL D 282 -40.43 -10.02 -40.44
CA VAL D 282 -41.23 -10.92 -41.27
C VAL D 282 -42.12 -11.76 -40.35
N LYS D 283 -43.36 -11.96 -40.76
CA LYS D 283 -44.37 -12.64 -39.97
C LYS D 283 -44.64 -14.03 -40.54
N PRO D 284 -45.18 -14.95 -39.74
CA PRO D 284 -45.44 -16.30 -40.24
C PRO D 284 -46.34 -16.27 -41.48
N SER D 285 -45.90 -16.96 -42.52
CA SER D 285 -46.58 -16.98 -43.81
C SER D 285 -46.79 -18.42 -44.25
N SER D 286 -47.31 -18.58 -45.46
CA SER D 286 -47.52 -19.89 -46.05
C SER D 286 -46.51 -20.24 -47.13
N ARG D 287 -45.56 -19.35 -47.41
CA ARG D 287 -44.54 -19.56 -48.41
C ARG D 287 -43.16 -19.49 -47.77
N ILE D 288 -42.18 -20.06 -48.47
CA ILE D 288 -40.77 -19.94 -48.13
C ILE D 288 -40.11 -19.21 -49.29
N ARG D 289 -39.66 -17.98 -49.04
CA ARG D 289 -39.14 -17.14 -50.12
C ARG D 289 -38.22 -16.09 -49.51
N LEU D 290 -36.95 -16.13 -49.90
CA LEU D 290 -35.95 -15.19 -49.41
C LEU D 290 -35.75 -14.10 -50.47
N VAL D 291 -36.00 -12.85 -50.09
CA VAL D 291 -35.80 -11.70 -50.95
C VAL D 291 -34.56 -10.97 -50.42
N ASN D 292 -33.42 -11.20 -51.08
CA ASN D 292 -32.17 -10.52 -50.76
C ASN D 292 -31.76 -10.74 -49.30
N ALA D 293 -31.79 -11.99 -48.88
CA ALA D 293 -31.37 -12.34 -47.53
C ALA D 293 -29.85 -12.21 -47.40
N ARG D 294 -29.41 -11.63 -46.28
CA ARG D 294 -27.99 -11.42 -46.01
C ARG D 294 -27.66 -12.11 -44.69
N HIS D 295 -26.84 -13.16 -44.77
CA HIS D 295 -26.41 -13.89 -43.59
C HIS D 295 -25.62 -12.96 -42.66
N PRO D 296 -26.07 -12.76 -41.42
CA PRO D 296 -25.42 -11.76 -40.55
C PRO D 296 -23.99 -12.13 -40.16
N LEU D 297 -23.57 -13.36 -40.37
CA LEU D 297 -22.20 -13.77 -40.05
C LEU D 297 -21.23 -13.50 -41.20
N ILE D 298 -21.66 -12.77 -42.21
CA ILE D 298 -20.82 -12.42 -43.36
C ILE D 298 -20.62 -10.91 -43.35
N PRO D 299 -19.39 -10.42 -43.48
CA PRO D 299 -19.17 -8.97 -43.49
C PRO D 299 -19.94 -8.30 -44.62
N LYS D 300 -20.27 -7.03 -44.41
CA LYS D 300 -21.16 -6.33 -45.35
C LYS D 300 -20.49 -6.11 -46.70
N GLU D 301 -19.21 -5.76 -46.69
CA GLU D 301 -18.45 -5.56 -47.93
C GLU D 301 -18.04 -6.89 -48.57
N ARG D 302 -18.57 -8.00 -48.07
CA ARG D 302 -18.31 -9.32 -48.62
C ARG D 302 -19.56 -10.08 -49.02
N VAL D 303 -20.73 -9.66 -48.54
CA VAL D 303 -21.96 -10.44 -48.69
C VAL D 303 -22.55 -10.23 -50.08
N VAL D 304 -23.21 -11.27 -50.57
CA VAL D 304 -24.00 -11.22 -51.80
C VAL D 304 -25.39 -11.75 -51.44
N PRO D 305 -26.43 -10.92 -51.50
CA PRO D 305 -27.75 -11.34 -51.02
C PRO D 305 -28.27 -12.57 -51.76
N ILE D 306 -29.05 -13.37 -51.04
CA ILE D 306 -29.56 -14.65 -51.51
C ILE D 306 -31.02 -14.48 -51.90
N ASN D 307 -31.38 -15.02 -53.07
CA ASN D 307 -32.76 -15.02 -53.54
C ASN D 307 -33.15 -16.46 -53.87
N LEU D 308 -34.28 -16.89 -53.34
CA LEU D 308 -34.66 -18.30 -53.39
C LEU D 308 -36.12 -18.43 -52.95
N GLU D 309 -36.86 -19.32 -53.61
CA GLU D 309 -38.25 -19.56 -53.25
C GLU D 309 -38.59 -21.04 -53.44
N LEU D 310 -39.42 -21.56 -52.54
CA LEU D 310 -39.93 -22.92 -52.64
C LEU D 310 -41.36 -22.87 -53.17
N PRO D 311 -41.64 -23.40 -54.35
CA PRO D 311 -43.01 -23.36 -54.88
C PRO D 311 -43.95 -24.18 -54.03
N PRO D 312 -45.25 -23.88 -54.05
CA PRO D 312 -46.19 -24.59 -53.17
C PRO D 312 -46.40 -26.04 -53.55
N ASN D 313 -45.96 -26.48 -54.73
CA ASN D 313 -46.02 -27.88 -55.11
C ASN D 313 -44.70 -28.60 -54.93
N LYS D 314 -43.73 -27.96 -54.28
CA LYS D 314 -42.41 -28.54 -54.04
C LYS D 314 -42.15 -28.63 -52.55
N ARG D 315 -41.58 -29.75 -52.11
CA ARG D 315 -41.19 -29.95 -50.73
C ARG D 315 -39.73 -30.30 -50.57
N GLY D 316 -38.98 -30.38 -51.67
CA GLY D 316 -37.56 -30.68 -51.62
C GLY D 316 -36.74 -29.68 -52.39
N PHE D 317 -35.70 -29.15 -51.75
CA PHE D 317 -34.82 -28.16 -52.36
C PHE D 317 -33.40 -28.72 -52.30
N ILE D 318 -32.93 -29.26 -53.41
CA ILE D 318 -31.62 -29.88 -53.48
C ILE D 318 -30.66 -28.89 -54.13
N ILE D 319 -29.60 -28.52 -53.40
CA ILE D 319 -28.60 -27.57 -53.89
C ILE D 319 -27.33 -28.34 -54.21
N THR D 320 -26.81 -28.12 -55.41
CA THR D 320 -25.52 -28.65 -55.82
C THR D 320 -24.65 -27.48 -56.28
N GLY D 321 -23.48 -27.80 -56.80
CA GLY D 321 -22.61 -26.77 -57.33
C GLY D 321 -21.19 -26.87 -56.80
N PRO D 322 -20.42 -25.79 -57.01
CA PRO D 322 -18.98 -25.86 -56.74
C PRO D 322 -18.68 -25.81 -55.25
N ASN D 323 -17.56 -26.44 -54.88
CA ASN D 323 -17.00 -26.26 -53.55
C ASN D 323 -16.77 -24.78 -53.31
N MET D 324 -17.10 -24.33 -52.09
CA MET D 324 -17.04 -22.92 -51.69
C MET D 324 -18.01 -22.05 -52.49
N GLY D 325 -19.04 -22.65 -53.09
CA GLY D 325 -20.00 -21.89 -53.86
C GLY D 325 -21.13 -21.28 -53.08
N GLY D 326 -21.25 -21.62 -51.81
CA GLY D 326 -22.35 -21.14 -50.98
C GLY D 326 -23.50 -22.11 -50.81
N LYS D 327 -23.28 -23.40 -51.05
CA LYS D 327 -24.34 -24.39 -50.88
C LYS D 327 -24.79 -24.45 -49.43
N THR D 328 -23.85 -24.75 -48.53
CA THR D 328 -24.19 -24.98 -47.13
C THR D 328 -24.75 -23.72 -46.48
N VAL D 329 -24.22 -22.55 -46.83
CA VAL D 329 -24.65 -21.32 -46.18
C VAL D 329 -26.06 -20.96 -46.62
N THR D 330 -26.37 -21.15 -47.90
CA THR D 330 -27.70 -20.82 -48.41
C THR D 330 -28.78 -21.62 -47.69
N VAL D 331 -28.58 -22.92 -47.55
CA VAL D 331 -29.54 -23.74 -46.83
C VAL D 331 -29.50 -23.45 -45.33
N LYS D 332 -28.32 -23.11 -44.81
CA LYS D 332 -28.22 -22.66 -43.42
C LYS D 332 -29.08 -21.42 -43.19
N THR D 333 -29.12 -20.52 -44.17
CA THR D 333 -29.93 -19.31 -44.06
C THR D 333 -31.41 -19.66 -43.89
N VAL D 334 -31.90 -20.61 -44.69
CA VAL D 334 -33.32 -20.99 -44.63
C VAL D 334 -33.67 -21.51 -43.24
N GLY D 335 -32.83 -22.38 -42.69
CA GLY D 335 -33.10 -22.91 -41.37
C GLY D 335 -32.94 -21.87 -40.28
N LEU D 336 -31.90 -21.04 -40.38
CA LEU D 336 -31.64 -20.03 -39.35
C LEU D 336 -32.71 -18.95 -39.36
N PHE D 337 -33.00 -18.38 -40.54
CA PHE D 337 -33.99 -17.32 -40.62
C PHE D 337 -35.37 -17.80 -40.19
N THR D 338 -35.64 -19.10 -40.29
CA THR D 338 -36.91 -19.64 -39.83
C THR D 338 -36.95 -19.71 -38.31
N ALA D 339 -35.90 -20.27 -37.70
CA ALA D 339 -35.84 -20.33 -36.24
C ALA D 339 -35.74 -18.93 -35.63
N LEU D 340 -35.08 -18.00 -36.33
CA LEU D 340 -35.01 -16.62 -35.85
C LEU D 340 -36.39 -15.98 -35.86
N MET D 341 -37.13 -16.15 -36.97
CA MET D 341 -38.46 -15.55 -37.07
C MET D 341 -39.38 -16.08 -35.97
N MET D 342 -39.40 -17.40 -35.78
CA MET D 342 -40.23 -17.99 -34.74
C MET D 342 -39.75 -17.63 -33.33
N SER D 343 -38.53 -17.11 -33.19
CA SER D 343 -38.01 -16.76 -31.88
C SER D 343 -38.29 -15.31 -31.49
N GLY D 344 -38.79 -14.49 -32.41
CA GLY D 344 -39.05 -13.10 -32.15
C GLY D 344 -38.05 -12.12 -32.71
N PHE D 345 -37.30 -12.50 -33.75
CA PHE D 345 -36.22 -11.67 -34.26
C PHE D 345 -36.56 -11.12 -35.64
N PRO D 346 -36.13 -9.90 -35.95
CA PRO D 346 -36.17 -9.42 -37.33
C PRO D 346 -35.00 -9.98 -38.12
N LEU D 347 -35.14 -9.95 -39.45
CA LEU D 347 -34.17 -10.59 -40.30
C LEU D 347 -33.52 -9.60 -41.26
N PRO D 348 -32.21 -9.71 -41.49
CA PRO D 348 -31.58 -8.88 -42.53
C PRO D 348 -32.00 -9.34 -43.93
N CYS D 349 -33.10 -8.79 -44.41
CA CYS D 349 -33.61 -9.13 -45.73
C CYS D 349 -34.54 -8.01 -46.18
N ASP D 350 -34.89 -8.03 -47.46
CA ASP D 350 -35.76 -7.01 -48.03
C ASP D 350 -37.22 -7.38 -47.84
N GLU D 351 -38.06 -6.35 -47.75
CA GLU D 351 -39.49 -6.57 -47.58
C GLU D 351 -40.05 -7.37 -48.74
N GLY D 352 -40.91 -8.33 -48.42
CA GLY D 352 -41.38 -9.32 -49.37
C GLY D 352 -40.93 -10.73 -49.06
N THR D 353 -40.01 -10.89 -48.11
CA THR D 353 -39.56 -12.21 -47.70
C THR D 353 -40.68 -12.92 -46.92
N GLU D 354 -40.76 -14.23 -47.09
CA GLU D 354 -41.79 -15.03 -46.45
C GLU D 354 -41.18 -16.30 -45.86
N LEU D 355 -41.57 -16.63 -44.64
CA LEU D 355 -41.12 -17.83 -43.97
C LEU D 355 -42.31 -18.55 -43.35
N LYS D 356 -42.15 -19.86 -43.15
CA LYS D 356 -43.19 -20.71 -42.60
C LYS D 356 -42.81 -21.17 -41.19
N VAL D 357 -43.79 -21.12 -40.28
CA VAL D 357 -43.59 -21.69 -38.96
C VAL D 357 -43.50 -23.20 -39.07
N PHE D 358 -42.52 -23.78 -38.38
CA PHE D 358 -42.35 -25.23 -38.33
C PHE D 358 -42.21 -25.67 -36.89
N PRO D 359 -43.21 -26.34 -36.31
CA PRO D 359 -43.10 -26.80 -34.92
C PRO D 359 -41.84 -27.60 -34.63
N LYS D 360 -41.27 -28.29 -35.64
CA LYS D 360 -40.02 -29.00 -35.50
C LYS D 360 -39.04 -28.47 -36.55
N ILE D 361 -37.87 -28.02 -36.10
CA ILE D 361 -36.77 -27.64 -36.98
C ILE D 361 -35.60 -28.56 -36.67
N MET D 362 -35.09 -29.25 -37.69
CA MET D 362 -34.00 -30.19 -37.52
C MET D 362 -32.94 -29.96 -38.59
N ALA D 363 -31.69 -30.24 -38.23
CA ALA D 363 -30.56 -30.01 -39.12
C ALA D 363 -29.47 -31.03 -38.85
N ASP D 364 -28.75 -31.38 -39.92
CA ASP D 364 -27.58 -32.27 -39.84
C ASP D 364 -26.47 -31.57 -40.63
N ILE D 365 -25.66 -30.77 -39.93
CA ILE D 365 -24.55 -30.04 -40.53
C ILE D 365 -23.33 -30.22 -39.65
N GLY D 366 -22.20 -30.55 -40.27
CA GLY D 366 -20.95 -30.70 -39.56
C GLY D 366 -20.74 -32.10 -39.02
N GLU D 367 -19.48 -32.42 -38.76
CA GLU D 367 -19.09 -33.70 -38.21
C GLU D 367 -18.35 -33.50 -36.89
N GLU D 368 -18.50 -34.46 -35.98
CA GLU D 368 -17.83 -34.43 -34.69
C GLU D 368 -17.05 -35.72 -34.52
N GLN D 369 -15.73 -35.61 -34.33
CA GLN D 369 -14.87 -36.79 -34.08
C GLN D 369 -14.58 -36.94 -32.58
N SER D 370 -14.83 -38.12 -31.99
CA SER D 370 -14.54 -38.35 -30.55
C SER D 370 -14.23 -39.83 -30.27
N ILE D 371 -13.17 -40.10 -29.52
CA ILE D 371 -12.73 -41.50 -29.25
C ILE D 371 -13.42 -42.06 -28.01
N GLU D 372 -14.17 -41.26 -27.24
CA GLU D 372 -14.91 -41.88 -26.12
C GLU D 372 -16.42 -41.79 -26.40
N GLN D 373 -16.81 -40.80 -27.17
CA GLN D 373 -18.24 -40.72 -27.59
C GLN D 373 -18.41 -41.67 -28.78
N SER D 374 -17.33 -42.28 -29.26
CA SER D 374 -17.36 -43.24 -30.39
C SER D 374 -18.01 -42.52 -31.57
N LEU D 375 -17.44 -41.37 -31.93
CA LEU D 375 -18.02 -40.54 -32.98
C LEU D 375 -17.08 -40.54 -34.18
N SER D 376 -17.41 -41.36 -35.17
CA SER D 376 -16.77 -41.30 -36.47
C SER D 376 -17.39 -40.19 -37.31
N THR D 377 -16.79 -39.94 -38.47
CA THR D 377 -17.40 -39.00 -39.42
C THR D 377 -18.76 -39.50 -39.87
N PHE D 378 -18.85 -40.79 -40.21
CA PHE D 378 -20.13 -41.38 -40.58
C PHE D 378 -21.08 -41.43 -39.40
N SER D 379 -20.59 -41.91 -38.25
CA SER D 379 -21.44 -42.04 -37.07
C SER D 379 -21.91 -40.69 -36.53
N SER D 380 -21.18 -39.61 -36.82
CA SER D 380 -21.61 -38.31 -36.35
C SER D 380 -22.84 -37.84 -37.12
N HIS D 381 -22.79 -37.90 -38.46
CA HIS D 381 -23.95 -37.54 -39.26
C HIS D 381 -25.09 -38.54 -39.07
N MET D 382 -24.77 -39.83 -39.06
CA MET D 382 -25.83 -40.85 -39.06
C MET D 382 -26.61 -40.87 -37.75
N LYS D 383 -25.98 -40.51 -36.64
CA LYS D 383 -26.70 -40.51 -35.38
C LYS D 383 -27.68 -39.35 -35.29
N LYS D 384 -27.39 -38.24 -35.98
CA LYS D 384 -28.37 -37.16 -36.08
C LYS D 384 -29.50 -37.54 -37.03
N ILE D 385 -29.18 -38.27 -38.10
CA ILE D 385 -30.20 -38.65 -39.08
C ILE D 385 -31.19 -39.64 -38.47
N VAL D 386 -30.70 -40.54 -37.61
CA VAL D 386 -31.58 -41.48 -36.94
C VAL D 386 -32.62 -40.74 -36.09
N GLU D 387 -32.20 -39.70 -35.39
CA GLU D 387 -33.13 -38.91 -34.59
C GLU D 387 -34.09 -38.12 -35.48
N ILE D 388 -33.60 -37.61 -36.60
CA ILE D 388 -34.44 -36.81 -37.49
C ILE D 388 -35.55 -37.65 -38.09
N VAL D 389 -35.18 -38.82 -38.62
CA VAL D 389 -36.18 -39.73 -39.19
C VAL D 389 -37.19 -40.15 -38.14
N LYS D 390 -36.74 -40.31 -36.89
CA LYS D 390 -37.62 -40.77 -35.82
C LYS D 390 -38.73 -39.77 -35.50
N ASN D 391 -38.51 -38.48 -35.72
CA ASN D 391 -39.46 -37.47 -35.31
C ASN D 391 -39.95 -36.59 -36.46
N ALA D 392 -39.49 -36.82 -37.67
CA ALA D 392 -39.92 -35.99 -38.80
C ALA D 392 -41.37 -36.28 -39.17
N ASP D 393 -42.12 -35.21 -39.42
CA ASP D 393 -43.49 -35.30 -39.89
C ASP D 393 -43.76 -34.05 -40.74
N SER D 394 -45.04 -33.74 -40.95
CA SER D 394 -45.38 -32.58 -41.77
C SER D 394 -45.03 -31.26 -41.10
N ASP D 395 -44.88 -31.26 -39.77
CA ASP D 395 -44.49 -30.07 -39.03
C ASP D 395 -42.98 -29.87 -38.97
N SER D 396 -42.22 -30.54 -39.84
CA SER D 396 -40.78 -30.60 -39.74
C SER D 396 -40.13 -29.91 -40.93
N LEU D 397 -39.19 -29.00 -40.66
CA LEU D 397 -38.27 -28.47 -41.66
C LEU D 397 -36.90 -29.09 -41.41
N VAL D 398 -36.43 -29.89 -42.36
CA VAL D 398 -35.22 -30.68 -42.20
C VAL D 398 -34.12 -30.09 -43.06
N ILE D 399 -32.93 -29.94 -42.47
CA ILE D 399 -31.77 -29.36 -43.12
C ILE D 399 -30.68 -30.43 -43.15
N LEU D 400 -30.30 -30.88 -44.34
CA LEU D 400 -29.32 -31.94 -44.51
C LEU D 400 -28.18 -31.42 -45.37
N ASP D 401 -26.97 -31.42 -44.81
CA ASP D 401 -25.78 -30.96 -45.50
C ASP D 401 -24.89 -32.13 -45.86
N GLU D 402 -24.38 -32.15 -47.08
CA GLU D 402 -23.54 -33.21 -47.60
C GLU D 402 -24.19 -34.58 -47.41
N LEU D 403 -25.46 -34.67 -47.80
CA LEU D 403 -26.20 -35.91 -47.62
C LEU D 403 -25.59 -37.02 -48.46
N GLY D 404 -25.37 -38.17 -47.82
CA GLY D 404 -24.77 -39.31 -48.48
C GLY D 404 -23.26 -39.38 -48.38
N SER D 405 -22.62 -38.38 -47.78
CA SER D 405 -21.16 -38.36 -47.68
C SER D 405 -20.71 -39.06 -46.40
N GLY D 406 -19.44 -39.47 -46.40
CA GLY D 406 -18.85 -40.20 -45.30
C GLY D 406 -18.55 -41.65 -45.60
N THR D 407 -19.03 -42.18 -46.73
CA THR D 407 -18.82 -43.58 -47.08
C THR D 407 -18.54 -43.67 -48.59
N ASP D 408 -18.28 -44.89 -49.04
CA ASP D 408 -18.27 -45.27 -50.45
C ASP D 408 -19.49 -44.64 -51.12
N PRO D 409 -19.29 -43.73 -52.08
CA PRO D 409 -20.41 -42.94 -52.61
C PRO D 409 -21.53 -43.77 -53.21
N VAL D 410 -21.28 -45.01 -53.63
CA VAL D 410 -22.35 -45.87 -54.12
C VAL D 410 -23.34 -46.16 -53.00
N GLU D 411 -22.84 -46.63 -51.85
CA GLU D 411 -23.72 -46.90 -50.72
C GLU D 411 -24.28 -45.60 -50.12
N GLY D 412 -23.51 -44.51 -50.18
CA GLY D 412 -23.99 -43.27 -49.63
C GLY D 412 -25.13 -42.68 -50.42
N ALA D 413 -25.02 -42.69 -51.75
CA ALA D 413 -26.11 -42.20 -52.60
C ALA D 413 -27.36 -43.06 -52.43
N ALA D 414 -27.19 -44.37 -52.24
CA ALA D 414 -28.34 -45.22 -51.99
C ALA D 414 -29.00 -44.86 -50.66
N LEU D 415 -28.20 -44.58 -49.63
CA LEU D 415 -28.76 -44.20 -48.35
C LEU D 415 -29.40 -42.81 -48.43
N ALA D 416 -28.79 -41.90 -49.19
CA ALA D 416 -29.34 -40.56 -49.32
C ALA D 416 -30.73 -40.59 -49.94
N ILE D 417 -30.89 -41.34 -51.03
CA ILE D 417 -32.18 -41.37 -51.73
C ILE D 417 -33.26 -41.99 -50.85
N ALA D 418 -32.93 -43.07 -50.15
CA ALA D 418 -33.91 -43.71 -49.28
C ALA D 418 -34.31 -42.81 -48.13
N ILE D 419 -33.37 -42.02 -47.60
CA ILE D 419 -33.69 -41.09 -46.51
C ILE D 419 -34.59 -39.97 -47.04
N ILE D 420 -34.23 -39.39 -48.18
CA ILE D 420 -35.03 -38.31 -48.77
C ILE D 420 -36.46 -38.79 -49.01
N GLU D 421 -36.60 -39.99 -49.59
CA GLU D 421 -37.94 -40.51 -49.86
C GLU D 421 -38.71 -40.75 -48.57
N ASP D 422 -38.03 -41.23 -47.53
CA ASP D 422 -38.72 -41.49 -46.27
C ASP D 422 -39.15 -40.18 -45.61
N LEU D 423 -38.36 -39.13 -45.76
CA LEU D 423 -38.74 -37.85 -45.17
C LEU D 423 -39.92 -37.23 -45.90
N LEU D 424 -39.95 -37.37 -47.23
CA LEU D 424 -41.07 -36.85 -48.00
C LEU D 424 -42.37 -37.53 -47.63
N GLU D 425 -42.36 -38.87 -47.56
CA GLU D 425 -43.57 -39.62 -47.27
C GLU D 425 -44.12 -39.32 -45.88
N LYS D 426 -43.28 -38.83 -44.97
CA LYS D 426 -43.74 -38.38 -43.67
C LYS D 426 -44.31 -36.97 -43.71
N GLY D 427 -44.08 -36.22 -44.79
CA GLY D 427 -44.60 -34.88 -44.93
C GLY D 427 -43.62 -33.75 -44.67
N ALA D 428 -42.34 -34.05 -44.48
CA ALA D 428 -41.37 -33.05 -44.12
C ALA D 428 -40.98 -32.17 -45.32
N THR D 429 -40.50 -30.97 -45.00
CA THR D 429 -39.90 -30.06 -45.98
C THR D 429 -38.40 -30.10 -45.77
N ILE D 430 -37.66 -30.45 -46.81
CA ILE D 430 -36.23 -30.75 -46.70
C ILE D 430 -35.44 -29.79 -47.59
N PHE D 431 -34.26 -29.41 -47.09
CA PHE D 431 -33.30 -28.59 -47.84
C PHE D 431 -31.96 -29.30 -47.79
N VAL D 432 -31.50 -29.79 -48.94
CA VAL D 432 -30.39 -30.73 -49.00
C VAL D 432 -29.28 -30.15 -49.87
N THR D 433 -28.03 -30.44 -49.49
CA THR D 433 -26.88 -30.23 -50.34
C THR D 433 -26.19 -31.56 -50.57
N THR D 434 -25.59 -31.71 -51.75
CA THR D 434 -24.94 -32.96 -52.11
C THR D 434 -24.00 -32.72 -53.26
N HIS D 435 -23.05 -33.64 -53.43
CA HIS D 435 -22.19 -33.67 -54.61
C HIS D 435 -22.15 -35.06 -55.23
N LEU D 436 -23.16 -35.88 -54.97
CA LEU D 436 -23.28 -37.20 -55.57
C LEU D 436 -24.23 -37.13 -56.75
N THR D 437 -23.77 -37.53 -57.93
CA THR D 437 -24.61 -37.47 -59.12
C THR D 437 -25.90 -38.27 -59.00
N PRO D 438 -25.92 -39.50 -58.47
CA PRO D 438 -27.20 -40.21 -58.32
C PRO D 438 -28.25 -39.44 -57.53
N VAL D 439 -27.83 -38.52 -56.66
CA VAL D 439 -28.81 -37.74 -55.91
C VAL D 439 -29.35 -36.60 -56.78
N LYS D 440 -28.49 -35.98 -57.59
CA LYS D 440 -28.97 -34.98 -58.53
C LYS D 440 -29.95 -35.59 -59.52
N VAL D 441 -29.65 -36.79 -60.01
CA VAL D 441 -30.54 -37.46 -60.96
C VAL D 441 -31.87 -37.79 -60.29
N PHE D 442 -31.82 -38.33 -59.07
CA PHE D 442 -33.06 -38.65 -58.36
C PHE D 442 -33.87 -37.39 -58.08
N ALA D 443 -33.19 -36.29 -57.75
CA ALA D 443 -33.90 -35.04 -57.51
C ALA D 443 -34.54 -34.51 -58.78
N MET D 444 -33.93 -34.78 -59.93
CA MET D 444 -34.48 -34.31 -61.21
C MET D 444 -35.85 -34.94 -61.47
N ASN D 445 -35.91 -36.27 -61.47
CA ASN D 445 -37.11 -36.98 -61.84
C ASN D 445 -38.17 -37.03 -60.75
N HIS D 446 -37.86 -36.59 -59.54
CA HIS D 446 -38.87 -36.60 -58.49
C HIS D 446 -39.74 -35.35 -58.61
N PRO D 447 -41.06 -35.50 -58.72
CA PRO D 447 -41.92 -34.31 -58.92
C PRO D 447 -41.95 -33.38 -57.72
N LEU D 448 -41.83 -33.90 -56.49
CA LEU D 448 -41.84 -33.06 -55.31
C LEU D 448 -40.52 -32.35 -55.08
N LEU D 449 -39.47 -32.67 -55.83
CA LEU D 449 -38.13 -32.15 -55.59
C LEU D 449 -37.76 -31.09 -56.62
N LEU D 450 -36.81 -30.24 -56.23
CA LEU D 450 -36.38 -29.12 -57.06
C LEU D 450 -34.86 -29.06 -57.02
N ASN D 451 -34.25 -28.95 -58.20
CA ASN D 451 -32.80 -28.87 -58.32
C ASN D 451 -32.37 -27.42 -58.49
N ALA D 452 -31.34 -27.02 -57.75
CA ALA D 452 -30.76 -25.69 -57.90
C ALA D 452 -29.27 -25.78 -57.65
N SER D 453 -28.53 -24.83 -58.21
CA SER D 453 -27.08 -24.86 -58.14
C SER D 453 -26.53 -23.46 -57.88
N MET D 454 -25.35 -23.42 -57.26
CA MET D 454 -24.65 -22.18 -57.02
C MET D 454 -23.93 -21.75 -58.30
N GLU D 455 -24.10 -20.49 -58.68
CA GLU D 455 -23.54 -20.03 -59.95
C GLU D 455 -22.02 -19.93 -59.89
N PHE D 456 -21.37 -20.38 -60.96
CA PHE D 456 -19.93 -20.28 -61.11
C PHE D 456 -19.66 -19.50 -62.39
N ASP D 457 -18.92 -18.40 -62.26
CA ASP D 457 -18.53 -17.60 -63.42
C ASP D 457 -17.27 -18.20 -64.02
N PRO D 458 -17.30 -18.76 -65.23
CA PRO D 458 -16.07 -19.32 -65.81
C PRO D 458 -15.02 -18.27 -66.10
N GLU D 459 -15.44 -17.03 -66.39
CA GLU D 459 -14.48 -15.96 -66.62
C GLU D 459 -13.68 -15.66 -65.36
N THR D 460 -14.37 -15.26 -64.28
CA THR D 460 -13.69 -15.00 -63.02
C THR D 460 -13.06 -16.24 -62.43
N LEU D 461 -13.54 -17.43 -62.83
CA LEU D 461 -13.08 -18.70 -62.27
C LEU D 461 -13.20 -18.69 -60.75
N SER D 462 -14.38 -18.32 -60.28
CA SER D 462 -14.65 -18.17 -58.85
C SER D 462 -16.15 -18.22 -58.64
N PRO D 463 -16.61 -18.58 -57.44
CA PRO D 463 -18.05 -18.61 -57.17
C PRO D 463 -18.70 -17.25 -57.34
N THR D 464 -20.03 -17.27 -57.43
CA THR D 464 -20.84 -16.09 -57.63
C THR D 464 -21.85 -15.84 -56.51
N TYR D 465 -22.34 -16.92 -55.87
CA TYR D 465 -23.28 -16.83 -54.74
C TYR D 465 -24.66 -16.37 -55.20
N ARG D 466 -25.09 -16.85 -56.36
CA ARG D 466 -26.44 -16.64 -56.86
C ARG D 466 -27.11 -18.00 -57.02
N VAL D 467 -28.31 -18.13 -56.48
CA VAL D 467 -29.05 -19.40 -56.56
C VAL D 467 -29.77 -19.45 -57.90
N LEU D 468 -29.51 -20.51 -58.67
CA LEU D 468 -30.14 -20.71 -59.98
C LEU D 468 -31.12 -21.86 -59.87
N VAL D 469 -32.41 -21.53 -59.77
CA VAL D 469 -33.44 -22.54 -59.65
C VAL D 469 -33.58 -23.30 -60.96
N GLY D 470 -33.48 -24.62 -60.90
CA GLY D 470 -33.64 -25.45 -62.12
C GLY D 470 -32.38 -26.19 -62.52
N VAL D 471 -31.25 -25.49 -62.66
CA VAL D 471 -30.00 -26.14 -63.16
C VAL D 471 -29.24 -26.85 -62.04
N PRO D 472 -28.47 -27.91 -62.32
CA PRO D 472 -27.64 -28.58 -61.32
C PRO D 472 -26.18 -28.13 -61.36
N GLY D 473 -25.37 -28.46 -60.34
CA GLY D 473 -23.99 -27.92 -60.27
C GLY D 473 -22.90 -28.92 -60.50
N GLY D 474 -21.64 -28.48 -60.52
CA GLY D 474 -20.54 -29.40 -60.89
C GLY D 474 -19.34 -29.45 -59.96
N SER D 475 -19.37 -28.83 -58.78
CA SER D 475 -18.27 -28.97 -57.79
C SER D 475 -16.98 -28.29 -58.24
N HIS D 476 -16.65 -28.32 -59.52
CA HIS D 476 -15.48 -27.59 -60.07
C HIS D 476 -14.28 -27.57 -59.11
N ALA D 477 -13.44 -28.60 -59.15
CA ALA D 477 -12.21 -28.63 -58.32
C ALA D 477 -11.11 -27.76 -58.92
N PHE D 478 -11.45 -26.59 -59.46
CA PHE D 478 -10.43 -25.60 -59.89
C PHE D 478 -10.43 -24.59 -58.75
N GLN D 479 -11.25 -24.85 -57.74
CA GLN D 479 -11.32 -23.98 -56.55
C GLN D 479 -10.21 -24.47 -55.61
N ILE D 480 -9.32 -25.30 -56.12
CA ILE D 480 -8.17 -25.77 -55.33
C ILE D 480 -6.94 -24.97 -55.79
N GLU D 482 -7.13 -21.43 -53.69
CA GLU D 482 -6.25 -22.01 -52.65
C GLU D 482 -4.83 -22.04 -53.22
N LYS D 483 -4.33 -23.22 -53.61
CA LYS D 483 -3.01 -23.27 -54.29
C LYS D 483 -2.77 -24.64 -54.93
N LEU D 484 -2.30 -25.62 -54.15
CA LEU D 484 -1.93 -26.95 -54.69
C LEU D 484 -0.80 -26.81 -55.72
N GLY D 485 -1.08 -26.28 -56.91
CA GLY D 485 0.02 -26.02 -57.87
C GLY D 485 -0.18 -26.68 -59.23
N LEU D 486 0.67 -27.65 -59.56
CA LEU D 486 0.61 -28.33 -60.88
C LEU D 486 -0.09 -29.68 -60.71
N ASP D 487 0.05 -30.28 -59.53
CA ASP D 487 -0.65 -31.53 -59.25
C ASP D 487 -2.07 -31.53 -59.78
N LYS D 488 -2.67 -30.34 -59.89
CA LYS D 488 -3.98 -30.22 -60.54
C LYS D 488 -3.94 -30.80 -61.96
N ARG D 489 -2.87 -30.52 -62.70
CA ARG D 489 -2.75 -31.06 -64.05
C ARG D 489 -2.56 -32.57 -64.02
N ILE D 490 -1.90 -33.10 -63.00
CA ILE D 490 -1.75 -34.55 -62.88
C ILE D 490 -3.11 -35.20 -62.61
N ILE D 491 -4.00 -34.49 -61.92
CA ILE D 491 -5.35 -35.01 -61.70
C ILE D 491 -6.18 -34.90 -62.97
N GLU D 492 -6.07 -33.76 -63.68
CA GLU D 492 -6.84 -33.59 -64.91
C GLU D 492 -6.48 -34.64 -65.94
N ASN D 493 -5.23 -35.11 -65.94
CA ASN D 493 -4.83 -36.22 -66.80
C ASN D 493 -5.58 -37.49 -66.41
N ALA D 494 -5.06 -38.22 -65.42
CA ALA D 494 -5.71 -39.42 -64.92
C ALA D 494 -5.02 -39.84 -63.63
N ARG D 495 -5.62 -40.80 -62.94
CA ARG D 495 -5.04 -41.36 -61.74
C ARG D 495 -3.78 -42.15 -62.04
PG ANP E . 29.85 32.50 42.87
O1G ANP E . 30.30 32.85 44.26
O2G ANP E . 28.60 33.39 42.52
O3G ANP E . 29.45 30.97 42.79
PB ANP E . 32.06 31.48 41.40
O1B ANP E . 33.17 31.36 42.38
O2B ANP E . 31.20 30.19 41.51
N3B ANP E . 31.11 32.83 41.75
PA ANP E . 32.43 30.57 38.80
O1A ANP E . 33.06 29.27 39.08
O2A ANP E . 30.91 30.49 38.59
O3A ANP E . 32.69 31.63 39.97
O5' ANP E . 33.15 31.19 37.52
C5' ANP E . 32.86 32.54 37.11
C4' ANP E . 33.22 32.67 35.66
O4' ANP E . 34.63 32.87 35.54
C3' ANP E . 32.91 31.44 34.82
O3' ANP E . 31.57 31.44 34.33
C2' ANP E . 33.93 31.56 33.67
O2' ANP E . 33.42 32.32 32.58
C1' ANP E . 35.12 32.26 34.35
N9 ANP E . 36.20 31.35 34.71
C8 ANP E . 36.21 30.44 35.72
N7 ANP E . 37.32 29.74 35.80
C5 ANP E . 38.10 30.23 34.75
C6 ANP E . 39.38 29.91 34.29
N6 ANP E . 40.16 28.97 34.85
N1 ANP E . 39.86 30.59 33.22
C2 ANP E . 39.08 31.52 32.66
N3 ANP E . 37.85 31.91 33.00
C4 ANP E . 37.41 31.22 34.07
MG MG F . 28.79 29.58 41.10
S SO4 G . -3.06 7.67 -28.09
O1 SO4 G . -1.79 7.68 -28.81
O2 SO4 G . -2.82 7.33 -26.69
O3 SO4 G . -3.69 8.98 -28.18
O4 SO4 G . -3.95 6.65 -28.68
S SO4 H . 36.79 39.96 52.28
O1 SO4 H . 37.49 41.13 51.74
O2 SO4 H . 36.16 40.32 53.54
O3 SO4 H . 35.77 39.53 51.34
O4 SO4 H . 37.74 38.88 52.49
S SO4 I . 23.03 13.39 16.31
O1 SO4 I . 23.49 14.17 15.16
O2 SO4 I . 24.16 12.62 16.84
O3 SO4 I . 22.52 14.28 17.34
O4 SO4 I . 21.98 12.47 15.88
PG ANP J . 12.98 29.65 49.35
O1G ANP J . 13.39 30.31 50.64
O2G ANP J . 13.09 30.69 48.17
O3G ANP J . 13.95 28.44 49.05
PB ANP J . 10.21 30.21 49.04
O1B ANP J . 9.75 30.97 50.23
O2B ANP J . 10.78 31.19 47.99
N3B ANP J . 11.39 29.08 49.46
PA ANP J . 8.49 29.66 46.95
O1A ANP J . 7.72 30.91 46.85
O2A ANP J . 9.77 29.63 46.10
O3A ANP J . 8.97 29.43 48.46
O5' ANP J . 7.54 28.46 46.56
C5' ANP J . 7.16 27.43 47.48
C4' ANP J . 6.14 26.55 46.79
O4' ANP J . 4.93 26.53 47.58
C3' ANP J . 5.72 27.01 45.40
O3' ANP J . 6.56 26.47 44.39
C2' ANP J . 4.30 26.43 45.29
O2' ANP J . 4.33 25.08 44.88
C1' ANP J . 3.79 26.55 46.73
N9 ANP J . 3.05 27.78 46.99
C8 ANP J . 3.55 29.05 47.08
N7 ANP J . 2.63 29.97 47.33
C5 ANP J . 1.45 29.24 47.41
C6 ANP J . 0.12 29.63 47.65
N6 ANP J . -0.26 30.88 47.86
N1 ANP J . -0.81 28.65 47.67
C2 ANP J . -0.43 27.38 47.46
N3 ANP J . 0.79 26.91 47.22
C4 ANP J . 1.69 27.89 47.21
MG MG K . 13.15 31.82 46.22
S SO4 L . 23.23 32.69 51.06
O1 SO4 L . 23.82 33.02 49.76
O2 SO4 L . 23.10 33.92 51.85
O3 SO4 L . 21.91 32.12 50.85
O4 SO4 L . 24.08 31.74 51.77
S SO4 M . -21.26 6.22 -30.11
O1 SO4 M . -21.23 7.64 -29.74
O2 SO4 M . -21.52 5.40 -28.94
O3 SO4 M . -22.32 6.00 -31.10
O4 SO4 M . -19.98 5.85 -30.70
S SO4 N . -17.23 12.37 -28.06
O1 SO4 N . -15.94 12.46 -27.38
O2 SO4 N . -17.98 13.61 -27.88
O3 SO4 N . -17.01 12.14 -29.49
O4 SO4 N . -18.00 11.26 -27.50
S SO4 O . 0.78 4.31 -23.21
O1 SO4 O . 1.88 5.27 -23.11
O2 SO4 O . 0.23 4.04 -21.89
O3 SO4 O . -0.25 4.85 -24.08
O4 SO4 O . 1.29 3.06 -23.78
S SO4 P . 2.16 29.86 19.38
O1 SO4 P . 1.57 31.16 19.69
O2 SO4 P . 2.44 29.14 20.62
O3 SO4 P . 1.22 29.10 18.56
O4 SO4 P . 3.41 30.06 18.65
PG ANP Q . -15.23 -43.31 -40.78
O1G ANP Q . -14.23 -42.20 -40.73
O2G ANP Q . -16.67 -42.68 -40.87
O3G ANP Q . -15.00 -44.20 -42.08
PB ANP Q . -13.62 -44.63 -38.79
O1B ANP Q . -12.68 -43.49 -39.05
O2B ANP Q . -13.02 -45.89 -39.45
N3B ANP Q . -15.15 -44.29 -39.38
PA ANP Q . -12.77 -44.21 -36.19
O1A ANP Q . -11.34 -44.42 -36.53
O2A ANP Q . -13.17 -42.73 -36.11
O3A ANP Q . -13.72 -44.91 -37.27
O5' ANP Q . -13.10 -44.98 -34.86
C5' ANP Q . -14.47 -45.25 -34.53
C4' ANP Q . -14.56 -45.49 -33.05
O4' ANP Q . -14.23 -46.87 -32.77
C3' ANP Q . -13.60 -44.68 -32.19
O3' ANP Q . -14.13 -43.39 -31.88
C2' ANP Q . -13.46 -45.56 -30.94
O2' ANP Q . -14.50 -45.33 -30.00
C1' ANP Q . -13.56 -46.97 -31.53
N9 ANP Q . -12.28 -47.61 -31.74
C8 ANP Q . -11.37 -47.34 -32.73
N7 ANP Q . -10.28 -48.06 -32.67
C5 ANP Q . -10.48 -48.86 -31.56
C6 ANP Q . -9.68 -49.85 -30.95
N6 ANP Q . -8.49 -50.21 -31.41
N1 ANP Q . -10.17 -50.46 -29.84
C2 ANP Q . -11.37 -50.09 -29.39
N3 ANP Q . -12.21 -49.17 -29.87
C4 ANP Q . -11.70 -48.59 -30.96
MG MG R . -13.01 -40.89 -39.47
MG MG S . -20.48 -27.99 -46.73
S SO4 T . -19.24 -53.40 -48.65
O1 SO4 T . -19.57 -53.72 -50.04
O2 SO4 T . -18.79 -52.02 -48.54
O3 SO4 T . -20.43 -53.60 -47.82
O4 SO4 T . -18.19 -54.29 -48.18
S SO4 U . -1.49 -26.62 -15.39
O1 SO4 U . -0.93 -26.02 -16.60
O2 SO4 U . -0.39 -27.12 -14.57
O3 SO4 U . -2.23 -25.61 -14.65
O4 SO4 U . -2.38 -27.72 -15.74
S SO4 V . -9.96 2.18 26.00
O1 SO4 V . -10.21 1.89 24.59
O2 SO4 V . -9.26 3.46 26.12
O3 SO4 V . -11.22 2.24 26.70
O4 SO4 V . -9.16 1.10 26.58
PG ANP W . -18.61 -27.62 -49.66
O1G ANP W . -18.88 -28.66 -50.70
O2G ANP W . -19.69 -27.73 -48.53
O3G ANP W . -17.17 -27.88 -49.05
PB ANP W . -19.92 -25.11 -49.85
O1B ANP W . -20.80 -24.75 -50.99
O2B ANP W . -20.77 -25.85 -48.77
N3B ANP W . -18.65 -26.07 -50.37
PA ANP W . -20.01 -23.09 -47.99
O1A ANP W . -21.41 -22.72 -48.29
O2A ANP W . -19.79 -24.01 -46.78
O3A ANP W . -19.33 -23.79 -49.24
O5' ANP W . -19.22 -21.74 -47.84
C5' ANP W . -19.17 -20.83 -48.96
C4' ANP W . -18.19 -19.72 -48.66
O4' ANP W . -18.65 -18.51 -49.28
C3' ANP W . -18.04 -19.37 -47.19
O3' ANP W . -16.81 -18.67 -47.03
C2' ANP W . -19.20 -18.39 -46.97
O2' ANP W . -18.93 -17.50 -45.90
C1' ANP W . -19.23 -17.64 -48.31
N9 ANP W . -20.57 -17.29 -48.75
C8 ANP W . -21.66 -18.12 -48.86
N7 ANP W . -22.74 -17.53 -49.28
C5 ANP W . -22.35 -16.22 -49.46
C6 ANP W . -23.05 -15.07 -49.90
N6 ANP W . -24.34 -15.08 -50.24
N1 ANP W . -22.35 -13.91 -49.97
C2 ANP W . -21.06 -13.91 -49.63
N3 ANP W . -20.31 -14.92 -49.20
C4 ANP W . -21.01 -16.05 -49.14
C1 GOL X . -4.45 -0.70 20.36
O1 GOL X . -4.64 -0.11 21.59
C2 GOL X . -3.23 -0.02 19.71
O2 GOL X . -2.63 -0.84 18.75
C3 GOL X . -3.78 1.28 19.09
O3 GOL X . -2.77 1.80 18.28
S SO4 Y . -17.64 -38.17 -50.01
O1 SO4 Y . -17.30 -36.76 -50.16
O2 SO4 Y . -17.73 -38.50 -48.60
O3 SO4 Y . -16.59 -38.98 -50.64
O4 SO4 Y . -18.91 -38.42 -50.67
S SO4 Z . -16.26 19.63 26.52
O1 SO4 Z . -15.00 18.92 26.24
O2 SO4 Z . -17.00 18.92 27.55
O3 SO4 Z . -15.95 20.98 26.98
O4 SO4 Z . -17.06 19.71 25.31
#